data_5ECP
#
_entry.id   5ECP
#
_cell.length_a   53.708
_cell.length_b   53.701
_cell.length_c   192.029
_cell.angle_alpha   89.960
_cell.angle_beta   90.160
_cell.angle_gamma   113.240
#
_symmetry.space_group_name_H-M   'P 1'
#
loop_
_entity.id
_entity.type
_entity.pdbx_description
1 polymer 'Jasmonic acid-amido synthetase JAR1'
2 polymer 'Glutathione S-transferase U20'
3 non-polymer '{(1R,2R)-3-oxo-2-[(2Z)-pent-2-en-1-yl]cyclopentyl}acetic acid'
4 non-polymer METHIONINE
5 non-polymer "ADENOSINE-5'-TRIPHOSPHATE"
6 non-polymer GLUTATHIONE
7 water water
#
loop_
_entity_poly.entity_id
_entity_poly.type
_entity_poly.pdbx_seq_one_letter_code
_entity_poly.pdbx_strand_id
1 'polypeptide(L)'
;MLEKVETFDMNRVIDEFDEMTRNAHQVQKQTLKEILLKNQSAIYLQNCGLNGNATDPEEAFKSMVPLVTDVELEPYIKRM
VDGDTSPILTGHPVPAISLSSGTSQGRPKFIPFTDELMENTLQLFRTAFAFRNRDFPIDDNGKALQFIFSSKQYISTGGV
PVGTATTNVYRNPNFKAGMKSITSPSCSPDEVIFSPDVHQALYCHLLSGILFRDQVQYVFAVFAHGLVHAFRTFEQVWEE
IVTDIKDGVLSNRITVPSVRTAMSKLLTPNPELAETIRTKCMSLSNWYGLIPALFPNAKYVYGIMTGSMEPYVPKLRHYA
GDLPLVSHDYGSSEGWIAANVTPRLSPEEATFAVIPNLGYFEFLPVSETGEGEEKPVGLTQVKIGEEYEVVITNYAGLYR
YRLGDVVKVIGFYNNTPQLKFICRRNLILSINIDKNTERDLQLSVESAAKRLSEEKIEVIDFSSYIDVSTDPGHYAIFWE
ISGETNEDVLQDCCNCLDRAFIDAGYVSSRKCKTIGALELRVVAKGTFRKIQEHFLGLGSSAGQFKMPRCVKPSNAKVLQ
ILCENVVSSYFSTAF
;
A,D
2 'polypeptide(L)'
;HHHHHHMANLPILLDYWPSMFGMRARVALREKGVEFEYREEDFSNKSPLLLQSNPIHKKIPVLVHNGKPVCESLNVVQYV
DEAWPEKNPFFPSDPYGRAQARFWADFVDKKFTDAQFKVWGKKGEEQEAGKKEFIEAVKILESELGDKPYFGGDSFGYVD
ISLITFSSWFQAYEKFGNFSIESESPKLIAWAKRCMEKESVSKSLPDSEKIVAYAAEYRKNNL
;
B,C,E,F
#
# COMPACT_ATOMS: atom_id res chain seq x y z
N THR A 7 47.50 -17.41 10.29
CA THR A 7 47.99 -18.57 9.57
C THR A 7 49.16 -18.17 8.69
N PHE A 8 50.37 -18.44 9.14
CA PHE A 8 51.56 -18.01 8.41
C PHE A 8 51.76 -18.70 7.10
N ASP A 9 52.08 -17.90 6.08
CA ASP A 9 52.36 -18.41 4.77
C ASP A 9 53.26 -17.40 4.06
N MET A 10 54.13 -17.89 3.18
CA MET A 10 55.17 -17.00 2.69
C MET A 10 54.64 -16.06 1.64
N ASN A 11 54.07 -16.62 0.58
CA ASN A 11 53.73 -15.86 -0.62
C ASN A 11 52.57 -14.89 -0.40
N ARG A 12 51.54 -15.32 0.34
CA ARG A 12 50.33 -14.48 0.46
C ARG A 12 50.60 -13.25 1.33
N VAL A 13 51.49 -13.40 2.31
CA VAL A 13 51.83 -12.28 3.19
C VAL A 13 52.62 -11.20 2.46
N ILE A 14 53.59 -11.64 1.65
CA ILE A 14 54.36 -10.76 0.76
C ILE A 14 53.41 -9.87 -0.02
N ASP A 15 52.56 -10.55 -0.78
CA ASP A 15 51.56 -9.94 -1.66
C ASP A 15 50.68 -8.93 -0.89
N GLU A 16 50.14 -9.34 0.25
CA GLU A 16 49.34 -8.42 1.06
C GLU A 16 50.15 -7.16 1.38
N PHE A 17 51.37 -7.36 1.87
CA PHE A 17 52.22 -6.21 2.22
C PHE A 17 52.77 -5.49 0.98
N ASP A 18 53.04 -6.24 -0.08
CA ASP A 18 53.40 -5.66 -1.37
C ASP A 18 52.33 -4.65 -1.76
N GLU A 19 51.08 -5.08 -1.65
CA GLU A 19 49.95 -4.29 -2.08
C GLU A 19 49.77 -3.03 -1.23
N MET A 20 49.88 -3.16 0.09
CA MET A 20 49.62 -2.03 0.98
C MET A 20 50.76 -1.02 1.01
N THR A 21 51.98 -1.46 0.69
CA THR A 21 53.14 -0.55 0.63
C THR A 21 53.03 0.25 -0.66
N ARG A 22 52.52 -0.43 -1.68
CA ARG A 22 52.20 0.23 -2.94
C ARG A 22 50.96 1.05 -2.75
N ASN A 23 50.11 0.59 -1.84
CA ASN A 23 48.92 1.37 -1.47
C ASN A 23 49.21 2.40 -0.39
N ALA A 24 50.47 2.78 -0.25
CA ALA A 24 50.95 3.65 0.85
C ALA A 24 50.05 4.84 1.20
N HIS A 25 49.68 5.63 0.20
CA HIS A 25 48.89 6.83 0.45
C HIS A 25 47.53 6.51 1.07
N GLN A 26 46.79 5.52 0.54
CA GLN A 26 45.46 5.18 1.10
C GLN A 26 45.51 4.68 2.53
N VAL A 27 46.43 3.75 2.80
CA VAL A 27 46.57 3.17 4.12
C VAL A 27 47.20 4.16 5.13
N GLN A 28 48.12 5.00 4.68
CA GLN A 28 48.56 6.11 5.53
C GLN A 28 47.39 7.02 5.93
N LYS A 29 46.59 7.45 4.96
CA LYS A 29 45.50 8.39 5.25
C LYS A 29 44.34 7.71 5.99
N GLN A 30 44.12 6.43 5.68
CA GLN A 30 43.07 5.68 6.36
C GLN A 30 43.48 5.37 7.78
N THR A 31 44.76 5.13 7.99
CA THR A 31 45.28 4.88 9.32
C THR A 31 45.08 6.10 10.21
N LEU A 32 45.55 7.25 9.77
CA LEU A 32 45.36 8.45 10.57
C LEU A 32 43.86 8.60 10.91
N LYS A 33 43.02 8.45 9.88
CA LYS A 33 41.56 8.48 10.06
C LYS A 33 41.03 7.41 11.03
N GLU A 34 41.53 6.18 10.88
CA GLU A 34 41.10 5.11 11.77
C GLU A 34 41.64 5.32 13.19
N ILE A 35 42.69 6.12 13.35
CA ILE A 35 43.19 6.40 14.69
C ILE A 35 42.33 7.48 15.29
N LEU A 36 41.94 8.41 14.43
CA LEU A 36 41.12 9.54 14.83
C LEU A 36 39.70 9.04 15.09
N LEU A 37 39.26 8.05 14.31
CA LEU A 37 37.94 7.44 14.50
C LEU A 37 37.85 6.80 15.87
N LYS A 38 38.87 6.02 16.18
CA LYS A 38 38.96 5.36 17.48
C LYS A 38 39.25 6.35 18.61
N ASN A 39 39.96 7.44 18.33
CA ASN A 39 40.36 8.38 19.39
C ASN A 39 39.85 9.83 19.19
N GLN A 40 38.62 9.99 18.68
CA GLN A 40 38.08 11.34 18.38
C GLN A 40 37.84 12.24 19.62
N SER A 41 38.07 11.72 20.80
CA SER A 41 37.71 12.47 22.00
C SER A 41 38.86 12.87 22.88
N ALA A 42 40.07 12.82 22.34
CA ALA A 42 41.27 13.16 23.11
C ALA A 42 41.15 14.59 23.61
N ILE A 43 41.40 14.78 24.90
CA ILE A 43 41.45 16.12 25.48
C ILE A 43 42.46 17.02 24.74
N TYR A 44 43.61 16.44 24.39
CA TYR A 44 44.66 17.14 23.64
C TYR A 44 44.06 17.63 22.34
N LEU A 45 43.19 16.79 21.80
CA LEU A 45 42.52 17.03 20.53
C LEU A 45 41.45 18.08 20.73
N GLN A 46 40.78 17.96 21.87
CA GLN A 46 39.68 18.81 22.27
C GLN A 46 40.07 20.28 22.22
N ASN A 47 41.20 20.61 22.83
CA ASN A 47 41.67 22.01 22.86
C ASN A 47 42.02 22.46 21.44
N CYS A 48 42.52 21.50 20.64
CA CYS A 48 42.90 21.75 19.26
C CYS A 48 41.65 21.98 18.43
N GLY A 49 40.63 21.15 18.67
CA GLY A 49 39.31 21.35 18.09
C GLY A 49 39.06 20.44 16.91
N LEU A 50 39.04 19.13 17.18
CA LEU A 50 38.75 18.12 16.15
C LEU A 50 37.46 17.37 16.47
N ASN A 51 36.64 17.13 15.45
CA ASN A 51 35.42 16.29 15.53
C ASN A 51 35.45 15.05 14.64
N GLY A 52 36.55 14.83 13.92
CA GLY A 52 36.64 13.74 12.93
C GLY A 52 35.83 13.95 11.65
N ASN A 53 35.64 12.88 10.88
CA ASN A 53 35.00 12.98 9.55
C ASN A 53 35.59 14.10 8.70
N ALA A 54 34.70 14.94 8.15
CA ALA A 54 35.06 16.09 7.31
C ALA A 54 35.56 15.69 5.91
N THR A 55 35.95 16.70 5.13
CA THR A 55 36.48 16.49 3.78
C THR A 55 37.90 17.03 3.71
N ASP A 56 38.32 17.74 4.76
CA ASP A 56 39.71 18.10 4.96
C ASP A 56 40.36 17.58 6.25
N PRO A 57 39.99 16.36 6.73
CA PRO A 57 40.55 15.89 8.01
C PRO A 57 42.07 15.98 8.12
N GLU A 58 42.82 15.61 7.09
CA GLU A 58 44.30 15.61 7.19
C GLU A 58 44.85 17.05 7.25
N GLU A 59 44.25 17.95 6.47
CA GLU A 59 44.60 19.38 6.51
C GLU A 59 44.29 19.98 7.87
N ALA A 60 43.17 19.55 8.47
CA ALA A 60 42.73 20.05 9.76
C ALA A 60 43.67 19.55 10.85
N PHE A 61 44.07 18.29 10.69
CA PHE A 61 45.05 17.65 11.58
C PHE A 61 46.41 18.40 11.67
N LYS A 62 46.91 18.85 10.52
CA LYS A 62 48.17 19.58 10.46
C LYS A 62 48.05 21.02 10.92
N SER A 63 46.95 21.65 10.52
CA SER A 63 46.71 23.07 10.80
C SER A 63 46.18 23.33 12.22
N MET A 64 45.30 22.48 12.71
CA MET A 64 44.64 22.76 13.98
C MET A 64 45.36 22.14 15.17
N VAL A 65 46.38 21.34 14.89
CA VAL A 65 47.18 20.68 15.94
C VAL A 65 48.67 21.01 15.89
N PRO A 66 49.24 21.42 17.03
CA PRO A 66 50.66 21.79 17.13
C PRO A 66 51.63 20.62 17.44
N LEU A 67 52.87 20.76 16.98
CA LEU A 67 53.94 19.83 17.37
C LEU A 67 54.19 19.92 18.86
N VAL A 68 54.54 18.79 19.45
CA VAL A 68 54.55 18.69 20.90
C VAL A 68 55.79 17.97 21.38
N THR A 69 56.26 18.37 22.55
CA THR A 69 57.41 17.74 23.17
C THR A 69 57.01 16.91 24.39
N ASP A 70 58.01 16.27 25.00
CA ASP A 70 57.81 15.25 26.03
C ASP A 70 57.32 15.83 27.33
N VAL A 71 57.83 17.01 27.63
CA VAL A 71 57.51 17.74 28.86
C VAL A 71 56.06 18.13 29.03
N GLU A 72 55.43 18.74 28.04
CA GLU A 72 54.01 19.10 28.28
C GLU A 72 53.09 17.88 28.15
N LEU A 73 53.54 16.84 27.46
CA LEU A 73 52.79 15.59 27.47
C LEU A 73 53.06 14.71 28.71
N GLU A 74 54.22 14.88 29.36
CA GLU A 74 54.50 14.20 30.62
C GLU A 74 53.38 14.34 31.67
N PRO A 75 52.99 15.60 32.02
CA PRO A 75 52.11 15.80 33.17
C PRO A 75 50.77 15.20 32.91
N TYR A 76 50.35 15.27 31.66
CA TYR A 76 49.24 14.47 31.19
C TYR A 76 49.44 13.03 31.61
N ILE A 77 50.23 12.25 30.86
CA ILE A 77 50.24 10.79 31.08
C ILE A 77 50.62 10.42 32.52
N LYS A 78 51.15 11.38 33.29
CA LYS A 78 51.40 11.15 34.72
C LYS A 78 50.08 10.81 35.38
N ARG A 79 49.03 11.45 34.92
CA ARG A 79 47.74 11.36 35.60
C ARG A 79 47.20 9.95 35.54
N MET A 80 47.43 9.25 34.43
CA MET A 80 47.05 7.84 34.19
C MET A 80 47.60 6.87 35.23
N VAL A 81 48.81 7.15 35.67
CA VAL A 81 49.52 6.15 36.41
C VAL A 81 49.40 6.37 37.90
N ASP A 82 49.31 7.64 38.31
CA ASP A 82 49.27 7.92 39.73
C ASP A 82 47.84 7.93 40.25
N GLY A 83 47.37 6.75 40.65
CA GLY A 83 46.10 6.59 41.33
C GLY A 83 44.86 6.87 40.51
N ASP A 84 44.84 8.05 39.87
CA ASP A 84 43.86 8.37 38.83
C ASP A 84 44.14 7.51 37.62
N THR A 85 43.31 6.51 37.37
CA THR A 85 43.58 5.60 36.26
C THR A 85 43.01 6.14 34.94
N SER A 86 42.74 7.44 34.94
CA SER A 86 42.00 8.13 33.87
C SER A 86 42.65 8.28 32.47
N PRO A 87 41.83 8.28 31.38
CA PRO A 87 42.21 8.61 29.99
C PRO A 87 42.75 10.03 29.76
N ILE A 88 43.63 10.19 28.75
CA ILE A 88 44.42 11.41 28.61
C ILE A 88 44.72 11.78 27.13
N LEU A 89 45.97 11.68 26.66
CA LEU A 89 46.40 12.22 25.36
C LEU A 89 45.88 11.36 24.26
N THR A 90 45.97 10.08 24.55
CA THR A 90 45.44 9.04 23.69
C THR A 90 43.98 8.93 24.06
N GLY A 91 43.62 7.83 24.69
CA GLY A 91 42.26 7.61 25.14
C GLY A 91 42.21 6.77 26.39
N HIS A 92 41.35 5.75 26.39
CA HIS A 92 41.09 4.92 27.56
C HIS A 92 42.36 4.53 28.32
N PRO A 93 42.21 4.30 29.63
CA PRO A 93 43.24 3.84 30.56
C PRO A 93 44.11 2.73 30.01
N VAL A 94 45.41 3.00 30.03
CA VAL A 94 46.37 2.22 29.31
C VAL A 94 46.71 0.94 30.09
N PRO A 95 46.87 -0.18 29.37
CA PRO A 95 47.34 -1.43 30.00
C PRO A 95 48.75 -1.31 30.58
N ALA A 96 49.60 -0.45 30.02
CA ALA A 96 50.85 -0.03 30.71
C ALA A 96 51.67 1.07 30.01
N ILE A 97 52.69 1.57 30.69
CA ILE A 97 53.30 2.83 30.30
C ILE A 97 54.76 2.77 29.89
N SER A 98 55.06 3.46 28.79
CA SER A 98 56.38 3.48 28.15
C SER A 98 57.31 4.53 28.74
N LEU A 99 58.57 4.48 28.31
CA LEU A 99 59.61 5.43 28.73
C LEU A 99 60.48 5.69 27.53
N SER A 100 61.25 6.77 27.53
CA SER A 100 62.15 7.00 26.41
C SER A 100 63.55 7.34 26.83
N SER A 101 64.45 7.06 25.89
CA SER A 101 65.85 7.31 26.08
C SER A 101 66.02 8.76 25.84
N GLY A 102 67.10 9.30 26.39
CA GLY A 102 67.20 10.74 26.53
C GLY A 102 66.38 11.16 27.74
N THR A 103 66.09 12.45 27.83
CA THR A 103 65.32 12.94 28.95
C THR A 103 64.36 14.04 28.55
N SER A 104 63.22 14.04 29.21
CA SER A 104 62.17 15.06 29.03
C SER A 104 62.41 16.20 30.02
N GLN A 105 63.18 17.20 29.61
CA GLN A 105 63.64 18.24 30.52
C GLN A 105 64.52 17.72 31.65
N GLY A 106 65.48 16.86 31.32
CA GLY A 106 66.30 16.20 32.33
C GLY A 106 65.40 15.35 33.21
N ARG A 107 64.19 15.09 32.73
CA ARG A 107 63.21 14.37 33.53
C ARG A 107 62.74 13.19 32.70
N PRO A 108 62.25 12.13 33.37
CA PRO A 108 61.70 10.92 32.79
C PRO A 108 60.56 11.08 31.77
N LYS A 109 60.60 10.25 30.73
CA LYS A 109 59.62 10.28 29.62
C LYS A 109 58.45 9.32 29.83
N PHE A 110 57.37 9.52 29.09
CA PHE A 110 56.11 8.79 29.35
C PHE A 110 55.30 8.57 28.09
N ILE A 111 54.80 7.35 27.90
CA ILE A 111 54.01 6.95 26.73
C ILE A 111 53.19 5.72 27.12
N PRO A 112 51.96 5.63 26.60
CA PRO A 112 51.03 4.49 26.78
C PRO A 112 50.92 3.52 25.57
N PHE A 113 50.62 2.23 25.80
CA PHE A 113 50.36 1.28 24.71
C PHE A 113 48.96 0.63 24.78
N THR A 114 48.53 0.12 23.63
CA THR A 114 47.18 -0.40 23.45
C THR A 114 47.23 -1.78 22.80
N ASP A 115 46.06 -2.38 22.59
CA ASP A 115 46.02 -3.76 22.12
C ASP A 115 46.30 -3.86 20.65
N GLU A 116 45.87 -2.86 19.88
CA GLU A 116 46.07 -2.92 18.46
C GLU A 116 47.54 -3.07 18.08
N LEU A 117 48.45 -2.52 18.88
CA LEU A 117 49.86 -2.59 18.56
C LEU A 117 50.43 -3.98 18.91
N MET A 118 49.66 -4.76 19.66
CA MET A 118 49.91 -6.20 19.83
C MET A 118 49.58 -7.00 18.54
N GLU A 119 48.46 -6.68 17.88
CA GLU A 119 48.17 -7.22 16.55
C GLU A 119 49.29 -6.77 15.60
N ASN A 120 49.86 -5.60 15.90
CA ASN A 120 50.94 -5.07 15.08
C ASN A 120 52.19 -5.89 15.26
N THR A 121 52.42 -6.34 16.49
CA THR A 121 53.52 -7.24 16.79
C THR A 121 53.43 -8.47 15.92
N LEU A 122 52.25 -9.08 15.88
CA LEU A 122 52.09 -10.33 15.15
C LEU A 122 52.23 -10.13 13.63
N GLN A 123 51.72 -9.02 13.11
CA GLN A 123 51.82 -8.80 11.66
C GLN A 123 53.25 -8.48 11.28
N LEU A 124 53.92 -7.67 12.09
CA LEU A 124 55.22 -7.19 11.70
C LEU A 124 56.30 -8.30 11.74
N PHE A 125 56.27 -9.20 12.72
CA PHE A 125 57.31 -10.23 12.71
C PHE A 125 57.02 -11.18 11.56
N ARG A 126 55.75 -11.40 11.26
CA ARG A 126 55.39 -12.33 10.23
C ARG A 126 56.10 -11.92 8.94
N THR A 127 55.87 -10.68 8.54
CA THR A 127 56.45 -10.16 7.31
C THR A 127 57.99 -10.16 7.32
N ALA A 128 58.60 -9.50 8.31
CA ALA A 128 60.07 -9.47 8.43
C ALA A 128 60.66 -10.87 8.42
N PHE A 129 59.97 -11.80 9.08
CA PHE A 129 60.47 -13.16 9.23
C PHE A 129 60.23 -13.96 7.95
N ALA A 130 59.06 -13.78 7.36
CA ALA A 130 58.73 -14.35 6.05
C ALA A 130 59.75 -14.01 4.97
N PHE A 131 60.00 -12.71 4.82
CA PHE A 131 60.91 -12.22 3.82
C PHE A 131 62.33 -12.74 4.11
N ARG A 132 62.73 -12.76 5.38
CA ARG A 132 64.05 -13.27 5.72
C ARG A 132 64.11 -14.76 5.45
N ASN A 133 63.00 -15.43 5.68
CA ASN A 133 62.96 -16.85 5.47
C ASN A 133 62.93 -17.19 3.99
N ARG A 134 62.40 -16.30 3.16
CA ARG A 134 62.58 -16.51 1.73
C ARG A 134 64.09 -16.40 1.39
N ASP A 135 64.78 -15.44 1.99
CA ASP A 135 66.23 -15.32 1.72
C ASP A 135 67.04 -16.35 2.49
N PHE A 136 66.48 -16.83 3.61
CA PHE A 136 67.14 -17.78 4.46
C PHE A 136 66.06 -18.69 5.05
N PRO A 137 65.66 -19.72 4.29
CA PRO A 137 64.58 -20.58 4.79
C PRO A 137 64.99 -21.40 6.00
N ILE A 138 64.00 -21.82 6.78
CA ILE A 138 64.29 -22.44 8.07
C ILE A 138 63.45 -23.68 8.31
N ASP A 139 64.05 -24.61 9.07
CA ASP A 139 63.36 -25.81 9.49
C ASP A 139 62.10 -25.53 10.26
N ASP A 140 61.05 -26.28 9.96
CA ASP A 140 59.84 -26.21 10.75
C ASP A 140 59.97 -26.91 12.11
N ASN A 141 60.86 -27.87 12.23
CA ASN A 141 61.01 -28.56 13.51
C ASN A 141 62.22 -28.06 14.29
N GLY A 142 62.88 -27.02 13.77
CA GLY A 142 64.03 -26.44 14.45
C GLY A 142 63.61 -25.44 15.51
N LYS A 143 64.55 -25.04 16.36
CA LYS A 143 64.29 -24.01 17.37
C LYS A 143 65.23 -22.83 17.16
N ALA A 144 65.24 -21.88 18.09
CA ALA A 144 66.08 -20.70 17.95
C ALA A 144 66.70 -20.28 19.26
N LEU A 145 68.02 -20.07 19.24
CA LEU A 145 68.75 -19.41 20.35
C LEU A 145 68.52 -17.92 20.27
N GLN A 146 67.60 -17.41 21.11
CA GLN A 146 67.37 -15.98 21.18
C GLN A 146 67.56 -15.46 22.60
N PHE A 147 68.61 -14.65 22.78
CA PHE A 147 68.85 -13.97 24.06
C PHE A 147 67.82 -12.92 24.32
N ILE A 148 66.60 -13.31 24.62
CA ILE A 148 65.52 -12.36 24.76
C ILE A 148 64.84 -12.66 26.10
N PHE A 149 64.47 -11.64 26.83
CA PHE A 149 64.07 -11.88 28.20
C PHE A 149 63.01 -10.88 28.59
N SER A 150 62.03 -11.33 29.37
CA SER A 150 60.89 -10.52 29.73
C SER A 150 60.33 -11.03 31.04
N SER A 151 61.22 -11.18 32.03
CA SER A 151 60.90 -11.94 33.21
C SER A 151 60.38 -11.04 34.34
N LYS A 152 60.24 -9.75 34.06
CA LYS A 152 59.97 -8.77 35.10
C LYS A 152 58.79 -7.86 34.82
N GLN A 153 57.89 -7.69 35.81
CA GLN A 153 56.63 -6.97 35.63
C GLN A 153 56.34 -6.10 36.86
N TYR A 154 56.14 -4.80 36.66
CA TYR A 154 55.92 -3.84 37.74
C TYR A 154 54.54 -3.21 37.60
N ILE A 155 54.07 -2.57 38.66
CA ILE A 155 52.78 -1.89 38.69
C ILE A 155 52.92 -0.43 39.10
N SER A 156 52.07 0.43 38.53
CA SER A 156 52.08 1.85 38.93
C SER A 156 51.40 1.99 40.28
N THR A 157 51.60 3.16 40.89
CA THR A 157 51.00 3.44 42.19
C THR A 157 49.47 3.25 42.16
N GLY A 158 48.84 3.51 41.02
CA GLY A 158 47.40 3.31 40.86
C GLY A 158 46.95 1.86 40.74
N GLY A 159 47.89 0.92 40.92
CA GLY A 159 47.65 -0.51 40.78
C GLY A 159 47.60 -0.90 39.31
N VAL A 160 48.24 -0.09 38.47
CA VAL A 160 48.18 -0.32 37.03
C VAL A 160 49.58 -0.63 36.54
N PRO A 161 49.73 -1.75 35.82
CA PRO A 161 51.04 -2.08 35.27
C PRO A 161 51.52 -0.92 34.39
N VAL A 162 52.78 -0.57 34.53
CA VAL A 162 53.42 0.40 33.65
C VAL A 162 54.53 -0.38 32.97
N GLY A 163 54.71 -0.26 31.66
CA GLY A 163 55.47 -1.31 31.00
C GLY A 163 56.40 -1.14 29.81
N THR A 164 57.31 -2.10 29.66
CA THR A 164 58.31 -2.12 28.62
C THR A 164 57.80 -2.92 27.43
N ALA A 165 58.38 -2.70 26.25
CA ALA A 165 58.17 -3.58 25.08
C ALA A 165 58.31 -5.09 25.41
N THR A 166 59.54 -5.59 25.50
CA THR A 166 59.85 -7.00 25.83
C THR A 166 58.92 -7.72 26.78
N THR A 167 58.84 -7.18 27.98
CA THR A 167 58.05 -7.76 29.03
C THR A 167 56.58 -7.88 28.61
N ASN A 168 55.96 -6.77 28.20
CA ASN A 168 54.55 -6.81 27.84
C ASN A 168 54.27 -7.77 26.70
N VAL A 169 55.01 -7.64 25.60
CA VAL A 169 54.75 -8.52 24.45
C VAL A 169 54.75 -9.98 24.91
N TYR A 170 55.81 -10.42 25.58
CA TYR A 170 55.88 -11.80 26.02
C TYR A 170 54.82 -12.15 27.08
N ARG A 171 54.53 -11.21 27.97
CA ARG A 171 53.53 -11.42 29.03
C ARG A 171 52.10 -11.55 28.48
N ASN A 172 51.80 -10.74 27.45
CA ASN A 172 50.49 -10.75 26.80
C ASN A 172 50.11 -12.17 26.34
N PRO A 173 48.81 -12.52 26.43
CA PRO A 173 48.30 -13.90 26.30
C PRO A 173 48.39 -14.52 24.90
N ASN A 174 48.36 -13.70 23.86
CA ASN A 174 48.25 -14.13 22.46
C ASN A 174 49.55 -14.53 21.79
N PHE A 175 50.67 -14.31 22.45
CA PHE A 175 51.93 -14.37 21.72
C PHE A 175 52.55 -15.77 21.58
N LYS A 176 52.50 -16.60 22.62
CA LYS A 176 52.94 -17.99 22.48
C LYS A 176 52.05 -18.76 21.49
N ALA A 177 50.76 -18.47 21.49
CA ALA A 177 49.86 -19.09 20.53
C ALA A 177 50.14 -18.53 19.13
N GLY A 178 50.41 -17.23 19.05
CA GLY A 178 50.66 -16.55 17.80
C GLY A 178 52.06 -16.66 17.24
N MET A 179 52.98 -17.23 18.03
CA MET A 179 54.40 -17.34 17.62
C MET A 179 54.81 -18.64 16.94
N LYS A 180 53.92 -19.61 16.98
CA LYS A 180 54.28 -20.97 16.63
C LYS A 180 54.78 -21.14 15.19
N SER A 181 54.10 -20.51 14.21
CA SER A 181 54.37 -20.87 12.81
C SER A 181 55.24 -19.87 12.07
N ILE A 182 55.59 -18.77 12.72
CA ILE A 182 56.41 -17.76 12.05
C ILE A 182 57.83 -17.71 12.56
N THR A 183 58.09 -18.46 13.64
CA THR A 183 59.40 -18.53 14.30
C THR A 183 59.69 -19.91 14.93
N SER A 184 60.97 -20.17 15.11
CA SER A 184 61.46 -21.37 15.74
C SER A 184 61.20 -21.38 17.25
N PRO A 185 60.58 -22.46 17.77
CA PRO A 185 60.28 -22.62 19.20
C PRO A 185 61.51 -22.36 20.08
N SER A 186 61.41 -21.48 21.07
CA SER A 186 62.57 -21.19 21.92
C SER A 186 63.05 -22.40 22.72
N CYS A 187 64.36 -22.62 22.67
CA CYS A 187 65.03 -23.58 23.52
C CYS A 187 64.74 -23.39 24.98
N SER A 188 64.84 -22.14 25.41
CA SER A 188 64.69 -21.76 26.81
C SER A 188 63.24 -21.87 27.26
N PRO A 189 62.97 -22.59 28.36
CA PRO A 189 61.63 -22.56 28.96
C PRO A 189 61.15 -21.13 29.11
N ASP A 190 59.85 -20.88 29.07
CA ASP A 190 59.42 -19.50 29.21
C ASP A 190 59.80 -19.07 30.61
N GLU A 191 59.67 -19.98 31.58
CA GLU A 191 60.12 -19.71 32.95
C GLU A 191 61.57 -19.28 33.06
N VAL A 192 62.47 -19.79 32.24
CA VAL A 192 63.85 -19.31 32.36
C VAL A 192 63.92 -17.99 31.61
N ILE A 193 63.05 -17.83 30.61
CA ILE A 193 62.82 -16.50 30.10
C ILE A 193 62.05 -15.71 31.18
N PHE A 194 61.21 -16.38 31.97
CA PHE A 194 60.45 -15.69 32.98
C PHE A 194 61.10 -15.88 34.36
N SER A 195 62.40 -16.22 34.36
CA SER A 195 63.14 -16.45 35.60
C SER A 195 63.45 -15.17 36.38
N PRO A 196 63.20 -15.19 37.70
CA PRO A 196 63.48 -14.06 38.61
C PRO A 196 64.93 -13.55 38.55
N ASP A 197 65.84 -14.36 38.02
CA ASP A 197 67.23 -13.98 37.85
C ASP A 197 67.66 -14.06 36.37
N VAL A 198 67.73 -12.93 35.67
CA VAL A 198 68.14 -12.95 34.25
C VAL A 198 69.59 -13.34 34.02
N HIS A 199 70.49 -12.82 34.84
CA HIS A 199 71.92 -12.98 34.57
C HIS A 199 72.26 -14.45 34.68
N GLN A 200 71.68 -15.10 35.69
CA GLN A 200 71.74 -16.54 35.83
C GLN A 200 71.01 -17.25 34.68
N ALA A 201 69.79 -16.79 34.40
CA ALA A 201 68.98 -17.33 33.31
C ALA A 201 69.67 -17.08 31.99
N LEU A 202 70.37 -15.96 31.87
CA LEU A 202 71.08 -15.65 30.61
C LEU A 202 72.13 -16.70 30.30
N TYR A 203 72.98 -17.11 31.23
CA TYR A 203 73.93 -18.18 30.83
C TYR A 203 73.17 -19.49 30.62
N CYS A 204 72.06 -19.63 31.33
CA CYS A 204 71.15 -20.73 31.08
C CYS A 204 70.46 -20.55 29.73
N HIS A 205 70.36 -19.32 29.26
CA HIS A 205 69.76 -19.09 27.93
C HIS A 205 70.75 -19.55 26.86
N LEU A 206 72.02 -19.31 27.15
CA LEU A 206 73.09 -19.86 26.37
C LEU A 206 73.04 -21.38 26.28
N LEU A 207 73.04 -22.00 27.46
CA LEU A 207 72.71 -23.41 27.60
C LEU A 207 71.59 -23.77 26.67
N SER A 208 70.48 -23.04 26.80
CA SER A 208 69.28 -23.40 26.08
C SER A 208 69.53 -23.37 24.58
N GLY A 209 69.94 -22.22 24.06
CA GLY A 209 70.19 -22.10 22.62
C GLY A 209 71.19 -23.08 22.05
N ILE A 210 72.23 -23.39 22.80
CA ILE A 210 73.19 -24.37 22.30
C ILE A 210 72.60 -25.79 22.27
N LEU A 211 71.81 -26.17 23.30
CA LEU A 211 71.21 -27.52 23.39
C LEU A 211 70.87 -28.17 22.03
N PHE A 212 69.99 -27.51 21.29
CA PHE A 212 69.47 -28.07 20.03
C PHE A 212 70.15 -27.45 18.84
N ARG A 213 71.46 -27.36 18.94
CA ARG A 213 72.27 -26.54 18.03
C ARG A 213 72.19 -26.91 16.57
N ASP A 214 72.12 -28.21 16.28
CA ASP A 214 72.06 -28.63 14.88
C ASP A 214 70.75 -28.13 14.30
N GLN A 215 69.73 -28.14 15.16
CA GLN A 215 68.40 -27.72 14.73
C GLN A 215 68.28 -26.18 14.64
N VAL A 216 68.94 -25.42 15.53
CA VAL A 216 68.71 -23.95 15.57
C VAL A 216 69.13 -23.33 14.28
N GLN A 217 68.33 -22.37 13.84
CA GLN A 217 68.51 -21.66 12.60
C GLN A 217 69.27 -20.33 12.72
N TYR A 218 69.41 -19.84 13.95
CA TYR A 218 70.17 -18.61 14.15
C TYR A 218 70.48 -18.26 15.58
N VAL A 219 71.47 -17.39 15.78
CA VAL A 219 71.60 -16.74 17.06
C VAL A 219 70.89 -15.41 16.88
N PHE A 220 70.29 -14.92 17.94
CA PHE A 220 69.54 -13.71 17.74
C PHE A 220 69.69 -12.82 18.94
N ALA A 221 70.16 -11.61 18.69
CA ALA A 221 69.85 -10.54 19.63
C ALA A 221 69.35 -9.34 18.86
N VAL A 222 68.74 -8.42 19.59
CA VAL A 222 68.21 -7.25 18.94
C VAL A 222 69.37 -6.44 18.44
N PHE A 223 70.49 -6.51 19.17
CA PHE A 223 71.71 -5.88 18.72
C PHE A 223 72.96 -6.73 18.90
N ALA A 224 74.05 -6.32 18.24
CA ALA A 224 75.32 -7.01 18.38
C ALA A 224 75.78 -7.01 19.83
N HIS A 225 75.63 -5.89 20.54
CA HIS A 225 76.14 -5.75 21.89
C HIS A 225 75.63 -6.91 22.78
N GLY A 226 74.37 -7.31 22.61
CA GLY A 226 73.81 -8.41 23.37
C GLY A 226 74.45 -9.72 22.97
N LEU A 227 74.42 -10.04 21.67
CA LEU A 227 75.25 -11.08 21.12
C LEU A 227 76.67 -10.97 21.63
N VAL A 228 77.28 -9.80 21.41
CA VAL A 228 78.64 -9.55 21.88
C VAL A 228 78.66 -9.85 23.38
N HIS A 229 77.95 -9.05 24.18
CA HIS A 229 77.73 -9.36 25.60
C HIS A 229 77.64 -10.86 25.83
N ALA A 230 76.68 -11.49 25.16
CA ALA A 230 76.45 -12.93 25.29
C ALA A 230 77.60 -13.80 24.76
N PHE A 231 78.21 -13.39 23.64
CA PHE A 231 79.38 -14.07 23.08
C PHE A 231 80.65 -13.55 23.78
N ARG A 232 80.60 -12.32 24.28
CA ARG A 232 81.52 -11.90 25.33
C ARG A 232 81.07 -12.51 26.66
N THR A 233 79.91 -13.16 26.64
CA THR A 233 79.57 -13.94 27.82
C THR A 233 79.88 -15.35 27.40
N PHE A 234 80.10 -15.55 26.11
CA PHE A 234 80.59 -16.85 25.68
C PHE A 234 82.02 -17.00 26.21
N GLU A 235 82.76 -15.90 26.11
CA GLU A 235 83.80 -15.67 27.09
C GLU A 235 83.12 -15.95 28.42
N GLN A 236 82.33 -14.99 28.93
CA GLN A 236 81.85 -14.92 30.33
C GLN A 236 80.90 -16.01 30.94
N VAL A 237 80.71 -17.13 30.23
CA VAL A 237 80.33 -18.39 30.85
C VAL A 237 80.74 -19.57 29.97
N TRP A 238 80.79 -20.75 30.57
CA TRP A 238 80.92 -22.01 29.81
C TRP A 238 81.10 -23.28 30.61
N GLU A 239 81.56 -23.19 31.86
CA GLU A 239 81.46 -24.33 32.77
C GLU A 239 80.11 -24.13 33.24
N GLU A 240 79.92 -24.33 34.54
CA GLU A 240 78.60 -24.10 35.08
C GLU A 240 77.85 -25.07 34.20
N ILE A 241 77.28 -24.56 33.09
CA ILE A 241 76.80 -25.38 31.96
C ILE A 241 77.53 -26.72 31.96
N VAL A 242 78.73 -26.82 31.40
CA VAL A 242 79.34 -28.15 31.27
C VAL A 242 79.47 -28.89 32.57
N THR A 243 80.21 -28.30 33.52
CA THR A 243 80.29 -28.94 34.83
C THR A 243 78.89 -29.21 35.45
N ASP A 244 77.97 -28.24 35.34
CA ASP A 244 76.63 -28.42 35.95
C ASP A 244 75.69 -29.27 35.08
N ILE A 245 75.75 -29.14 33.76
CA ILE A 245 75.02 -30.12 32.97
C ILE A 245 75.69 -31.50 33.11
N LYS A 246 77.00 -31.54 33.38
CA LYS A 246 77.70 -32.83 33.49
C LYS A 246 77.22 -33.64 34.66
N ASP A 247 77.33 -33.03 35.83
CA ASP A 247 77.15 -33.73 37.07
C ASP A 247 75.66 -33.99 37.31
N GLY A 248 74.83 -33.50 36.40
CA GLY A 248 73.38 -33.63 36.55
C GLY A 248 72.91 -32.74 37.69
N VAL A 249 73.79 -31.87 38.15
CA VAL A 249 73.42 -30.92 39.18
C VAL A 249 73.83 -29.53 38.73
N LEU A 250 72.89 -28.59 38.73
CA LEU A 250 73.22 -27.24 38.34
C LEU A 250 74.29 -26.72 39.27
N SER A 251 75.08 -25.78 38.77
CA SER A 251 76.14 -25.20 39.58
C SER A 251 75.52 -24.42 40.71
N ASN A 252 76.24 -24.31 41.82
CA ASN A 252 75.69 -23.70 43.03
C ASN A 252 75.58 -22.18 42.94
N ARG A 253 76.10 -21.62 41.85
CA ARG A 253 76.00 -20.19 41.54
C ARG A 253 74.53 -19.83 41.36
N ILE A 254 73.77 -20.78 40.83
CA ILE A 254 72.33 -20.60 40.65
C ILE A 254 71.60 -20.85 41.95
N THR A 255 71.02 -19.80 42.51
CA THR A 255 70.32 -19.88 43.80
C THR A 255 68.79 -19.74 43.71
N VAL A 256 68.23 -19.75 42.51
CA VAL A 256 66.78 -19.50 42.43
C VAL A 256 65.97 -20.78 42.16
N PRO A 257 64.99 -21.06 43.04
CA PRO A 257 64.14 -22.28 42.98
C PRO A 257 63.45 -22.54 41.62
N SER A 258 62.76 -21.54 41.06
CA SER A 258 62.01 -21.73 39.81
C SER A 258 62.89 -22.19 38.67
N VAL A 259 64.05 -21.55 38.57
CA VAL A 259 64.97 -21.87 37.49
C VAL A 259 65.71 -23.12 37.92
N ARG A 260 65.74 -23.35 39.23
CA ARG A 260 66.43 -24.52 39.76
C ARG A 260 65.63 -25.77 39.46
N THR A 261 64.30 -25.69 39.67
CA THR A 261 63.39 -26.79 39.39
C THR A 261 63.37 -27.12 37.90
N ALA A 262 63.42 -26.10 37.06
CA ALA A 262 63.32 -26.33 35.64
C ALA A 262 64.62 -26.98 35.14
N MET A 263 65.73 -26.40 35.58
CA MET A 263 67.05 -26.88 35.20
C MET A 263 67.29 -28.29 35.77
N SER A 264 66.79 -28.52 36.98
CA SER A 264 66.91 -29.82 37.63
C SER A 264 66.19 -30.95 36.89
N LYS A 265 65.03 -30.65 36.31
CA LYS A 265 64.23 -31.71 35.70
C LYS A 265 64.95 -32.26 34.48
N LEU A 266 65.82 -31.43 33.91
CA LEU A 266 66.60 -31.79 32.73
C LEU A 266 68.05 -32.10 33.03
N LEU A 267 68.38 -32.57 34.22
CA LEU A 267 69.79 -32.82 34.48
C LEU A 267 70.12 -34.26 34.89
N THR A 268 70.98 -34.89 34.12
CA THR A 268 71.47 -36.22 34.46
C THR A 268 72.95 -36.25 34.17
N PRO A 269 73.68 -37.15 34.82
CA PRO A 269 75.12 -37.12 34.68
C PRO A 269 75.70 -37.74 33.39
N ASN A 270 76.19 -36.87 32.50
CA ASN A 270 76.80 -37.33 31.26
C ASN A 270 78.26 -36.93 31.15
N PRO A 271 79.19 -37.90 31.23
CA PRO A 271 80.61 -37.54 31.12
C PRO A 271 81.24 -37.48 29.70
N GLU A 272 80.73 -38.14 28.68
CA GLU A 272 81.46 -38.07 27.39
C GLU A 272 81.44 -36.70 26.73
N LEU A 273 80.38 -35.96 26.94
CA LEU A 273 80.16 -34.75 26.17
C LEU A 273 81.09 -33.61 26.52
N ALA A 274 81.43 -33.56 27.79
CA ALA A 274 82.40 -32.59 28.27
C ALA A 274 83.63 -32.67 27.37
N GLU A 275 84.09 -33.89 27.13
CA GLU A 275 85.23 -34.15 26.23
C GLU A 275 85.08 -33.45 24.91
N THR A 276 83.91 -33.61 24.32
CA THR A 276 83.60 -32.99 23.06
C THR A 276 83.43 -31.46 23.15
N ILE A 277 82.41 -30.96 23.84
CA ILE A 277 82.21 -29.50 24.01
C ILE A 277 83.53 -28.89 24.30
N ARG A 278 84.25 -29.46 25.25
CA ARG A 278 85.51 -28.90 25.61
C ARG A 278 86.27 -28.86 24.30
N THR A 279 86.69 -30.01 23.74
CA THR A 279 87.74 -30.02 22.70
C THR A 279 87.67 -28.94 21.63
N LYS A 280 86.51 -28.72 21.04
CA LYS A 280 86.35 -27.83 19.90
C LYS A 280 86.77 -26.45 20.21
N CYS A 281 86.62 -26.18 21.48
CA CYS A 281 86.41 -24.84 21.93
C CYS A 281 87.72 -24.18 22.24
N MET A 282 88.73 -24.97 22.57
CA MET A 282 90.02 -24.39 22.76
C MET A 282 90.94 -24.71 21.60
N SER A 283 90.37 -24.98 20.44
CA SER A 283 91.20 -25.51 19.37
C SER A 283 91.27 -24.49 18.24
N LEU A 284 90.57 -23.38 18.44
CA LEU A 284 90.38 -22.50 17.31
C LEU A 284 90.91 -21.12 17.62
N SER A 285 91.05 -20.34 16.56
CA SER A 285 91.77 -19.08 16.62
C SER A 285 90.78 -17.93 16.78
N ASN A 286 90.86 -17.25 17.92
CA ASN A 286 90.11 -16.03 18.20
C ASN A 286 88.63 -16.18 18.50
N TRP A 287 88.16 -17.41 18.47
CA TRP A 287 86.74 -17.64 18.49
C TRP A 287 86.22 -16.94 17.25
N TYR A 288 87.05 -16.85 16.22
CA TYR A 288 86.54 -16.41 14.93
C TYR A 288 85.49 -17.41 14.55
N GLY A 289 84.32 -16.89 14.19
CA GLY A 289 83.16 -17.72 14.00
C GLY A 289 82.69 -18.42 15.28
N LEU A 290 82.35 -17.66 16.32
CA LEU A 290 81.69 -18.26 17.51
C LEU A 290 80.47 -19.01 17.06
N ILE A 291 79.61 -18.24 16.43
CA ILE A 291 78.27 -18.63 16.08
C ILE A 291 78.24 -19.77 15.10
N PRO A 292 79.02 -19.69 13.99
CA PRO A 292 78.96 -20.89 13.15
C PRO A 292 79.54 -22.08 13.88
N ALA A 293 80.44 -21.84 14.84
CA ALA A 293 81.01 -22.98 15.57
C ALA A 293 79.94 -23.65 16.44
N LEU A 294 79.17 -22.85 17.18
CA LEU A 294 78.08 -23.36 18.00
C LEU A 294 77.11 -24.17 17.19
N PHE A 295 76.64 -23.53 16.12
CA PHE A 295 75.70 -24.14 15.20
C PHE A 295 75.99 -23.61 13.81
N PRO A 296 76.72 -24.44 13.03
CA PRO A 296 77.14 -24.44 11.63
C PRO A 296 75.97 -24.23 10.69
N ASN A 297 74.82 -24.55 11.27
CA ASN A 297 73.58 -24.72 10.55
C ASN A 297 72.82 -23.43 10.43
N ALA A 298 73.14 -22.50 11.31
CA ALA A 298 72.48 -21.22 11.32
C ALA A 298 72.73 -20.53 9.99
N LYS A 299 71.66 -20.18 9.30
CA LYS A 299 71.79 -19.50 8.02
C LYS A 299 72.37 -18.09 8.16
N TYR A 300 72.05 -17.42 9.26
CA TYR A 300 72.41 -16.01 9.41
C TYR A 300 72.59 -15.60 10.86
N VAL A 301 73.20 -14.42 11.06
CA VAL A 301 73.19 -13.75 12.36
C VAL A 301 72.14 -12.63 12.28
N TYR A 302 71.34 -12.44 13.33
CA TYR A 302 70.23 -11.48 13.28
C TYR A 302 70.27 -10.41 14.38
N GLY A 303 69.91 -9.16 14.00
CA GLY A 303 69.70 -8.08 14.95
C GLY A 303 69.93 -6.73 14.30
N ILE A 304 70.02 -5.63 15.06
CA ILE A 304 70.28 -4.36 14.41
C ILE A 304 71.77 -3.96 14.52
N MET A 305 72.40 -3.87 13.37
CA MET A 305 73.82 -3.68 13.29
C MET A 305 74.15 -2.28 12.85
N THR A 306 73.14 -1.44 12.61
CA THR A 306 73.38 -0.15 11.99
C THR A 306 73.53 1.00 12.96
N GLY A 307 74.02 2.11 12.41
CA GLY A 307 74.36 3.30 13.17
C GLY A 307 75.24 3.08 14.38
N SER A 308 74.61 3.06 15.55
CA SER A 308 75.35 3.05 16.82
C SER A 308 75.78 1.65 17.26
N MET A 309 75.11 0.65 16.73
CA MET A 309 75.52 -0.72 17.01
C MET A 309 76.56 -1.13 16.00
N GLU A 310 76.78 -0.26 15.01
CA GLU A 310 77.80 -0.49 13.98
C GLU A 310 79.18 -0.77 14.55
N PRO A 311 79.61 -0.03 15.61
CA PRO A 311 80.91 -0.34 16.21
C PRO A 311 80.93 -1.66 16.96
N TYR A 312 79.76 -2.15 17.33
CA TYR A 312 79.64 -3.47 17.97
C TYR A 312 79.59 -4.61 16.91
N VAL A 313 79.37 -4.25 15.64
CA VAL A 313 79.41 -5.21 14.54
C VAL A 313 80.75 -5.92 14.29
N PRO A 314 81.88 -5.16 14.27
CA PRO A 314 83.13 -5.92 14.17
C PRO A 314 83.19 -7.11 15.15
N LYS A 315 82.88 -6.89 16.43
CA LYS A 315 82.99 -7.98 17.40
C LYS A 315 82.11 -9.13 17.01
N LEU A 316 80.83 -8.81 16.75
CA LEU A 316 79.89 -9.81 16.29
C LEU A 316 80.48 -10.52 15.09
N ARG A 317 80.83 -9.76 14.04
CA ARG A 317 81.53 -10.34 12.88
C ARG A 317 82.71 -11.21 13.29
N HIS A 318 83.49 -10.74 14.27
CA HIS A 318 84.61 -11.52 14.77
C HIS A 318 84.04 -12.82 15.35
N TYR A 319 82.95 -12.67 16.09
CA TYR A 319 82.25 -13.82 16.65
C TYR A 319 81.54 -14.57 15.54
N ALA A 320 81.08 -13.81 14.53
CA ALA A 320 80.21 -14.40 13.52
C ALA A 320 80.99 -15.09 12.42
N GLY A 321 82.27 -14.74 12.28
CA GLY A 321 83.07 -15.26 11.18
C GLY A 321 82.38 -15.01 9.82
N ASP A 322 82.36 -16.03 8.98
CA ASP A 322 81.81 -15.88 7.63
C ASP A 322 80.28 -15.85 7.66
N LEU A 323 79.67 -16.16 8.80
CA LEU A 323 78.21 -16.10 8.95
C LEU A 323 77.66 -14.73 8.62
N PRO A 324 76.69 -14.66 7.71
CA PRO A 324 76.02 -13.40 7.35
C PRO A 324 75.38 -12.68 8.53
N LEU A 325 75.60 -11.37 8.57
CA LEU A 325 75.02 -10.46 9.55
C LEU A 325 73.75 -9.75 8.99
N VAL A 326 72.58 -10.00 9.59
CA VAL A 326 71.34 -9.42 9.08
C VAL A 326 70.85 -8.25 9.95
N SER A 327 70.61 -7.12 9.29
CA SER A 327 70.08 -5.95 9.96
C SER A 327 68.64 -6.24 10.36
N HIS A 328 68.24 -5.86 11.56
CA HIS A 328 66.86 -6.11 11.94
C HIS A 328 65.97 -4.89 11.67
N ASP A 329 64.65 -5.11 11.59
CA ASP A 329 63.67 -4.04 11.45
C ASP A 329 63.75 -2.93 12.52
N TYR A 330 63.01 -1.84 12.29
CA TYR A 330 63.10 -0.67 13.17
C TYR A 330 61.74 -0.16 13.64
N GLY A 331 61.47 -0.25 14.94
CA GLY A 331 60.23 0.27 15.46
C GLY A 331 59.90 -0.39 16.79
N SER A 332 58.90 0.15 17.50
CA SER A 332 58.80 -0.07 18.93
C SER A 332 57.41 0.18 19.45
N SER A 333 57.35 0.16 20.78
CA SER A 333 56.17 0.47 21.56
C SER A 333 55.60 1.86 21.32
N GLU A 334 56.46 2.86 21.18
CA GLU A 334 55.96 4.19 20.85
C GLU A 334 55.52 4.18 19.41
N GLY A 335 56.35 3.57 18.56
CA GLY A 335 56.09 3.56 17.15
C GLY A 335 56.89 2.51 16.41
N TRP A 336 56.25 1.90 15.43
CA TRP A 336 56.95 1.04 14.51
C TRP A 336 56.88 1.69 13.17
N ILE A 337 58.04 1.87 12.56
CA ILE A 337 58.05 2.33 11.19
C ILE A 337 58.53 1.25 10.23
N ALA A 338 59.79 0.86 10.29
CA ALA A 338 60.34 0.08 9.15
C ALA A 338 60.72 -1.37 9.45
N ALA A 339 60.44 -2.24 8.47
CA ALA A 339 60.76 -3.65 8.55
C ALA A 339 61.64 -4.04 7.36
N ASN A 340 62.49 -5.07 7.54
CA ASN A 340 63.39 -5.47 6.47
C ASN A 340 62.74 -6.55 5.68
N VAL A 341 62.45 -6.25 4.43
CA VAL A 341 62.03 -7.26 3.48
C VAL A 341 63.22 -7.63 2.60
N THR A 342 64.35 -6.93 2.76
CA THR A 342 65.58 -7.45 2.15
C THR A 342 66.66 -7.79 3.16
N PRO A 343 66.46 -8.87 3.92
CA PRO A 343 67.35 -9.33 4.99
C PRO A 343 68.78 -9.64 4.55
N ARG A 344 68.95 -9.98 3.28
CA ARG A 344 70.25 -10.43 2.77
C ARG A 344 71.27 -9.30 2.83
N LEU A 345 70.76 -8.09 2.74
CA LEU A 345 71.58 -6.89 2.64
C LEU A 345 72.50 -6.73 3.86
N SER A 346 73.71 -6.26 3.63
CA SER A 346 74.71 -6.18 4.69
C SER A 346 74.44 -5.03 5.64
N PRO A 347 74.99 -5.09 6.86
CA PRO A 347 74.87 -4.04 7.87
C PRO A 347 75.27 -2.66 7.38
N GLU A 348 76.35 -2.64 6.59
CA GLU A 348 76.86 -1.36 6.05
C GLU A 348 75.91 -0.83 4.99
N GLU A 349 75.35 -1.73 4.18
CA GLU A 349 74.43 -1.30 3.15
C GLU A 349 72.99 -1.42 3.59
N ALA A 350 72.80 -1.73 4.88
CA ALA A 350 71.47 -1.95 5.46
C ALA A 350 70.60 -0.75 5.29
N THR A 351 69.32 -1.00 5.01
CA THR A 351 68.35 0.08 4.80
C THR A 351 66.98 -0.43 5.23
N PHE A 352 66.04 0.47 5.54
CA PHE A 352 64.83 -0.01 6.18
C PHE A 352 63.52 0.50 5.52
N ALA A 353 62.53 -0.39 5.40
CA ALA A 353 61.25 -0.07 4.71
C ALA A 353 60.06 0.23 5.61
N VAL A 354 59.64 1.50 5.60
CA VAL A 354 58.54 1.97 6.46
C VAL A 354 57.26 1.17 6.27
N ILE A 355 56.67 0.71 7.38
CA ILE A 355 55.39 -0.02 7.29
C ILE A 355 54.18 0.93 7.30
N PRO A 356 53.23 0.71 6.40
CA PRO A 356 52.20 1.72 6.16
C PRO A 356 51.02 1.82 7.14
N ASN A 357 50.56 0.75 7.77
CA ASN A 357 49.30 0.85 8.54
C ASN A 357 49.50 1.01 10.03
N LEU A 358 50.75 1.23 10.41
CA LEU A 358 51.11 1.28 11.83
C LEU A 358 50.78 2.62 12.48
N GLY A 359 50.81 3.70 11.72
CA GLY A 359 50.57 5.03 12.27
C GLY A 359 50.72 6.06 11.18
N TYR A 360 50.57 7.34 11.52
CA TYR A 360 50.73 8.39 10.53
C TYR A 360 52.05 9.11 10.80
N PHE A 361 52.92 9.23 9.80
CA PHE A 361 54.27 9.76 10.03
C PHE A 361 54.59 11.01 9.20
N GLU A 362 54.92 12.11 9.88
CA GLU A 362 55.36 13.33 9.20
C GLU A 362 56.81 13.59 9.54
N PHE A 363 57.56 14.06 8.55
CA PHE A 363 58.96 14.31 8.81
C PHE A 363 59.30 15.81 8.65
N LEU A 364 60.04 16.37 9.60
CA LEU A 364 60.46 17.78 9.51
C LEU A 364 61.85 17.87 8.92
N PRO A 365 61.97 18.50 7.75
CA PRO A 365 63.23 18.72 7.05
C PRO A 365 64.23 19.54 7.85
N VAL A 366 65.50 19.18 7.73
CA VAL A 366 66.60 19.91 8.36
C VAL A 366 67.36 20.81 7.36
N SER A 367 66.79 20.95 6.16
CA SER A 367 67.45 21.61 5.04
C SER A 367 67.41 23.15 5.10
N GLU A 368 68.61 23.74 5.24
CA GLU A 368 68.91 25.17 5.11
C GLU A 368 70.33 25.29 5.63
N THR A 369 70.45 25.18 6.96
CA THR A 369 71.71 25.00 7.69
C THR A 369 71.32 24.24 8.97
N GLY A 370 71.18 24.97 10.10
CA GLY A 370 70.64 24.39 11.32
C GLY A 370 69.91 25.40 12.19
N GLU A 371 68.63 25.20 12.43
CA GLU A 371 67.85 24.07 11.95
C GLU A 371 67.35 24.35 10.53
N GLY A 372 66.94 25.60 10.31
CA GLY A 372 66.28 26.03 9.07
C GLY A 372 64.83 25.97 9.43
N GLU A 373 63.99 26.86 8.89
CA GLU A 373 62.58 26.84 9.22
C GLU A 373 61.72 26.25 8.09
N GLU A 374 61.18 25.05 8.33
CA GLU A 374 60.39 24.33 7.32
C GLU A 374 59.26 23.57 8.00
N LYS A 375 58.12 23.60 7.35
CA LYS A 375 56.94 22.91 7.84
C LYS A 375 56.94 21.46 7.35
N PRO A 376 56.27 20.56 8.11
CA PRO A 376 56.23 19.11 7.86
C PRO A 376 55.60 18.74 6.51
N VAL A 377 56.08 17.64 5.93
CA VAL A 377 55.61 17.15 4.63
C VAL A 377 55.33 15.66 4.70
N GLY A 378 54.54 15.18 3.74
CA GLY A 378 54.17 13.76 3.67
C GLY A 378 55.38 12.84 3.65
N LEU A 379 55.18 11.61 4.12
CA LEU A 379 56.25 10.61 4.19
C LEU A 379 56.73 10.29 2.77
N THR A 380 55.79 10.08 1.85
CA THR A 380 56.14 9.91 0.45
C THR A 380 56.71 11.19 -0.15
N GLN A 381 56.35 12.36 0.40
CA GLN A 381 56.80 13.61 -0.20
C GLN A 381 58.27 13.86 0.12
N VAL A 382 58.74 13.23 1.21
CA VAL A 382 60.13 13.38 1.60
C VAL A 382 61.04 13.05 0.42
N LYS A 383 61.93 13.99 0.10
CA LYS A 383 62.84 13.79 -1.01
C LYS A 383 63.93 12.74 -0.76
N ILE A 384 64.15 11.89 -1.77
CA ILE A 384 65.18 10.86 -1.73
C ILE A 384 66.54 11.47 -1.61
N GLY A 385 67.31 10.98 -0.63
CA GLY A 385 68.68 11.42 -0.41
C GLY A 385 68.80 12.42 0.73
N GLU A 386 67.68 13.11 1.01
CA GLU A 386 67.62 14.12 2.08
C GLU A 386 67.11 13.56 3.41
N GLU A 387 67.64 14.10 4.49
CA GLU A 387 67.34 13.69 5.86
C GLU A 387 66.36 14.62 6.59
N TYR A 388 65.30 14.05 7.14
CA TYR A 388 64.30 14.81 7.91
C TYR A 388 64.20 14.37 9.38
N GLU A 389 63.94 15.31 10.28
CA GLU A 389 63.55 14.89 11.62
C GLU A 389 62.25 14.08 11.57
N VAL A 390 62.12 13.13 12.49
CA VAL A 390 60.97 12.25 12.52
C VAL A 390 59.89 12.67 13.51
N VAL A 391 58.68 12.88 13.00
CA VAL A 391 57.51 13.12 13.83
C VAL A 391 56.54 11.94 13.70
N ILE A 392 56.03 11.45 14.82
CA ILE A 392 55.27 10.21 14.76
C ILE A 392 53.92 10.32 15.38
N THR A 393 52.90 9.96 14.58
CA THR A 393 51.51 9.87 15.02
C THR A 393 51.03 8.43 14.94
N ASN A 394 50.57 7.89 16.06
CA ASN A 394 50.17 6.48 16.11
C ASN A 394 49.31 6.20 17.35
N TYR A 395 48.86 4.96 17.52
CA TYR A 395 48.03 4.58 18.69
C TYR A 395 48.72 4.57 20.05
N ALA A 396 50.03 4.84 20.09
CA ALA A 396 50.72 4.97 21.37
C ALA A 396 50.38 6.30 22.03
N GLY A 397 49.65 7.13 21.31
CA GLY A 397 49.09 8.33 21.90
C GLY A 397 49.90 9.57 21.64
N LEU A 398 50.94 9.48 20.84
CA LEU A 398 51.61 10.73 20.46
C LEU A 398 51.07 11.19 19.11
N TYR A 399 50.57 12.41 19.05
CA TYR A 399 50.08 12.98 17.79
C TYR A 399 50.89 14.22 17.48
N ARG A 400 51.52 14.22 16.29
CA ARG A 400 52.42 15.30 15.86
C ARG A 400 53.54 15.52 16.89
N TYR A 401 53.99 14.45 17.51
CA TYR A 401 55.07 14.56 18.50
C TYR A 401 56.43 14.42 17.81
N ARG A 402 57.31 15.39 18.01
CA ARG A 402 58.67 15.29 17.46
C ARG A 402 59.63 14.48 18.34
N LEU A 403 60.28 13.50 17.72
CA LEU A 403 61.08 12.52 18.43
C LEU A 403 62.53 13.01 18.61
N GLY A 404 63.01 13.84 17.69
CA GLY A 404 64.29 14.49 17.89
C GLY A 404 65.41 13.83 17.09
N ASP A 405 65.04 12.90 16.22
CA ASP A 405 66.00 12.09 15.46
C ASP A 405 66.00 12.35 13.97
N VAL A 406 67.20 12.38 13.40
CA VAL A 406 67.43 12.58 11.97
C VAL A 406 67.53 11.27 11.21
N VAL A 407 66.78 11.11 10.12
CA VAL A 407 66.83 9.87 9.31
C VAL A 407 67.14 10.19 7.85
N LYS A 408 67.77 9.28 7.09
CA LYS A 408 68.13 9.44 5.66
C LYS A 408 67.33 8.57 4.68
N VAL A 409 66.89 9.17 3.59
CA VAL A 409 66.09 8.43 2.60
C VAL A 409 66.94 7.83 1.49
N ILE A 410 67.08 6.50 1.51
CA ILE A 410 68.00 5.85 0.57
C ILE A 410 67.29 5.53 -0.72
N GLY A 411 65.96 5.35 -0.65
CA GLY A 411 65.20 4.90 -1.79
C GLY A 411 63.75 4.50 -1.53
N PHE A 412 63.16 3.84 -2.52
CA PHE A 412 61.75 3.51 -2.40
C PHE A 412 61.50 2.04 -2.77
N TYR A 413 60.88 1.29 -1.87
CA TYR A 413 60.36 -0.05 -2.22
C TYR A 413 58.99 0.11 -2.85
N ASN A 414 58.91 0.02 -4.17
CA ASN A 414 57.68 0.33 -4.88
C ASN A 414 57.16 1.71 -4.50
N ASN A 415 55.97 1.80 -3.93
CA ASN A 415 55.46 3.11 -3.55
C ASN A 415 55.75 3.48 -2.11
N THR A 416 56.59 2.69 -1.44
CA THR A 416 56.92 2.97 -0.04
C THR A 416 58.39 3.42 0.09
N PRO A 417 58.66 4.38 0.98
CA PRO A 417 59.98 4.99 1.23
C PRO A 417 60.92 4.13 2.04
N GLN A 418 62.23 4.22 1.80
CA GLN A 418 63.24 3.55 2.64
C GLN A 418 64.08 4.54 3.45
N LEU A 419 64.41 4.15 4.67
CA LEU A 419 65.12 5.02 5.58
C LEU A 419 66.30 4.31 6.20
N LYS A 420 67.40 5.04 6.39
CA LYS A 420 68.67 4.51 6.88
C LYS A 420 69.15 5.36 8.07
N PHE A 421 69.99 4.76 8.89
CA PHE A 421 70.39 5.28 10.18
C PHE A 421 71.91 5.38 10.34
N ILE A 422 72.38 6.58 10.64
CA ILE A 422 73.81 6.79 10.93
C ILE A 422 73.87 7.51 12.25
N CYS A 423 72.81 7.34 13.04
CA CYS A 423 72.55 8.20 14.18
C CYS A 423 73.44 7.96 15.41
N ARG A 424 73.59 9.01 16.21
CA ARG A 424 74.43 9.00 17.40
C ARG A 424 73.55 9.14 18.65
N ARG A 425 73.17 10.36 18.98
CA ARG A 425 72.22 10.61 20.08
C ARG A 425 71.37 11.79 19.67
N ASN A 426 70.07 11.53 19.53
CA ASN A 426 69.14 12.53 19.07
C ASN A 426 68.66 13.38 20.25
N LEU A 427 69.58 14.09 20.87
CA LEU A 427 69.22 14.71 22.12
C LEU A 427 70.04 15.92 22.53
N ILE A 428 69.39 16.72 23.36
CA ILE A 428 70.00 17.79 24.10
C ILE A 428 69.60 17.53 25.52
N LEU A 429 70.43 17.99 26.44
CA LEU A 429 70.20 17.81 27.86
C LEU A 429 69.46 19.02 28.44
N SER A 430 68.64 18.78 29.47
CA SER A 430 68.12 19.86 30.30
C SER A 430 68.45 19.55 31.76
N ILE A 431 68.26 20.53 32.66
CA ILE A 431 68.51 20.31 34.06
C ILE A 431 67.60 19.21 34.57
N ASN A 432 68.22 18.19 35.15
CA ASN A 432 67.55 16.98 35.60
C ASN A 432 66.84 17.17 36.94
N ILE A 433 65.94 16.24 37.29
CA ILE A 433 65.26 16.33 38.58
C ILE A 433 65.43 15.09 39.44
N ASP A 434 66.09 14.09 38.88
CA ASP A 434 66.26 12.83 39.55
C ASP A 434 67.65 12.71 40.16
N LYS A 435 68.28 13.87 40.42
CA LYS A 435 69.72 13.93 40.70
C LYS A 435 69.99 14.93 41.85
N ASN A 436 71.00 14.77 42.71
CA ASN A 436 71.93 13.65 42.80
C ASN A 436 72.69 13.44 41.53
N THR A 437 73.37 14.47 41.03
CA THR A 437 73.94 14.47 39.68
C THR A 437 74.31 13.10 39.14
N GLU A 438 74.11 12.93 37.83
CA GLU A 438 74.52 11.73 37.14
C GLU A 438 75.94 11.37 37.61
N ARG A 439 76.83 12.36 37.64
CA ARG A 439 78.17 12.17 38.22
C ARG A 439 78.09 11.42 39.55
N ASP A 440 77.27 11.97 40.47
CA ASP A 440 77.04 11.37 41.77
C ASP A 440 76.47 9.98 41.62
N LEU A 441 75.46 9.85 40.77
CA LEU A 441 74.81 8.57 40.61
C LEU A 441 75.80 7.62 39.96
N GLN A 442 76.52 8.08 38.94
CA GLN A 442 77.56 7.27 38.36
C GLN A 442 78.66 6.97 39.42
N LEU A 443 79.08 8.01 40.14
CA LEU A 443 79.96 7.86 41.31
C LEU A 443 79.38 6.94 42.34
N SER A 444 78.06 7.01 42.51
CA SER A 444 77.39 6.19 43.53
C SER A 444 77.53 4.72 43.22
N VAL A 445 77.15 4.41 41.99
CA VAL A 445 77.28 3.06 41.50
C VAL A 445 78.77 2.69 41.54
N GLU A 446 79.66 3.59 41.13
CA GLU A 446 81.08 3.24 41.02
C GLU A 446 81.68 2.91 42.38
N SER A 447 81.41 3.74 43.37
CA SER A 447 82.02 3.54 44.70
C SER A 447 81.55 2.26 45.40
N ALA A 448 80.27 1.95 45.26
CA ALA A 448 79.70 0.73 45.84
C ALA A 448 80.05 -0.51 45.00
N ALA A 449 80.34 -0.34 43.72
CA ALA A 449 80.58 -1.47 42.84
C ALA A 449 81.92 -2.16 43.17
N LYS A 450 82.84 -1.37 43.70
CA LYS A 450 84.16 -1.80 44.13
C LYS A 450 84.05 -2.98 45.10
N ARG A 451 83.02 -2.94 45.93
CA ARG A 451 82.82 -4.04 46.84
C ARG A 451 82.56 -5.34 46.07
N LEU A 452 81.73 -5.31 45.03
CA LEU A 452 81.57 -6.50 44.20
C LEU A 452 82.76 -6.74 43.30
N SER A 453 83.65 -5.76 43.17
CA SER A 453 84.84 -5.89 42.37
C SER A 453 85.87 -6.80 43.04
N GLU A 454 85.71 -7.13 44.34
CA GLU A 454 86.65 -8.08 44.94
C GLU A 454 86.46 -9.45 44.29
N GLU A 455 85.22 -9.68 43.82
CA GLU A 455 84.91 -10.84 42.99
C GLU A 455 85.35 -10.53 41.55
N LYS A 456 85.92 -9.34 41.38
CA LYS A 456 86.56 -8.94 40.15
C LYS A 456 85.54 -8.97 39.02
N ILE A 457 84.34 -8.52 39.33
CA ILE A 457 83.26 -8.46 38.34
C ILE A 457 82.88 -6.96 38.20
N GLU A 458 82.75 -6.50 36.96
CA GLU A 458 82.46 -5.09 36.65
C GLU A 458 81.01 -4.83 36.12
N VAL A 459 80.44 -3.74 36.62
CA VAL A 459 79.06 -3.33 36.40
C VAL A 459 78.83 -2.61 35.04
N ILE A 460 77.89 -3.15 34.26
CA ILE A 460 77.72 -2.72 32.88
C ILE A 460 76.81 -1.50 32.84
N ASP A 461 75.81 -1.48 33.73
CA ASP A 461 74.84 -0.36 33.73
C ASP A 461 74.02 -0.24 35.06
N PHE A 462 73.32 0.86 35.25
CA PHE A 462 72.73 1.16 36.58
C PHE A 462 71.57 2.14 36.43
N SER A 463 70.84 2.37 37.52
CA SER A 463 69.66 3.25 37.49
C SER A 463 69.08 3.50 38.89
N SER A 464 68.14 4.43 38.98
CA SER A 464 67.53 4.73 40.27
C SER A 464 66.06 5.14 40.22
N TYR A 465 65.35 4.99 41.35
CA TYR A 465 63.90 5.23 41.40
C TYR A 465 63.41 5.84 42.69
N ILE A 466 62.43 6.73 42.57
CA ILE A 466 61.76 7.27 43.74
C ILE A 466 60.31 6.82 43.75
N ASP A 467 59.92 6.21 44.87
CA ASP A 467 58.60 5.67 45.06
C ASP A 467 57.87 6.55 46.08
N VAL A 468 56.83 7.26 45.63
CA VAL A 468 56.13 8.18 46.52
C VAL A 468 54.80 7.55 46.98
N SER A 469 54.58 6.31 46.54
CA SER A 469 53.46 5.53 47.05
C SER A 469 53.62 5.26 48.54
N THR A 470 54.82 4.78 48.93
CA THR A 470 55.11 4.43 50.33
C THR A 470 55.32 5.67 51.18
N ASP A 471 54.99 5.60 52.47
CA ASP A 471 55.35 6.66 53.42
C ASP A 471 56.23 6.08 54.53
N PRO A 472 57.46 6.59 54.67
CA PRO A 472 58.15 7.56 53.81
C PRO A 472 58.42 7.02 52.40
N GLY A 473 58.37 7.89 51.38
CA GLY A 473 58.76 7.51 50.03
C GLY A 473 60.17 6.93 50.09
N HIS A 474 60.45 5.91 49.30
CA HIS A 474 61.76 5.25 49.43
C HIS A 474 62.46 5.20 48.09
N TYR A 475 63.77 5.41 48.12
CA TYR A 475 64.52 5.39 46.88
C TYR A 475 64.86 3.97 46.45
N ALA A 476 65.01 3.78 45.14
CA ALA A 476 65.32 2.47 44.60
C ALA A 476 66.46 2.59 43.62
N ILE A 477 67.51 1.81 43.83
CA ILE A 477 68.61 1.78 42.88
C ILE A 477 68.56 0.47 42.13
N PHE A 478 68.90 0.51 40.84
CA PHE A 478 68.94 -0.67 40.01
C PHE A 478 70.38 -0.87 39.56
N TRP A 479 70.86 -2.08 39.76
CA TRP A 479 72.25 -2.44 39.53
C TRP A 479 72.42 -3.59 38.58
N GLU A 480 73.24 -3.41 37.54
CA GLU A 480 73.43 -4.42 36.51
C GLU A 480 74.91 -4.77 36.36
N ILE A 481 75.30 -5.94 36.87
CA ILE A 481 76.69 -6.35 36.93
C ILE A 481 76.91 -7.72 36.19
N SER A 482 78.14 -8.05 35.79
CA SER A 482 78.29 -9.23 34.88
C SER A 482 78.16 -10.58 35.58
N GLY A 483 78.19 -10.56 36.91
CA GLY A 483 78.34 -11.81 37.65
C GLY A 483 77.69 -11.87 39.02
N GLU A 484 77.37 -13.11 39.40
CA GLU A 484 76.62 -13.41 40.65
C GLU A 484 77.54 -13.32 41.88
N THR A 485 76.93 -13.06 43.04
CA THR A 485 77.65 -12.91 44.32
C THR A 485 76.70 -13.07 45.51
N ASN A 486 77.23 -13.14 46.73
CA ASN A 486 76.39 -13.30 47.91
C ASN A 486 75.56 -12.03 48.27
N GLU A 487 74.69 -12.15 49.25
CA GLU A 487 73.82 -11.04 49.63
C GLU A 487 74.49 -10.00 50.49
N ASP A 488 75.40 -10.45 51.36
CA ASP A 488 76.02 -9.51 52.35
C ASP A 488 76.67 -8.33 51.62
N VAL A 489 77.32 -8.65 50.49
CA VAL A 489 78.06 -7.67 49.71
C VAL A 489 77.09 -6.67 49.02
N LEU A 490 75.91 -7.14 48.61
CA LEU A 490 74.92 -6.24 47.98
C LEU A 490 74.26 -5.34 48.98
N GLN A 491 74.05 -5.87 50.18
CA GLN A 491 73.60 -5.08 51.31
C GLN A 491 74.61 -3.96 51.57
N ASP A 492 75.90 -4.34 51.67
CA ASP A 492 76.95 -3.34 51.82
C ASP A 492 76.87 -2.28 50.68
N CYS A 493 76.66 -2.73 49.44
CA CYS A 493 76.61 -1.84 48.28
C CYS A 493 75.48 -0.81 48.33
N CYS A 494 74.31 -1.25 48.76
CA CYS A 494 73.17 -0.41 49.02
C CYS A 494 73.50 0.68 49.99
N ASN A 495 74.17 0.33 51.07
CA ASN A 495 74.68 1.31 52.05
C ASN A 495 75.55 2.39 51.43
N CYS A 496 76.45 1.96 50.55
CA CYS A 496 77.43 2.87 49.93
C CYS A 496 76.75 3.79 48.94
N LEU A 497 75.77 3.29 48.23
CA LEU A 497 74.96 4.14 47.32
C LEU A 497 74.41 5.37 48.05
N ASP A 498 73.72 5.14 49.17
CA ASP A 498 73.40 6.19 50.12
C ASP A 498 74.63 7.01 50.51
N ARG A 499 75.73 6.29 50.77
CA ARG A 499 76.96 6.85 51.26
C ARG A 499 77.72 7.54 50.15
N ALA A 500 77.34 7.24 48.92
CA ALA A 500 78.09 7.70 47.75
C ALA A 500 77.56 9.02 47.17
N PHE A 501 76.26 9.24 47.32
CA PHE A 501 75.62 10.51 47.00
C PHE A 501 76.21 11.58 47.95
N ILE A 502 77.15 12.39 47.48
CA ILE A 502 77.89 13.23 48.42
C ILE A 502 77.16 14.49 48.96
N ASP A 503 75.96 14.79 48.45
CA ASP A 503 75.36 16.09 48.77
C ASP A 503 74.68 16.15 50.11
N ALA A 504 74.75 17.36 50.68
CA ALA A 504 74.09 17.80 51.90
C ALA A 504 72.64 17.44 52.09
N GLY A 505 71.84 17.66 51.06
CA GLY A 505 70.38 17.58 51.21
C GLY A 505 69.76 16.21 51.23
N TYR A 506 70.35 15.32 50.43
CA TYR A 506 70.12 13.91 50.51
C TYR A 506 70.14 13.53 51.96
N VAL A 507 71.23 13.97 52.57
CA VAL A 507 71.57 13.66 53.92
C VAL A 507 70.60 14.15 54.97
N SER A 508 70.15 15.38 54.85
CA SER A 508 69.29 15.84 55.90
C SER A 508 68.02 14.98 55.96
N SER A 509 67.50 14.56 54.82
CA SER A 509 66.21 13.89 54.83
C SER A 509 66.23 12.39 55.12
N ARG A 510 67.20 11.67 54.57
CA ARG A 510 67.19 10.23 54.81
C ARG A 510 67.68 9.99 56.23
N LYS A 511 68.47 10.94 56.75
CA LYS A 511 68.75 11.01 58.17
C LYS A 511 67.48 11.36 58.94
N CYS A 512 66.63 12.18 58.34
CA CYS A 512 65.38 12.50 59.00
C CYS A 512 64.33 11.45 58.61
N LYS A 513 64.58 10.74 57.52
CA LYS A 513 63.75 9.60 57.08
C LYS A 513 62.35 9.94 56.58
N THR A 514 62.13 11.18 56.17
CA THR A 514 60.92 11.60 55.45
C THR A 514 60.82 10.84 54.15
N ILE A 515 61.99 10.53 53.60
CA ILE A 515 62.12 9.63 52.48
C ILE A 515 62.87 8.36 52.92
N GLY A 516 62.37 7.19 52.53
CA GLY A 516 62.91 5.93 53.03
C GLY A 516 64.38 5.69 52.74
N ALA A 517 65.01 4.86 53.55
CA ALA A 517 66.34 4.35 53.22
C ALA A 517 66.40 3.95 51.77
N LEU A 518 67.40 4.44 51.06
CA LEU A 518 67.59 4.03 49.68
C LEU A 518 67.68 2.50 49.60
N GLU A 519 66.75 1.90 48.86
CA GLU A 519 66.75 0.46 48.62
C GLU A 519 67.51 0.15 47.34
N LEU A 520 68.55 -0.67 47.46
CA LEU A 520 69.28 -1.16 46.32
C LEU A 520 68.77 -2.51 45.94
N ARG A 521 68.10 -2.55 44.80
CA ARG A 521 67.53 -3.78 44.26
C ARG A 521 68.44 -4.20 43.13
N VAL A 522 69.17 -5.27 43.34
CA VAL A 522 70.16 -5.66 42.34
C VAL A 522 69.44 -6.43 41.25
N VAL A 523 69.55 -5.91 40.03
CA VAL A 523 68.93 -6.56 38.87
C VAL A 523 69.95 -7.34 38.08
N ALA A 524 69.46 -8.25 37.25
CA ALA A 524 70.32 -9.19 36.55
C ALA A 524 70.82 -8.66 35.22
N LYS A 525 71.94 -9.22 34.74
CA LYS A 525 72.71 -8.64 33.65
C LYS A 525 71.94 -8.68 32.35
N GLY A 526 72.14 -7.63 31.52
CA GLY A 526 71.49 -7.56 30.22
C GLY A 526 70.16 -6.84 30.21
N THR A 527 69.61 -6.56 31.40
CA THR A 527 68.38 -5.76 31.54
C THR A 527 68.46 -4.33 31.00
N PHE A 528 69.46 -3.56 31.42
CA PHE A 528 69.67 -2.24 30.85
C PHE A 528 70.15 -2.38 29.40
N ARG A 529 70.85 -3.47 29.09
CA ARG A 529 71.14 -3.73 27.70
C ARG A 529 69.84 -3.89 26.95
N LYS A 530 68.87 -4.52 27.60
CA LYS A 530 67.53 -4.70 27.02
C LYS A 530 66.93 -3.31 26.80
N ILE A 531 67.36 -2.37 27.63
CA ILE A 531 66.87 -1.03 27.48
C ILE A 531 67.60 -0.37 26.32
N GLN A 532 68.74 -0.89 25.91
CA GLN A 532 69.20 -0.50 24.57
C GLN A 532 68.42 -1.30 23.54
N GLU A 533 68.00 -2.52 23.91
CA GLU A 533 67.41 -3.41 22.90
C GLU A 533 66.15 -2.83 22.26
N HIS A 534 65.23 -2.26 23.03
CA HIS A 534 64.00 -1.70 22.43
C HIS A 534 64.16 -0.27 21.97
N PHE A 535 65.26 0.38 22.37
CA PHE A 535 65.48 1.81 22.16
C PHE A 535 66.08 2.14 20.80
N LEU A 536 67.24 1.55 20.47
CA LEU A 536 67.78 1.78 19.15
C LEU A 536 66.72 1.22 18.23
N GLY A 537 66.05 0.14 18.64
CA GLY A 537 64.96 -0.39 17.83
C GLY A 537 63.79 0.57 17.76
N LEU A 538 63.80 1.60 18.60
CA LEU A 538 62.60 2.41 18.79
C LEU A 538 62.24 3.29 17.58
N GLY A 539 61.01 3.16 17.11
CA GLY A 539 60.49 3.98 16.01
C GLY A 539 60.86 5.44 16.11
N SER A 540 61.70 5.87 15.17
CA SER A 540 62.36 7.17 15.19
C SER A 540 63.51 7.20 14.16
N SER A 541 64.73 7.37 14.63
CA SER A 541 65.92 7.21 13.78
C SER A 541 67.08 6.82 14.66
N ALA A 542 67.22 5.50 14.82
CA ALA A 542 68.38 4.85 15.44
C ALA A 542 68.85 5.41 16.77
N GLY A 543 69.32 6.65 16.74
CA GLY A 543 69.80 7.29 17.94
C GLY A 543 68.66 7.35 18.94
N GLN A 544 68.92 6.86 20.15
CA GLN A 544 68.01 6.88 21.31
C GLN A 544 68.87 6.34 22.44
N PHE A 545 70.07 6.87 22.61
CA PHE A 545 71.05 6.13 23.39
C PHE A 545 71.45 6.71 24.73
N LYS A 546 70.97 7.92 24.99
CA LYS A 546 71.09 8.51 26.30
C LYS A 546 69.94 7.99 27.17
N MET A 547 70.26 7.39 28.30
CA MET A 547 69.21 6.86 29.14
C MET A 547 69.15 7.65 30.45
N PRO A 548 67.95 8.09 30.85
CA PRO A 548 67.83 8.83 32.10
C PRO A 548 68.23 7.91 33.25
N ARG A 549 69.14 8.36 34.13
CA ARG A 549 69.73 7.49 35.15
C ARG A 549 68.84 7.19 36.38
N CYS A 550 67.99 8.12 36.80
CA CYS A 550 67.06 7.83 37.91
C CYS A 550 65.65 8.22 37.53
N VAL A 551 64.68 7.37 37.86
CA VAL A 551 63.30 7.59 37.39
C VAL A 551 62.37 8.07 38.52
N LYS A 552 61.78 9.26 38.35
CA LYS A 552 60.70 9.69 39.26
C LYS A 552 59.45 8.93 38.84
N PRO A 553 58.25 9.19 39.43
CA PRO A 553 57.08 8.57 38.82
C PRO A 553 56.79 9.15 37.45
N SER A 554 57.85 9.29 36.64
CA SER A 554 57.70 9.83 35.31
C SER A 554 58.30 8.89 34.29
N ASN A 555 58.81 7.75 34.75
CA ASN A 555 59.39 6.77 33.85
C ASN A 555 58.86 5.40 34.23
N ALA A 556 58.49 4.61 33.23
CA ALA A 556 57.65 3.44 33.47
C ALA A 556 58.05 2.18 32.72
N LYS A 557 58.56 2.32 31.51
CA LYS A 557 59.18 1.21 30.84
C LYS A 557 60.26 0.53 31.72
N VAL A 558 61.21 1.29 32.27
CA VAL A 558 62.30 0.77 33.12
C VAL A 558 61.69 0.11 34.37
N LEU A 559 60.60 0.70 34.83
CA LEU A 559 59.90 0.20 36.02
C LEU A 559 59.43 -1.26 35.92
N GLN A 560 58.64 -1.59 34.91
CA GLN A 560 58.18 -2.98 34.68
C GLN A 560 59.31 -3.96 34.77
N ILE A 561 60.40 -3.56 34.14
CA ILE A 561 61.66 -4.25 34.24
C ILE A 561 62.06 -4.41 35.69
N LEU A 562 61.78 -3.42 36.53
CA LEU A 562 62.53 -3.40 37.79
C LEU A 562 62.08 -4.42 38.87
N CYS A 563 60.79 -4.64 39.04
CA CYS A 563 60.29 -5.36 40.22
C CYS A 563 60.52 -6.86 40.28
N GLU A 564 60.11 -7.57 39.25
CA GLU A 564 60.00 -9.03 39.36
C GLU A 564 61.37 -9.72 39.31
N ASN A 565 62.33 -9.15 38.57
CA ASN A 565 63.70 -9.68 38.59
C ASN A 565 64.60 -8.97 39.55
N VAL A 566 64.16 -8.92 40.78
CA VAL A 566 65.01 -8.48 41.84
C VAL A 566 65.84 -9.71 42.24
N VAL A 567 67.04 -9.85 41.67
CA VAL A 567 67.90 -10.98 42.01
C VAL A 567 68.13 -10.87 43.50
N SER A 568 68.30 -9.64 43.95
CA SER A 568 68.45 -9.36 45.36
C SER A 568 67.78 -8.02 45.67
N SER A 569 66.95 -7.98 46.71
CA SER A 569 66.15 -6.82 47.06
C SER A 569 66.27 -6.49 48.54
N TYR A 570 67.03 -5.45 48.87
CA TYR A 570 67.39 -5.18 50.27
C TYR A 570 67.42 -3.70 50.70
N PHE A 571 67.15 -3.47 51.98
CA PHE A 571 67.22 -2.14 52.60
C PHE A 571 68.40 -2.03 53.55
N SER A 572 69.00 -0.85 53.59
CA SER A 572 70.22 -0.60 54.35
C SER A 572 70.09 -0.95 55.83
N THR A 573 71.01 -1.79 56.30
CA THR A 573 70.90 -2.32 57.63
C THR A 573 71.25 -1.23 58.61
N ALA A 574 72.00 -0.25 58.14
CA ALA A 574 72.34 0.89 58.99
C ALA A 574 71.06 1.70 59.22
N PHE A 575 71.20 2.86 59.83
CA PHE A 575 70.08 3.78 60.01
C PHE A 575 69.06 3.12 60.90
N LEU B 10 12.01 25.89 35.94
CA LEU B 10 12.85 24.74 36.24
C LEU B 10 12.24 23.38 35.81
N PRO B 11 12.97 22.65 34.96
CA PRO B 11 12.55 21.32 34.49
C PRO B 11 12.49 20.33 35.65
N ILE B 12 11.43 19.52 35.72
CA ILE B 12 11.36 18.56 36.81
C ILE B 12 11.66 17.16 36.26
N LEU B 13 12.56 16.45 36.92
CA LEU B 13 12.88 15.09 36.50
C LEU B 13 12.37 14.08 37.52
N LEU B 14 11.50 13.17 37.08
CA LEU B 14 11.05 12.07 37.93
C LEU B 14 12.01 10.85 37.81
N ASP B 15 12.73 10.56 38.88
CA ASP B 15 13.81 9.57 38.79
C ASP B 15 13.77 8.49 39.87
N TYR B 16 14.23 7.30 39.50
CA TYR B 16 14.43 6.20 40.42
C TYR B 16 15.93 6.21 40.80
N TRP B 17 16.23 6.40 42.08
CA TRP B 17 17.64 6.43 42.48
C TRP B 17 18.45 5.18 42.02
N PRO B 18 17.86 3.96 42.06
CA PRO B 18 18.70 2.83 41.61
C PRO B 18 18.71 2.62 40.08
N SER B 19 17.68 3.12 39.42
CA SER B 19 17.63 3.01 37.96
C SER B 19 18.80 3.69 37.27
N MET B 20 19.43 3.00 36.34
CA MET B 20 20.63 3.53 35.71
C MET B 20 20.35 4.61 34.68
N PHE B 21 19.23 4.47 33.98
CA PHE B 21 18.83 5.45 32.98
C PHE B 21 18.55 6.79 33.64
N GLY B 22 17.95 6.76 34.81
CA GLY B 22 17.64 8.00 35.49
C GLY B 22 18.90 8.78 35.82
N MET B 23 19.96 8.07 36.22
CA MET B 23 21.27 8.66 36.50
C MET B 23 21.82 9.40 35.26
N ARG B 24 21.48 8.90 34.08
CA ARG B 24 22.05 9.47 32.86
C ARG B 24 21.48 10.84 32.58
N ALA B 25 20.17 10.97 32.72
CA ALA B 25 19.51 12.26 32.72
C ALA B 25 20.09 13.15 33.82
N ARG B 26 20.36 12.56 34.98
CA ARG B 26 20.91 13.33 36.08
C ARG B 26 22.28 13.81 35.67
N VAL B 27 23.08 12.93 35.06
CA VAL B 27 24.42 13.31 34.61
C VAL B 27 24.34 14.45 33.58
N ALA B 28 23.36 14.33 32.68
CA ALA B 28 23.18 15.26 31.57
C ALA B 28 22.94 16.70 32.04
N LEU B 29 22.01 16.85 32.98
CA LEU B 29 21.67 18.14 33.56
C LEU B 29 22.79 18.71 34.43
N ARG B 30 23.58 17.86 35.05
CA ARG B 30 24.68 18.34 35.89
C ARG B 30 25.88 18.68 35.03
N GLU B 31 26.06 17.95 33.93
CA GLU B 31 27.13 18.22 32.97
C GLU B 31 26.91 19.60 32.35
N LYS B 32 25.67 19.92 31.99
CA LYS B 32 25.39 21.19 31.34
C LYS B 32 25.50 22.40 32.31
N GLY B 33 25.08 22.20 33.56
CA GLY B 33 25.09 23.29 34.52
C GLY B 33 23.71 23.91 34.61
N VAL B 34 22.72 23.13 34.20
CA VAL B 34 21.32 23.52 34.27
C VAL B 34 20.65 22.94 35.51
N GLU B 35 20.25 23.84 36.40
CA GLU B 35 19.63 23.42 37.66
C GLU B 35 18.28 22.74 37.42
N PHE B 36 18.00 21.74 38.25
CA PHE B 36 16.74 21.01 38.17
C PHE B 36 16.32 20.62 39.58
N GLU B 37 15.06 20.24 39.72
CA GLU B 37 14.57 19.63 40.94
C GLU B 37 14.46 18.11 40.72
N TYR B 38 15.11 17.32 41.56
CA TYR B 38 14.98 15.87 41.48
C TYR B 38 13.69 15.37 42.14
N ARG B 39 12.98 14.44 41.48
CA ARG B 39 11.79 13.79 42.06
C ARG B 39 11.97 12.25 42.12
N GLU B 40 11.92 11.74 43.35
CA GLU B 40 12.04 10.33 43.55
C GLU B 40 10.67 9.65 43.33
N GLU B 41 10.63 8.70 42.41
CA GLU B 41 9.42 7.98 42.15
C GLU B 41 9.41 6.60 42.84
N ASP B 42 8.30 6.30 43.52
CA ASP B 42 8.10 5.01 44.15
C ASP B 42 7.08 4.22 43.32
N PHE B 43 7.44 3.01 42.91
CA PHE B 43 6.58 2.25 41.98
C PHE B 43 5.24 1.91 42.66
N SER B 44 5.30 1.84 44.00
CA SER B 44 4.17 1.55 44.83
C SER B 44 3.04 2.55 44.75
N ASN B 45 3.38 3.83 44.91
CA ASN B 45 2.42 4.92 44.78
C ASN B 45 2.99 6.03 43.89
N LYS B 46 3.05 5.78 42.59
CA LYS B 46 3.69 6.70 41.67
C LYS B 46 2.95 8.07 41.60
N SER B 47 3.68 9.16 41.40
CA SER B 47 3.06 10.49 41.40
C SER B 47 2.06 10.62 40.24
N PRO B 48 1.04 11.49 40.41
CA PRO B 48 0.08 11.77 39.32
C PRO B 48 0.78 12.19 38.03
N LEU B 49 1.88 12.96 38.12
CA LEU B 49 2.56 13.46 36.94
C LEU B 49 3.15 12.34 36.06
N LEU B 50 3.80 11.35 36.66
CA LEU B 50 4.37 10.26 35.90
C LEU B 50 3.27 9.52 35.15
N LEU B 51 2.11 9.34 35.81
CA LEU B 51 1.02 8.65 35.19
C LEU B 51 0.42 9.54 34.14
N GLN B 52 0.44 10.85 34.41
CA GLN B 52 -0.11 11.84 33.49
C GLN B 52 0.82 12.05 32.30
N SER B 53 2.10 12.19 32.56
CA SER B 53 3.10 12.26 31.51
C SER B 53 3.17 10.96 30.71
N ASN B 54 3.24 9.85 31.43
CA ASN B 54 3.27 8.52 30.78
C ASN B 54 2.09 7.66 31.15
N PRO B 55 0.99 7.73 30.37
CA PRO B 55 -0.27 7.00 30.52
C PRO B 55 -0.17 5.48 30.38
N ILE B 56 0.72 4.98 29.53
CA ILE B 56 0.79 3.53 29.28
C ILE B 56 2.08 2.90 29.85
N HIS B 57 3.21 3.52 29.51
CA HIS B 57 4.53 2.97 29.75
C HIS B 57 5.03 3.13 31.20
N LYS B 58 4.55 4.17 31.88
CA LYS B 58 4.89 4.48 33.27
C LYS B 58 6.40 4.35 33.64
N LYS B 59 7.29 4.79 32.75
CA LYS B 59 8.73 4.59 32.98
C LYS B 59 9.57 5.89 33.17
N ILE B 60 10.27 5.97 34.29
CA ILE B 60 11.28 7.01 34.52
C ILE B 60 12.49 6.87 33.57
N PRO B 61 13.28 7.96 33.37
CA PRO B 61 13.04 9.30 33.92
C PRO B 61 12.37 10.23 32.93
N VAL B 62 11.25 10.84 33.33
CA VAL B 62 10.55 11.80 32.47
C VAL B 62 10.90 13.25 32.85
N LEU B 63 11.30 14.03 31.86
CA LEU B 63 11.63 15.43 32.10
C LEU B 63 10.53 16.31 31.53
N VAL B 64 10.09 17.31 32.30
CA VAL B 64 9.11 18.24 31.79
C VAL B 64 9.75 19.61 31.67
N HIS B 65 9.86 20.07 30.45
CA HIS B 65 10.44 21.34 30.18
C HIS B 65 9.44 22.13 29.36
N ASN B 66 9.19 23.39 29.74
CA ASN B 66 8.14 24.21 29.12
C ASN B 66 6.74 23.64 29.32
N GLY B 67 6.55 22.78 30.33
CA GLY B 67 5.26 22.15 30.52
C GLY B 67 5.04 21.08 29.46
N LYS B 68 6.14 20.68 28.83
CA LYS B 68 6.18 19.61 27.86
C LYS B 68 7.09 18.47 28.35
N PRO B 69 6.51 17.28 28.61
CA PRO B 69 7.25 16.16 29.20
C PRO B 69 7.93 15.26 28.16
N VAL B 70 9.25 15.14 28.24
CA VAL B 70 9.96 14.22 27.37
C VAL B 70 10.20 12.89 28.10
N CYS B 71 10.14 11.78 27.37
CA CYS B 71 10.22 10.50 28.01
C CYS B 71 11.43 9.77 27.41
N GLU B 72 11.74 8.56 27.88
CA GLU B 72 13.05 7.88 27.74
C GLU B 72 14.27 8.68 28.19
N SER B 73 15.15 8.01 28.91
CA SER B 73 16.40 8.66 29.33
C SER B 73 17.31 9.09 28.16
N LEU B 74 17.48 8.23 27.15
CA LEU B 74 18.40 8.53 26.02
C LEU B 74 17.77 9.66 25.26
N ASN B 75 16.46 9.60 25.17
CA ASN B 75 15.72 10.67 24.61
C ASN B 75 15.92 11.93 25.40
N VAL B 76 15.88 11.78 26.73
CA VAL B 76 16.13 12.92 27.59
C VAL B 76 17.46 13.49 27.15
N VAL B 77 18.47 12.63 27.02
CA VAL B 77 19.81 13.03 26.58
C VAL B 77 19.89 13.67 25.19
N GLN B 78 19.35 12.98 24.20
CA GLN B 78 19.29 13.55 22.85
C GLN B 78 18.48 14.88 22.82
N TYR B 79 17.32 14.89 23.49
CA TYR B 79 16.52 16.11 23.61
C TYR B 79 17.28 17.14 24.37
N VAL B 80 17.99 16.70 25.42
CA VAL B 80 18.70 17.65 26.24
C VAL B 80 19.84 18.27 25.45
N ASP B 81 20.48 17.51 24.55
CA ASP B 81 21.65 18.07 23.85
C ASP B 81 21.23 19.18 22.90
N GLU B 82 20.16 18.95 22.16
CA GLU B 82 19.74 19.91 21.16
C GLU B 82 18.96 21.10 21.71
N ALA B 83 18.36 20.97 22.89
CA ALA B 83 17.52 22.04 23.43
C ALA B 83 18.38 23.08 24.14
N TRP B 84 19.62 22.70 24.42
CA TRP B 84 20.68 23.59 24.88
C TRP B 84 22.00 23.21 24.18
N PRO B 85 22.16 23.57 22.89
CA PRO B 85 23.38 23.21 22.16
C PRO B 85 24.43 24.29 22.20
N GLU B 86 24.21 25.31 23.03
CA GLU B 86 25.04 26.51 23.04
C GLU B 86 26.36 26.34 23.77
N LYS B 87 26.36 25.70 24.93
CA LYS B 87 27.59 25.56 25.70
C LYS B 87 28.29 24.22 25.47
N ASN B 88 27.57 23.12 25.69
CA ASN B 88 28.17 21.78 25.55
C ASN B 88 27.54 20.96 24.43
N PRO B 89 28.38 20.52 23.48
CA PRO B 89 27.96 19.57 22.44
C PRO B 89 28.24 18.11 22.84
N PHE B 90 27.20 17.31 23.09
CA PHE B 90 27.47 15.91 23.37
C PHE B 90 27.90 15.18 22.10
N PHE B 91 27.41 15.63 20.94
CA PHE B 91 27.61 14.90 19.66
C PHE B 91 28.64 15.58 18.73
N PRO B 92 29.27 14.81 17.81
CA PRO B 92 30.14 15.53 16.86
C PRO B 92 29.31 16.35 15.85
N SER B 93 29.96 17.30 15.18
CA SER B 93 29.26 18.10 14.17
C SER B 93 28.85 17.23 12.99
N ASP B 94 29.73 16.33 12.59
CA ASP B 94 29.48 15.51 11.39
C ASP B 94 28.34 14.53 11.62
N PRO B 95 27.52 14.31 10.56
CA PRO B 95 26.42 13.35 10.64
C PRO B 95 26.92 11.92 10.87
N TYR B 96 28.05 11.54 10.28
CA TYR B 96 28.47 10.13 10.37
C TYR B 96 29.09 9.81 11.72
N GLY B 97 29.72 10.79 12.35
CA GLY B 97 30.31 10.54 13.66
C GLY B 97 29.18 10.23 14.59
N ARG B 98 28.09 10.96 14.40
CA ARG B 98 26.85 10.73 15.13
C ARG B 98 26.21 9.41 14.68
N ALA B 99 26.57 8.93 13.48
CA ALA B 99 26.13 7.58 13.07
C ALA B 99 26.63 6.49 14.05
N GLN B 100 27.88 6.60 14.45
CA GLN B 100 28.40 5.66 15.43
C GLN B 100 27.66 5.90 16.77
N ALA B 101 27.22 7.14 16.97
CA ALA B 101 26.63 7.57 18.24
C ALA B 101 25.43 6.73 18.62
N ARG B 102 24.38 6.86 17.80
CA ARG B 102 23.13 6.16 18.00
C ARG B 102 23.31 4.66 17.98
N PHE B 103 24.21 4.20 17.11
CA PHE B 103 24.51 2.77 16.99
C PHE B 103 25.11 2.28 18.28
N TRP B 104 25.99 3.07 18.88
CA TRP B 104 26.70 2.62 20.06
C TRP B 104 25.86 2.78 21.31
N ALA B 105 25.03 3.82 21.34
CA ALA B 105 24.01 3.92 22.37
C ALA B 105 23.14 2.66 22.31
N ASP B 106 22.75 2.27 21.09
CA ASP B 106 21.83 1.16 20.90
C ASP B 106 22.50 -0.11 21.32
N PHE B 107 23.78 -0.26 20.94
CA PHE B 107 24.60 -1.38 21.42
C PHE B 107 24.49 -1.48 22.94
N VAL B 108 24.95 -0.46 23.66
CA VAL B 108 25.04 -0.56 25.14
C VAL B 108 23.62 -0.78 25.70
N ASP B 109 22.63 -0.15 25.10
CA ASP B 109 21.26 -0.25 25.64
C ASP B 109 20.58 -1.64 25.63
N LYS B 110 20.96 -2.54 24.72
CA LYS B 110 20.23 -3.82 24.69
C LYS B 110 21.09 -4.98 25.19
N LYS B 111 22.10 -5.31 24.41
CA LYS B 111 23.00 -6.36 24.76
C LYS B 111 23.62 -6.16 26.15
N PHE B 112 24.24 -4.99 26.38
CA PHE B 112 24.94 -4.69 27.65
C PHE B 112 23.95 -4.74 28.80
N THR B 113 22.74 -4.24 28.54
CA THR B 113 21.73 -4.16 29.59
C THR B 113 21.17 -5.54 29.85
N ASP B 114 21.06 -6.34 28.80
CA ASP B 114 20.60 -7.72 28.89
C ASP B 114 21.63 -8.56 29.63
N ALA B 115 22.90 -8.46 29.22
CA ALA B 115 23.95 -9.21 29.93
C ALA B 115 23.93 -8.89 31.41
N GLN B 116 24.07 -7.62 31.74
CA GLN B 116 24.24 -7.26 33.14
C GLN B 116 23.04 -7.60 34.01
N PHE B 117 21.83 -7.36 33.49
CA PHE B 117 20.64 -7.70 34.26
C PHE B 117 20.64 -9.19 34.68
N LYS B 118 21.19 -10.05 33.83
CA LYS B 118 21.31 -11.44 34.21
C LYS B 118 22.31 -11.61 35.36
N VAL B 119 23.32 -10.74 35.37
CA VAL B 119 24.39 -10.87 36.33
C VAL B 119 23.91 -10.47 37.73
N TRP B 120 23.13 -9.39 37.83
CA TRP B 120 22.67 -8.97 39.15
C TRP B 120 21.24 -9.45 39.45
N GLY B 121 20.53 -9.89 38.42
CA GLY B 121 19.11 -10.26 38.55
C GLY B 121 18.72 -11.71 38.29
N LYS B 122 19.71 -12.56 38.04
CA LYS B 122 19.43 -13.99 37.76
C LYS B 122 20.42 -14.95 38.41
N LYS B 123 20.08 -16.24 38.37
CA LYS B 123 20.90 -17.27 39.01
C LYS B 123 21.22 -18.44 38.06
N GLY B 124 22.16 -19.30 38.45
CA GLY B 124 22.56 -20.44 37.67
C GLY B 124 23.17 -20.08 36.32
N GLU B 125 22.69 -20.71 35.26
CA GLU B 125 23.30 -20.65 33.92
C GLU B 125 23.22 -19.23 33.36
N GLU B 126 22.14 -18.55 33.70
CA GLU B 126 21.96 -17.14 33.35
C GLU B 126 23.13 -16.27 33.83
N GLN B 127 23.56 -16.47 35.07
CA GLN B 127 24.77 -15.79 35.56
C GLN B 127 25.90 -16.11 34.60
N GLU B 128 26.22 -17.41 34.47
CA GLU B 128 27.33 -17.86 33.64
C GLU B 128 27.30 -17.31 32.20
N ALA B 129 26.12 -17.37 31.57
CA ALA B 129 25.93 -16.87 30.23
C ALA B 129 26.14 -15.35 30.21
N GLY B 130 25.49 -14.67 31.16
CA GLY B 130 25.68 -13.25 31.40
C GLY B 130 27.11 -12.81 31.64
N LYS B 131 27.86 -13.58 32.43
CA LYS B 131 29.28 -13.33 32.67
C LYS B 131 30.07 -13.22 31.36
N LYS B 132 30.19 -14.34 30.65
CA LYS B 132 30.93 -14.40 29.38
C LYS B 132 30.43 -13.40 28.34
N GLU B 133 29.12 -13.24 28.28
CA GLU B 133 28.49 -12.25 27.41
C GLU B 133 28.93 -10.82 27.78
N PHE B 134 28.88 -10.52 29.09
CA PHE B 134 29.22 -9.21 29.61
C PHE B 134 30.68 -8.95 29.35
N ILE B 135 31.53 -9.86 29.84
CA ILE B 135 32.96 -9.73 29.59
C ILE B 135 33.24 -9.53 28.08
N GLU B 136 32.48 -10.19 27.23
CA GLU B 136 32.74 -10.06 25.78
C GLU B 136 32.29 -8.68 25.32
N ALA B 137 31.09 -8.31 25.75
CA ALA B 137 30.53 -6.98 25.44
C ALA B 137 31.49 -5.88 25.83
N VAL B 138 31.96 -5.98 27.07
CA VAL B 138 32.90 -5.02 27.62
C VAL B 138 34.20 -5.05 26.82
N LYS B 139 34.56 -6.24 26.33
CA LYS B 139 35.77 -6.39 25.55
C LYS B 139 35.61 -5.69 24.20
N ILE B 140 34.43 -5.90 23.61
CA ILE B 140 34.08 -5.31 22.33
C ILE B 140 34.16 -3.82 22.37
N LEU B 141 33.60 -3.24 23.43
CA LEU B 141 33.72 -1.81 23.63
C LEU B 141 35.21 -1.52 23.61
N GLU B 142 35.97 -2.15 24.53
CA GLU B 142 37.41 -1.89 24.61
C GLU B 142 38.09 -1.97 23.23
N SER B 143 37.90 -3.07 22.51
CA SER B 143 38.61 -3.30 21.22
C SER B 143 38.21 -2.37 20.09
N GLU B 144 36.93 -2.01 20.06
CA GLU B 144 36.39 -1.13 19.03
C GLU B 144 36.80 0.30 19.30
N LEU B 145 36.74 0.64 20.57
CA LEU B 145 37.10 1.96 21.02
C LEU B 145 38.64 2.11 21.00
N GLY B 146 39.34 1.02 21.31
CA GLY B 146 40.79 0.99 21.19
C GLY B 146 41.54 1.93 22.12
N ASP B 147 41.43 3.24 21.83
CA ASP B 147 42.20 4.25 22.56
C ASP B 147 41.53 5.64 22.64
N LYS B 148 40.37 5.68 23.29
CA LYS B 148 39.45 6.84 23.27
C LYS B 148 39.07 7.35 24.68
N PRO B 149 39.29 8.66 24.95
CA PRO B 149 39.09 9.13 26.34
C PRO B 149 37.62 9.26 26.67
N TYR B 150 36.87 9.77 25.69
CA TYR B 150 35.42 9.94 25.78
C TYR B 150 34.75 9.39 24.53
N PHE B 151 33.61 8.77 24.70
CA PHE B 151 32.95 8.16 23.54
C PHE B 151 32.47 9.20 22.51
N GLY B 152 31.86 10.27 22.99
CA GLY B 152 31.04 11.05 22.09
C GLY B 152 31.58 12.27 21.35
N GLY B 153 32.81 12.68 21.60
CA GLY B 153 33.33 13.86 20.93
C GLY B 153 34.50 14.40 21.73
N ASP B 154 35.11 15.48 21.26
CA ASP B 154 36.30 16.05 21.93
C ASP B 154 36.16 16.28 23.47
N SER B 155 34.94 16.53 23.96
CA SER B 155 34.69 16.62 25.39
C SER B 155 33.95 15.37 25.88
N PHE B 156 33.15 15.53 26.93
CA PHE B 156 32.32 14.41 27.36
C PHE B 156 31.29 14.01 26.31
N GLY B 157 31.03 12.71 26.20
CA GLY B 157 30.27 12.24 25.06
C GLY B 157 28.91 11.61 25.33
N TYR B 158 28.14 11.47 24.25
CA TYR B 158 26.77 10.96 24.31
C TYR B 158 26.67 9.56 24.96
N VAL B 159 27.55 8.65 24.53
CA VAL B 159 27.58 7.26 25.03
C VAL B 159 28.53 7.11 26.21
N ASP B 160 29.38 8.10 26.47
CA ASP B 160 30.02 8.12 27.76
C ASP B 160 28.94 8.14 28.85
N ILE B 161 28.11 9.19 28.86
CA ILE B 161 26.99 9.35 29.80
C ILE B 161 26.17 8.08 29.91
N SER B 162 25.92 7.50 28.74
CA SER B 162 24.97 6.40 28.61
C SER B 162 25.60 5.14 29.19
N LEU B 163 26.88 4.96 28.89
CA LEU B 163 27.63 3.88 29.49
C LEU B 163 28.11 4.19 30.92
N ILE B 164 28.25 5.47 31.29
CA ILE B 164 28.83 5.78 32.61
C ILE B 164 27.92 5.41 33.77
N THR B 165 26.63 5.23 33.49
CA THR B 165 25.66 4.93 34.54
C THR B 165 25.90 3.53 35.10
N PHE B 166 26.53 2.69 34.29
CA PHE B 166 26.79 1.31 34.67
C PHE B 166 28.02 1.27 35.59
N SER B 167 28.74 2.39 35.66
CA SER B 167 29.90 2.51 36.56
C SER B 167 29.49 2.34 38.01
N SER B 168 28.29 2.79 38.35
CA SER B 168 27.80 2.64 39.72
C SER B 168 27.63 1.19 40.01
N TRP B 169 27.28 0.45 38.98
CA TRP B 169 26.97 -0.94 39.17
C TRP B 169 28.15 -1.83 38.85
N PHE B 170 29.30 -1.24 38.57
CA PHE B 170 30.49 -2.01 38.23
C PHE B 170 30.96 -2.92 39.35
N GLN B 171 30.71 -2.54 40.60
CA GLN B 171 31.22 -3.35 41.71
C GLN B 171 30.19 -4.41 42.12
N ALA B 172 28.91 -4.15 41.84
CA ALA B 172 27.86 -5.15 42.11
C ALA B 172 27.98 -6.26 41.07
N TYR B 173 28.52 -5.90 39.93
CA TYR B 173 28.69 -6.82 38.81
C TYR B 173 29.93 -7.65 39.06
N GLU B 174 31.00 -7.00 39.52
CA GLU B 174 32.18 -7.72 39.98
C GLU B 174 31.85 -8.80 41.04
N LYS B 175 31.08 -8.42 42.06
CA LYS B 175 30.90 -9.26 43.23
C LYS B 175 29.99 -10.41 42.93
N PHE B 176 28.92 -10.15 42.17
CA PHE B 176 27.90 -11.15 41.86
C PHE B 176 28.43 -12.14 40.80
N GLY B 177 29.09 -11.60 39.77
CA GLY B 177 29.68 -12.38 38.69
C GLY B 177 31.01 -13.07 39.02
N ASN B 178 31.67 -12.69 40.13
CA ASN B 178 32.99 -13.27 40.48
C ASN B 178 34.14 -12.86 39.52
N PHE B 179 33.86 -11.95 38.58
CA PHE B 179 34.89 -11.48 37.64
C PHE B 179 35.29 -10.00 37.86
N SER B 180 36.59 -9.71 37.78
CA SER B 180 37.12 -8.33 37.84
C SER B 180 37.13 -7.70 36.44
N ILE B 181 36.31 -6.67 36.26
CA ILE B 181 36.21 -5.94 34.98
C ILE B 181 37.43 -5.03 34.78
N GLU B 182 38.16 -4.81 35.86
CA GLU B 182 39.42 -4.12 35.78
C GLU B 182 40.50 -5.00 35.17
N SER B 183 40.61 -6.22 35.67
CA SER B 183 41.69 -7.10 35.33
C SER B 183 41.79 -7.52 33.87
N GLU B 184 40.66 -7.90 33.26
CA GLU B 184 40.64 -8.31 31.84
C GLU B 184 40.59 -7.08 30.93
N SER B 185 39.94 -6.00 31.40
CA SER B 185 39.77 -4.74 30.69
C SER B 185 40.00 -3.52 31.61
N PRO B 186 41.27 -3.19 31.85
CA PRO B 186 41.66 -2.08 32.73
C PRO B 186 41.05 -0.75 32.28
N LYS B 187 40.95 -0.59 30.97
CA LYS B 187 40.60 0.67 30.33
C LYS B 187 39.16 1.13 30.63
N LEU B 188 38.19 0.22 30.47
CA LEU B 188 36.77 0.55 30.74
C LEU B 188 36.45 0.82 32.21
N ILE B 189 37.10 0.11 33.13
CA ILE B 189 36.76 0.27 34.54
C ILE B 189 37.38 1.56 35.00
N ALA B 190 38.44 1.95 34.32
CA ALA B 190 39.23 3.08 34.74
C ALA B 190 38.86 4.27 33.88
N TRP B 191 38.16 3.96 32.78
CA TRP B 191 37.40 4.98 32.07
C TRP B 191 36.26 5.40 33.00
N ALA B 192 35.77 4.49 33.81
CA ALA B 192 34.78 4.85 34.82
C ALA B 192 35.38 5.72 35.93
N LYS B 193 36.64 5.46 36.32
CA LYS B 193 37.28 6.29 37.35
C LYS B 193 37.57 7.73 36.88
N ARG B 194 37.90 7.90 35.60
CA ARG B 194 38.11 9.26 35.07
C ARG B 194 36.84 10.08 35.24
N CYS B 195 35.75 9.53 34.73
CA CYS B 195 34.47 10.22 34.71
C CYS B 195 33.97 10.58 36.10
N MET B 196 34.36 9.78 37.09
CA MET B 196 34.03 10.02 38.51
C MET B 196 34.56 11.35 39.01
N GLU B 197 35.74 11.75 38.53
CA GLU B 197 36.34 13.05 38.87
C GLU B 197 35.43 14.19 38.43
N LYS B 198 34.74 14.02 37.31
CA LYS B 198 33.80 15.04 36.83
C LYS B 198 32.67 15.12 37.84
N GLU B 199 32.17 16.34 38.09
CA GLU B 199 31.12 16.55 39.10
C GLU B 199 29.82 15.94 38.63
N SER B 200 29.68 15.83 37.31
CA SER B 200 28.47 15.25 36.71
C SER B 200 28.26 13.82 37.18
N VAL B 201 29.25 12.97 36.90
CA VAL B 201 29.20 11.57 37.34
C VAL B 201 29.31 11.49 38.88
N SER B 202 30.03 12.42 39.50
CA SER B 202 30.27 12.39 40.95
C SER B 202 28.99 12.56 41.75
N LYS B 203 28.18 13.53 41.33
CA LYS B 203 26.98 13.91 42.05
C LYS B 203 25.70 13.32 41.44
N SER B 204 25.74 12.82 40.19
CA SER B 204 24.55 12.10 39.65
C SER B 204 24.64 10.58 39.82
N LEU B 205 25.76 10.07 40.33
CA LEU B 205 25.94 8.62 40.45
C LEU B 205 25.97 8.20 41.92
N PRO B 206 24.99 7.36 42.33
CA PRO B 206 24.84 7.07 43.75
C PRO B 206 25.98 6.19 44.29
N ASP B 207 26.12 6.07 45.60
CA ASP B 207 27.28 5.35 46.15
C ASP B 207 27.18 3.88 45.77
N SER B 208 28.34 3.26 45.60
CA SER B 208 28.46 1.87 45.24
C SER B 208 27.73 0.93 46.17
N GLU B 209 27.79 1.24 47.46
CA GLU B 209 27.34 0.36 48.51
C GLU B 209 25.83 0.23 48.59
N LYS B 210 25.12 1.24 48.11
CA LYS B 210 23.68 1.28 48.28
C LYS B 210 23.06 0.47 47.17
N ILE B 211 23.57 0.63 45.95
CA ILE B 211 23.01 -0.06 44.79
C ILE B 211 23.36 -1.55 44.81
N VAL B 212 24.48 -1.91 45.44
CA VAL B 212 24.87 -3.32 45.51
C VAL B 212 23.98 -4.03 46.51
N ALA B 213 23.62 -3.33 47.58
CA ALA B 213 22.63 -3.86 48.52
C ALA B 213 21.29 -4.01 47.79
N TYR B 214 20.96 -3.00 47.00
CA TYR B 214 19.70 -2.98 46.28
C TYR B 214 19.63 -4.15 45.31
N ALA B 215 20.70 -4.36 44.54
CA ALA B 215 20.85 -5.56 43.68
C ALA B 215 20.89 -6.85 44.48
N ALA B 216 21.53 -6.80 45.64
CA ALA B 216 21.59 -7.95 46.56
C ALA B 216 20.19 -8.15 47.13
N GLU B 217 19.55 -7.05 47.47
CA GLU B 217 18.18 -7.13 47.97
C GLU B 217 17.28 -7.72 46.91
N TYR B 218 17.59 -7.42 45.63
CA TYR B 218 16.81 -7.96 44.52
C TYR B 218 16.93 -9.48 44.52
N ARG B 219 18.06 -9.96 45.00
CA ARG B 219 18.28 -11.39 45.04
C ARG B 219 17.40 -12.04 46.11
N LYS B 220 17.33 -11.42 47.28
CA LYS B 220 16.61 -11.95 48.42
C LYS B 220 15.14 -11.84 48.14
N ASN B 221 14.78 -10.72 47.52
CA ASN B 221 13.40 -10.40 47.22
C ASN B 221 12.84 -11.23 46.08
N ASN B 222 13.68 -11.53 45.10
CA ASN B 222 13.21 -12.19 43.89
C ASN B 222 13.71 -13.62 43.84
N LEU B 223 12.80 -14.55 43.65
CA LEU B 223 13.15 -15.96 43.65
C LEU B 223 13.09 -16.53 42.25
N LEU C 10 27.40 5.55 -4.73
CA LEU C 10 25.97 5.37 -4.46
C LEU C 10 25.75 4.70 -3.11
N PRO C 11 24.62 5.01 -2.46
CA PRO C 11 24.36 4.52 -1.10
C PRO C 11 24.02 3.03 -1.08
N ILE C 12 24.91 2.20 -0.52
CA ILE C 12 24.73 0.78 -0.65
C ILE C 12 23.82 0.16 0.43
N LEU C 13 22.73 -0.47 0.02
CA LEU C 13 21.82 -1.16 0.98
C LEU C 13 21.94 -2.71 1.06
N LEU C 14 22.10 -3.21 2.29
CA LEU C 14 21.95 -4.65 2.49
C LEU C 14 20.55 -4.87 3.07
N ASP C 15 19.71 -5.53 2.30
CA ASP C 15 18.32 -5.67 2.67
C ASP C 15 17.80 -7.12 2.54
N TYR C 16 16.74 -7.38 3.29
CA TYR C 16 16.05 -8.65 3.30
C TYR C 16 14.68 -8.38 2.70
N TRP C 17 14.24 -9.21 1.75
CA TRP C 17 12.96 -8.97 1.09
C TRP C 17 11.79 -8.80 2.12
N PRO C 18 11.76 -9.62 3.20
CA PRO C 18 10.63 -9.36 4.06
C PRO C 18 11.05 -8.69 5.39
N SER C 19 12.21 -8.09 5.49
CA SER C 19 12.62 -7.43 6.74
C SER C 19 11.88 -6.11 6.86
N MET C 20 10.94 -6.01 7.79
CA MET C 20 10.26 -4.71 8.00
C MET C 20 11.24 -3.59 8.29
N PHE C 21 12.34 -3.94 8.97
CA PHE C 21 13.34 -2.94 9.35
C PHE C 21 14.10 -2.51 8.12
N GLY C 22 14.36 -3.46 7.23
CA GLY C 22 14.93 -3.13 5.95
C GLY C 22 14.08 -2.08 5.30
N MET C 23 12.80 -2.40 5.15
CA MET C 23 11.78 -1.44 4.71
C MET C 23 11.91 -0.07 5.39
N ARG C 24 12.19 -0.05 6.69
CA ARG C 24 12.32 1.25 7.38
C ARG C 24 13.46 2.06 6.78
N ALA C 25 14.58 1.41 6.50
CA ALA C 25 15.64 2.06 5.72
C ALA C 25 15.14 2.42 4.31
N ARG C 26 14.55 1.40 3.65
CA ARG C 26 14.03 1.56 2.27
C ARG C 26 13.02 2.68 2.23
N VAL C 27 12.02 2.64 3.12
CA VAL C 27 11.05 3.73 3.19
C VAL C 27 11.68 5.12 3.47
N ALA C 28 12.69 5.18 4.31
CA ALA C 28 13.31 6.48 4.68
C ALA C 28 14.09 7.15 3.55
N LEU C 29 14.98 6.39 2.91
CA LEU C 29 15.89 6.94 1.88
C LEU C 29 15.10 7.58 0.72
N ARG C 30 14.31 6.75 0.05
CA ARG C 30 13.49 7.17 -1.06
C ARG C 30 12.55 8.32 -0.69
N GLU C 31 12.06 8.34 0.54
CA GLU C 31 11.19 9.43 1.03
C GLU C 31 11.83 10.81 0.87
N LYS C 32 13.10 10.89 1.27
CA LYS C 32 13.73 12.19 1.33
C LYS C 32 14.23 12.62 -0.05
N GLY C 33 14.60 11.63 -0.88
CA GLY C 33 14.87 11.92 -2.28
C GLY C 33 16.24 11.47 -2.76
N VAL C 34 16.59 10.22 -2.43
CA VAL C 34 17.90 9.68 -2.84
C VAL C 34 17.78 8.44 -3.73
N GLU C 35 18.55 8.42 -4.82
CA GLU C 35 18.63 7.26 -5.72
C GLU C 35 19.64 6.26 -5.13
N PHE C 36 19.17 5.07 -4.74
CA PHE C 36 20.06 4.11 -4.05
C PHE C 36 19.96 2.70 -4.60
N GLU C 37 20.92 1.85 -4.24
CA GLU C 37 20.88 0.47 -4.67
C GLU C 37 20.46 -0.41 -3.50
N TYR C 38 19.74 -1.47 -3.84
CA TYR C 38 19.28 -2.50 -2.91
C TYR C 38 19.98 -3.81 -3.22
N ARG C 39 20.50 -4.47 -2.19
CA ARG C 39 21.01 -5.83 -2.38
C ARG C 39 20.19 -6.84 -1.54
N GLU C 40 19.71 -7.89 -2.18
CA GLU C 40 18.95 -8.90 -1.51
C GLU C 40 19.91 -9.87 -0.82
N GLU C 41 19.56 -10.32 0.38
CA GLU C 41 20.49 -11.12 1.19
C GLU C 41 19.97 -12.56 1.48
N ASP C 42 20.74 -13.56 1.07
CA ASP C 42 20.57 -14.90 1.63
C ASP C 42 21.25 -14.92 2.97
N PHE C 43 20.46 -14.99 4.04
CA PHE C 43 21.05 -14.86 5.35
C PHE C 43 21.91 -16.06 5.73
N SER C 44 21.74 -17.14 4.98
CA SER C 44 22.59 -18.32 5.08
C SER C 44 24.05 -17.93 4.86
N ASN C 45 24.25 -17.05 3.90
CA ASN C 45 25.57 -16.58 3.51
C ASN C 45 25.57 -15.05 3.61
N LYS C 46 25.75 -14.56 4.83
CA LYS C 46 25.85 -13.15 5.12
C LYS C 46 26.98 -12.51 4.29
N SER C 47 26.70 -11.38 3.66
CA SER C 47 27.67 -10.78 2.72
C SER C 47 29.04 -10.40 3.32
N PRO C 48 30.12 -10.56 2.51
CA PRO C 48 31.49 -10.16 2.86
C PRO C 48 31.59 -8.68 3.25
N LEU C 49 30.77 -7.84 2.61
CA LEU C 49 30.77 -6.44 2.98
C LEU C 49 29.86 -6.28 4.23
N LEU C 50 28.87 -7.15 4.37
CA LEU C 50 27.96 -7.13 5.53
C LEU C 50 28.70 -7.56 6.80
N LEU C 51 29.44 -8.67 6.71
CA LEU C 51 30.19 -9.16 7.88
C LEU C 51 31.22 -8.11 8.20
N GLN C 52 31.77 -7.46 7.18
CA GLN C 52 32.65 -6.34 7.45
C GLN C 52 31.88 -5.15 8.05
N SER C 53 30.62 -4.96 7.61
CA SER C 53 29.74 -3.89 8.15
C SER C 53 29.28 -4.20 9.56
N ASN C 54 28.85 -5.44 9.78
CA ASN C 54 28.40 -5.86 11.10
C ASN C 54 28.81 -7.30 11.38
N PRO C 55 30.03 -7.50 11.92
CA PRO C 55 30.47 -8.88 12.18
C PRO C 55 29.66 -9.57 13.27
N ILE C 56 29.50 -8.91 14.43
CA ILE C 56 28.88 -9.59 15.56
C ILE C 56 27.37 -9.67 15.45
N HIS C 57 26.72 -8.61 14.96
CA HIS C 57 25.27 -8.65 14.81
C HIS C 57 24.87 -9.44 13.55
N LYS C 58 25.59 -9.19 12.45
CA LYS C 58 25.25 -9.84 11.19
C LYS C 58 23.81 -9.53 10.74
N LYS C 59 23.39 -8.27 10.91
CA LYS C 59 21.97 -7.95 10.65
C LYS C 59 21.80 -6.76 9.72
N ILE C 60 20.60 -6.60 9.19
CA ILE C 60 20.30 -5.57 8.20
C ILE C 60 19.13 -4.75 8.75
N PRO C 61 18.74 -3.64 8.08
CA PRO C 61 19.27 -3.02 6.85
C PRO C 61 20.62 -2.31 7.12
N VAL C 62 21.50 -2.33 6.14
CA VAL C 62 22.77 -1.69 6.26
C VAL C 62 22.93 -0.73 5.10
N LEU C 63 23.16 0.54 5.42
CA LEU C 63 23.33 1.58 4.41
C LEU C 63 24.79 1.98 4.47
N VAL C 64 25.47 1.93 3.33
CA VAL C 64 26.90 2.26 3.29
C VAL C 64 27.19 3.57 2.54
N HIS C 65 27.86 4.50 3.19
CA HIS C 65 28.11 5.83 2.65
C HIS C 65 29.53 6.19 2.93
N ASN C 66 30.22 6.78 1.95
CA ASN C 66 31.64 7.16 2.13
C ASN C 66 32.49 5.96 2.62
N GLY C 67 32.23 4.77 2.06
CA GLY C 67 32.87 3.55 2.51
C GLY C 67 32.63 3.31 3.98
N LYS C 68 31.48 3.72 4.49
CA LYS C 68 31.18 3.51 5.91
C LYS C 68 29.78 2.88 6.14
N PRO C 69 29.72 1.88 7.02
CA PRO C 69 28.53 1.09 7.33
C PRO C 69 27.70 1.73 8.43
N VAL C 70 26.39 1.84 8.15
CA VAL C 70 25.45 2.31 9.13
C VAL C 70 24.47 1.15 9.46
N CYS C 71 24.13 0.97 10.74
CA CYS C 71 23.32 -0.16 11.18
C CYS C 71 22.19 0.18 12.16
N GLU C 72 21.15 -0.67 12.13
CA GLU C 72 19.91 -0.53 12.88
C GLU C 72 18.91 0.36 12.13
N SER C 73 17.66 -0.09 12.10
CA SER C 73 16.65 0.48 11.20
C SER C 73 16.32 1.89 11.59
N LEU C 74 15.97 2.06 12.86
CA LEU C 74 15.71 3.39 13.42
C LEU C 74 16.96 4.22 13.21
N ASN C 75 18.13 3.64 13.38
CA ASN C 75 19.35 4.40 13.16
C ASN C 75 19.49 4.77 11.72
N VAL C 76 19.14 3.85 10.82
CA VAL C 76 19.31 4.18 9.43
C VAL C 76 18.44 5.36 9.00
N VAL C 77 17.21 5.44 9.52
CA VAL C 77 16.36 6.58 9.14
C VAL C 77 16.97 7.85 9.74
N GLN C 78 17.68 7.75 10.86
CA GLN C 78 18.32 8.95 11.44
C GLN C 78 19.46 9.42 10.50
N TYR C 79 20.30 8.47 10.09
CA TYR C 79 21.36 8.72 9.07
C TYR C 79 20.83 9.39 7.82
N VAL C 80 19.69 8.94 7.38
CA VAL C 80 18.97 9.48 6.25
C VAL C 80 18.66 10.99 6.37
N ASP C 81 18.06 11.40 7.49
CA ASP C 81 17.82 12.81 7.79
C ASP C 81 19.10 13.66 7.89
N GLU C 82 20.12 13.13 8.57
CA GLU C 82 21.23 13.98 8.99
C GLU C 82 22.24 14.14 7.84
N ALA C 83 22.17 13.25 6.85
CA ALA C 83 23.16 13.22 5.77
C ALA C 83 22.83 14.23 4.67
N TRP C 84 21.55 14.50 4.43
CA TRP C 84 21.17 15.60 3.53
C TRP C 84 19.96 16.35 4.07
N PRO C 85 20.19 17.17 5.10
CA PRO C 85 19.14 17.94 5.77
C PRO C 85 18.78 19.22 5.04
N GLU C 86 18.32 19.12 3.79
CA GLU C 86 18.02 20.34 3.05
C GLU C 86 16.63 20.34 2.39
N LYS C 87 16.10 19.14 2.12
CA LYS C 87 14.79 19.04 1.46
C LYS C 87 13.68 18.51 2.39
N ASN C 88 13.81 17.27 2.87
CA ASN C 88 12.71 16.62 3.58
C ASN C 88 13.04 16.19 5.02
N PRO C 89 12.67 17.01 5.99
CA PRO C 89 12.92 16.63 7.40
C PRO C 89 11.70 15.90 8.04
N PHE C 90 11.94 14.79 8.68
CA PHE C 90 10.83 14.08 9.24
C PHE C 90 10.45 14.67 10.59
N PHE C 91 11.46 15.20 11.28
CA PHE C 91 11.34 15.68 12.66
C PHE C 91 10.78 17.09 12.71
N PRO C 92 10.09 17.46 13.82
CA PRO C 92 9.67 18.87 13.99
C PRO C 92 10.84 19.71 14.39
N SER C 93 10.69 21.05 14.38
CA SER C 93 11.81 21.92 14.77
C SER C 93 12.15 21.87 16.25
N ASP C 94 11.12 21.75 17.07
CA ASP C 94 11.34 21.74 18.51
C ASP C 94 11.95 20.42 18.94
N PRO C 95 12.94 20.50 19.86
CA PRO C 95 13.55 19.32 20.48
C PRO C 95 12.49 18.42 21.13
N TYR C 96 11.41 18.98 21.65
CA TYR C 96 10.46 18.13 22.36
C TYR C 96 9.66 17.25 21.41
N GLY C 97 9.32 17.79 20.25
CA GLY C 97 8.59 17.00 19.28
C GLY C 97 9.50 15.86 18.81
N ARG C 98 10.80 16.15 18.72
CA ARG C 98 11.83 15.14 18.48
C ARG C 98 11.78 14.02 19.51
N ALA C 99 11.77 14.43 20.77
CA ALA C 99 11.65 13.51 21.90
C ALA C 99 10.39 12.62 21.86
N GLN C 100 9.23 13.20 21.54
CA GLN C 100 7.96 12.45 21.47
C GLN C 100 8.13 11.40 20.36
N ALA C 101 8.62 11.86 19.21
CA ALA C 101 8.84 11.02 18.02
C ALA C 101 9.84 9.85 18.28
N ARG C 102 10.91 10.13 19.02
CA ARG C 102 11.90 9.12 19.37
C ARG C 102 11.26 8.17 20.39
N PHE C 103 10.46 8.74 21.28
CA PHE C 103 9.69 7.95 22.24
C PHE C 103 8.75 7.00 21.52
N TRP C 104 8.01 7.55 20.54
CA TRP C 104 7.03 6.76 19.81
C TRP C 104 7.80 5.75 18.93
N ALA C 105 8.98 6.10 18.41
CA ALA C 105 9.80 5.08 17.72
C ALA C 105 10.22 3.93 18.65
N ASP C 106 10.42 4.24 19.92
CA ASP C 106 10.86 3.26 20.90
C ASP C 106 9.67 2.35 21.22
N PHE C 107 8.48 2.87 21.09
CA PHE C 107 7.28 2.07 21.40
C PHE C 107 7.07 0.91 20.43
N VAL C 108 7.18 1.24 19.14
CA VAL C 108 6.96 0.25 18.09
C VAL C 108 7.93 -0.92 18.24
N ASP C 109 9.18 -0.66 18.66
CA ASP C 109 10.21 -1.71 18.76
C ASP C 109 10.05 -2.68 19.92
N LYS C 110 9.67 -2.19 21.09
CA LYS C 110 9.54 -3.06 22.28
C LYS C 110 8.34 -3.98 22.13
N LYS C 111 7.21 -3.60 22.71
CA LYS C 111 6.10 -4.53 22.91
C LYS C 111 5.34 -4.75 21.64
N PHE C 112 5.32 -3.72 20.80
CA PHE C 112 4.67 -3.77 19.49
C PHE C 112 5.28 -4.81 18.54
N THR C 113 6.61 -4.79 18.39
CA THR C 113 7.29 -5.81 17.56
C THR C 113 7.15 -7.23 18.12
N ASP C 114 7.43 -7.42 19.41
CA ASP C 114 7.29 -8.76 19.99
C ASP C 114 5.84 -9.29 19.81
N ALA C 115 4.87 -8.37 19.95
CA ALA C 115 3.45 -8.77 19.97
C ALA C 115 3.09 -9.46 18.67
N GLN C 116 3.38 -8.75 17.57
CA GLN C 116 3.20 -9.28 16.22
C GLN C 116 4.07 -10.52 15.98
N PHE C 117 5.28 -10.50 16.52
CA PHE C 117 6.12 -11.67 16.52
C PHE C 117 5.38 -12.83 17.20
N LYS C 118 4.62 -12.52 18.24
CA LYS C 118 3.87 -13.54 18.94
C LYS C 118 2.64 -13.91 18.12
N VAL C 119 2.06 -12.92 17.42
CA VAL C 119 0.82 -13.26 16.77
C VAL C 119 1.09 -14.19 15.55
N TRP C 120 2.18 -13.99 14.80
CA TRP C 120 2.40 -14.84 13.62
C TRP C 120 3.60 -15.75 13.79
N GLY C 121 4.32 -15.55 14.88
CA GLY C 121 5.46 -16.38 15.20
C GLY C 121 5.16 -17.52 16.17
N LYS C 122 4.15 -17.37 17.03
CA LYS C 122 3.84 -18.37 18.07
C LYS C 122 2.37 -18.74 18.17
N LYS C 123 2.09 -19.88 18.83
CA LYS C 123 0.72 -20.39 18.90
C LYS C 123 0.31 -20.73 20.33
N GLY C 124 -1.01 -20.81 20.53
CA GLY C 124 -1.57 -21.23 21.81
C GLY C 124 -1.54 -20.25 22.98
N GLU C 125 -0.93 -20.73 24.05
CA GLU C 125 -0.72 -19.97 25.25
C GLU C 125 0.02 -18.72 24.89
N GLU C 126 1.06 -18.84 24.05
CA GLU C 126 1.83 -17.65 23.59
C GLU C 126 1.01 -16.76 22.61
N GLN C 127 0.24 -17.40 21.73
CA GLN C 127 -0.49 -16.72 20.65
C GLN C 127 -1.47 -15.68 21.19
N GLU C 128 -2.37 -16.14 22.06
CA GLU C 128 -3.44 -15.30 22.61
C GLU C 128 -2.80 -14.20 23.49
N ALA C 129 -1.72 -14.52 24.18
CA ALA C 129 -0.96 -13.48 24.86
C ALA C 129 -0.56 -12.41 23.85
N GLY C 130 0.02 -12.83 22.75
CA GLY C 130 0.47 -11.88 21.74
C GLY C 130 -0.66 -11.07 21.12
N LYS C 131 -1.81 -11.70 20.89
CA LYS C 131 -2.90 -11.03 20.22
C LYS C 131 -3.51 -9.96 21.11
N LYS C 132 -3.62 -10.24 22.42
CA LYS C 132 -4.00 -9.20 23.38
C LYS C 132 -2.94 -8.13 23.46
N GLU C 133 -1.70 -8.50 23.18
CA GLU C 133 -0.66 -7.46 23.29
C GLU C 133 -0.76 -6.51 22.11
N PHE C 134 -0.88 -7.05 20.89
CA PHE C 134 -0.83 -6.17 19.70
C PHE C 134 -2.08 -5.29 19.57
N ILE C 135 -3.25 -5.78 20.01
CA ILE C 135 -4.51 -5.02 20.03
C ILE C 135 -4.49 -3.95 21.11
N GLU C 136 -3.73 -4.21 22.15
CA GLU C 136 -3.51 -3.18 23.16
C GLU C 136 -2.68 -2.07 22.55
N ALA C 137 -1.68 -2.45 21.78
CA ALA C 137 -0.78 -1.44 21.21
C ALA C 137 -1.43 -0.73 20.03
N VAL C 138 -2.29 -1.44 19.28
CA VAL C 138 -2.96 -0.80 18.17
C VAL C 138 -4.00 0.23 18.70
N LYS C 139 -4.45 0.02 19.96
CA LYS C 139 -5.36 0.90 20.68
C LYS C 139 -4.62 2.13 21.17
N ILE C 140 -3.45 1.91 21.78
CA ILE C 140 -2.60 2.98 22.27
C ILE C 140 -2.23 3.86 21.07
N LEU C 141 -1.99 3.18 19.94
CA LEU C 141 -1.51 3.75 18.71
C LEU C 141 -2.51 4.69 18.06
N GLU C 142 -3.74 4.22 18.03
CA GLU C 142 -4.85 4.93 17.47
C GLU C 142 -5.17 6.18 18.31
N SER C 143 -4.99 6.06 19.64
CA SER C 143 -5.32 7.17 20.52
C SER C 143 -4.23 8.26 20.42
N GLU C 144 -2.97 7.85 20.28
CA GLU C 144 -1.87 8.84 20.17
C GLU C 144 -1.92 9.53 18.81
N LEU C 145 -2.38 8.79 17.80
CA LEU C 145 -2.60 9.39 16.47
C LEU C 145 -3.64 10.47 16.59
N GLY C 146 -4.80 10.16 17.18
CA GLY C 146 -5.78 11.18 17.50
C GLY C 146 -6.47 11.72 16.26
N ASP C 147 -5.86 12.71 15.67
CA ASP C 147 -6.49 13.38 14.53
C ASP C 147 -5.42 13.56 13.43
N LYS C 148 -4.18 13.27 13.80
CA LYS C 148 -3.04 13.57 13.00
C LYS C 148 -3.07 12.89 11.63
N PRO C 149 -2.60 13.61 10.58
CA PRO C 149 -2.33 12.92 9.33
C PRO C 149 -1.15 12.00 9.48
N TYR C 150 -0.17 12.36 10.34
CA TYR C 150 1.06 11.57 10.52
C TYR C 150 1.68 11.83 11.86
N PHE C 151 1.98 10.76 12.59
CA PHE C 151 2.68 10.85 13.86
C PHE C 151 3.86 11.85 13.98
N GLY C 152 4.87 11.65 13.14
CA GLY C 152 6.16 12.31 13.34
C GLY C 152 6.14 13.83 13.23
N GLY C 153 5.37 14.36 12.28
CA GLY C 153 5.31 15.80 12.11
C GLY C 153 3.96 16.12 11.50
N ASP C 154 3.80 17.35 11.05
CA ASP C 154 2.56 17.71 10.37
C ASP C 154 2.42 16.86 9.09
N SER C 155 3.53 16.69 8.35
CA SER C 155 3.61 15.80 7.18
C SER C 155 4.31 14.51 7.55
N PHE C 156 4.91 13.83 6.57
CA PHE C 156 5.56 12.54 6.80
C PHE C 156 6.61 12.59 7.91
N GLY C 157 6.60 11.60 8.79
CA GLY C 157 7.45 11.69 9.96
C GLY C 157 8.42 10.52 10.09
N TYR C 158 9.40 10.71 10.97
CA TYR C 158 10.45 9.71 11.28
C TYR C 158 9.83 8.43 11.76
N VAL C 159 8.79 8.56 12.56
CA VAL C 159 8.24 7.39 13.22
C VAL C 159 7.11 6.88 12.36
N ASP C 160 6.62 7.72 11.46
CA ASP C 160 5.72 7.23 10.42
C ASP C 160 6.44 6.12 9.66
N ILE C 161 7.72 6.32 9.42
CA ILE C 161 8.55 5.41 8.63
C ILE C 161 8.83 4.08 9.36
N SER C 162 8.93 4.20 10.67
CA SER C 162 9.19 3.09 11.61
C SER C 162 8.08 2.00 11.68
N LEU C 163 6.80 2.39 11.79
CA LEU C 163 5.73 1.38 11.92
C LEU C 163 4.88 1.24 10.66
N ILE C 164 5.17 2.01 9.63
CA ILE C 164 4.37 1.90 8.41
C ILE C 164 4.68 0.56 7.74
N THR C 165 5.88 0.06 7.98
CA THR C 165 6.37 -1.15 7.34
C THR C 165 5.69 -2.39 7.92
N PHE C 166 5.15 -2.27 9.11
CA PHE C 166 4.50 -3.39 9.79
C PHE C 166 3.11 -3.63 9.16
N SER C 167 2.67 -2.67 8.34
CA SER C 167 1.31 -2.71 7.84
C SER C 167 1.13 -3.79 6.79
N SER C 168 2.19 -4.13 6.05
CA SER C 168 2.13 -5.27 5.13
C SER C 168 1.97 -6.59 5.87
N TRP C 169 2.50 -6.68 7.09
CA TRP C 169 2.29 -7.88 7.91
C TRP C 169 0.89 -7.98 8.52
N PHE C 170 0.07 -6.95 8.26
CA PHE C 170 -1.29 -6.90 8.81
C PHE C 170 -2.12 -8.07 8.25
N GLN C 171 -1.88 -8.41 7.00
CA GLN C 171 -2.55 -9.59 6.46
C GLN C 171 -2.14 -10.85 7.19
N ALA C 172 -0.85 -10.97 7.48
CA ALA C 172 -0.30 -12.12 8.19
C ALA C 172 -0.86 -12.19 9.58
N TYR C 173 -1.05 -11.01 10.18
CA TYR C 173 -1.56 -10.93 11.54
C TYR C 173 -3.03 -11.32 11.56
N GLU C 174 -3.74 -10.97 10.48
CA GLU C 174 -5.16 -11.24 10.38
C GLU C 174 -5.44 -12.73 10.14
N LYS C 175 -4.63 -13.39 9.30
CA LYS C 175 -4.94 -14.76 8.87
C LYS C 175 -4.60 -15.85 9.92
N PHE C 176 -3.36 -15.93 10.35
CA PHE C 176 -2.99 -16.84 11.42
C PHE C 176 -3.73 -16.39 12.67
N GLY C 177 -3.71 -15.08 12.93
CA GLY C 177 -4.44 -14.53 14.07
C GLY C 177 -5.93 -14.81 14.06
N ASN C 178 -6.47 -15.23 12.92
CA ASN C 178 -7.91 -15.39 12.71
C ASN C 178 -8.69 -14.30 13.43
N PHE C 179 -8.23 -13.06 13.28
CA PHE C 179 -8.82 -11.91 13.92
C PHE C 179 -8.82 -10.75 12.93
N SER C 180 -9.70 -9.77 13.14
CA SER C 180 -9.74 -8.54 12.35
C SER C 180 -9.29 -7.41 13.22
N ILE C 181 -8.09 -6.94 12.97
CA ILE C 181 -7.55 -5.89 13.80
C ILE C 181 -8.30 -4.59 13.63
N GLU C 182 -8.90 -4.41 12.46
CA GLU C 182 -9.48 -3.11 12.06
C GLU C 182 -10.74 -2.83 12.89
N SER C 183 -11.58 -3.84 13.09
CA SER C 183 -12.88 -3.60 13.76
C SER C 183 -12.75 -3.10 15.21
N GLU C 184 -11.67 -3.53 15.87
CA GLU C 184 -11.34 -3.11 17.23
C GLU C 184 -10.50 -1.83 17.23
N SER C 185 -9.55 -1.72 16.30
CA SER C 185 -8.90 -0.44 16.08
C SER C 185 -8.73 -0.07 14.59
N PRO C 186 -9.70 0.65 14.02
CA PRO C 186 -9.82 0.91 12.55
C PRO C 186 -8.90 1.95 11.95
N LYS C 187 -8.49 2.91 12.75
CA LYS C 187 -7.83 4.09 12.21
C LYS C 187 -6.33 3.92 11.95
N LEU C 188 -5.66 3.05 12.69
CA LEU C 188 -4.25 2.74 12.42
C LEU C 188 -4.02 2.11 11.06
N ILE C 189 -4.80 1.07 10.78
CA ILE C 189 -4.73 0.33 9.53
C ILE C 189 -5.24 1.23 8.43
N ALA C 190 -6.24 2.02 8.78
CA ALA C 190 -6.73 3.06 7.92
C ALA C 190 -5.57 3.95 7.46
N TRP C 191 -4.93 4.61 8.43
CA TRP C 191 -3.80 5.50 8.16
C TRP C 191 -2.67 4.87 7.33
N ALA C 192 -2.48 3.58 7.48
CA ALA C 192 -1.31 2.92 6.87
C ALA C 192 -1.44 2.81 5.34
N LYS C 193 -2.66 2.61 4.85
CA LYS C 193 -2.88 2.52 3.40
C LYS C 193 -2.92 3.91 2.83
N ARG C 194 -3.30 4.88 3.68
CA ARG C 194 -3.10 6.29 3.36
C ARG C 194 -1.62 6.60 3.21
N CYS C 195 -0.79 6.13 4.14
CA CYS C 195 0.64 6.37 3.99
C CYS C 195 1.20 5.72 2.72
N MET C 196 0.53 4.66 2.24
CA MET C 196 1.05 3.90 1.08
C MET C 196 1.22 4.80 -0.13
N GLU C 197 0.44 5.88 -0.18
CA GLU C 197 0.44 6.80 -1.33
C GLU C 197 1.81 7.43 -1.62
N LYS C 198 2.62 7.64 -0.58
CA LYS C 198 3.97 8.15 -0.77
C LYS C 198 4.76 7.12 -1.56
N GLU C 199 5.67 7.59 -2.41
CA GLU C 199 6.28 6.73 -3.41
C GLU C 199 7.33 5.81 -2.77
N SER C 200 7.84 6.22 -1.62
CA SER C 200 8.94 5.53 -0.96
C SER C 200 8.49 4.21 -0.41
N VAL C 201 7.39 4.28 0.33
CA VAL C 201 6.76 3.12 0.89
C VAL C 201 6.10 2.26 -0.18
N SER C 202 5.59 2.90 -1.24
CA SER C 202 4.95 2.16 -2.34
C SER C 202 5.91 1.24 -3.07
N LYS C 203 7.12 1.74 -3.37
CA LYS C 203 8.05 0.91 -4.13
C LYS C 203 8.85 -0.05 -3.23
N SER C 204 8.97 0.28 -1.94
CA SER C 204 9.91 -0.44 -1.05
C SER C 204 9.33 -1.70 -0.49
N LEU C 205 8.01 -1.73 -0.41
CA LEU C 205 7.29 -2.78 0.29
C LEU C 205 6.80 -3.91 -0.63
N PRO C 206 7.32 -5.12 -0.42
CA PRO C 206 6.93 -6.39 -1.01
C PRO C 206 5.48 -6.72 -0.72
N ASP C 207 4.94 -7.55 -1.58
CA ASP C 207 3.57 -8.00 -1.56
C ASP C 207 3.20 -8.74 -0.26
N SER C 208 1.96 -8.59 0.18
CA SER C 208 1.54 -9.17 1.46
C SER C 208 1.29 -10.67 1.38
N GLU C 209 0.90 -11.17 0.21
CA GLU C 209 0.73 -12.62 0.06
C GLU C 209 2.07 -13.33 0.21
N LYS C 210 3.11 -12.67 -0.23
CA LYS C 210 4.48 -13.18 -0.15
C LYS C 210 4.93 -13.24 1.31
N ILE C 211 4.57 -12.20 2.06
CA ILE C 211 4.93 -12.10 3.45
C ILE C 211 4.16 -13.11 4.29
N VAL C 212 2.87 -13.18 3.99
CA VAL C 212 1.98 -14.19 4.52
C VAL C 212 2.59 -15.59 4.34
N ALA C 213 3.12 -15.84 3.14
CA ALA C 213 3.67 -17.14 2.77
C ALA C 213 5.05 -17.35 3.43
N TYR C 214 5.82 -16.28 3.61
CA TYR C 214 7.05 -16.38 4.40
C TYR C 214 6.71 -16.70 5.87
N ALA C 215 5.68 -16.02 6.39
CA ALA C 215 5.19 -16.30 7.73
C ALA C 215 4.69 -17.75 7.82
N ALA C 216 4.08 -18.21 6.73
CA ALA C 216 3.54 -19.57 6.70
C ALA C 216 4.70 -20.53 6.69
N GLU C 217 5.73 -20.11 5.94
CA GLU C 217 6.90 -20.95 5.74
C GLU C 217 7.54 -21.15 7.08
N TYR C 218 7.56 -20.10 7.90
CA TYR C 218 8.19 -20.20 9.23
C TYR C 218 7.24 -20.97 10.13
N ARG C 219 5.94 -20.78 9.98
CA ARG C 219 5.01 -21.56 10.81
C ARG C 219 5.09 -23.04 10.51
N LYS C 220 4.96 -23.38 9.23
CA LYS C 220 4.85 -24.80 8.87
C LYS C 220 6.08 -25.55 9.38
N ASN C 221 7.25 -24.90 9.31
CA ASN C 221 8.49 -25.59 9.66
C ASN C 221 8.57 -25.80 11.20
N ASN C 222 8.23 -24.77 11.99
CA ASN C 222 8.47 -24.85 13.46
C ASN C 222 7.18 -25.13 14.23
N LEU C 223 6.56 -26.27 13.91
CA LEU C 223 5.38 -26.72 14.63
C LEU C 223 5.77 -27.81 15.65
N THR D 7 -39.68 -15.17 -35.66
CA THR D 7 -39.06 -16.25 -36.41
C THR D 7 -37.87 -15.73 -37.23
N PHE D 8 -36.76 -16.46 -37.18
CA PHE D 8 -35.56 -15.99 -37.84
C PHE D 8 -35.12 -16.86 -39.01
N ASP D 9 -34.80 -16.21 -40.11
CA ASP D 9 -34.48 -16.90 -41.37
C ASP D 9 -33.65 -15.95 -42.23
N MET D 10 -32.90 -16.44 -43.22
CA MET D 10 -31.90 -15.58 -43.88
C MET D 10 -32.33 -14.81 -45.13
N ASN D 11 -33.18 -15.40 -45.96
CA ASN D 11 -33.85 -14.58 -46.94
C ASN D 11 -34.90 -13.79 -46.16
N ARG D 12 -35.40 -14.42 -45.11
CA ARG D 12 -36.45 -13.82 -44.28
C ARG D 12 -35.86 -13.00 -43.11
N VAL D 13 -34.57 -12.64 -43.16
CA VAL D 13 -34.11 -11.54 -42.28
C VAL D 13 -34.59 -10.23 -42.85
N ILE D 14 -35.69 -10.33 -43.60
CA ILE D 14 -36.46 -9.25 -44.19
C ILE D 14 -35.84 -8.78 -45.51
N ASP D 15 -36.25 -9.41 -46.60
CA ASP D 15 -35.97 -8.86 -47.93
C ASP D 15 -36.42 -7.41 -47.88
N GLU D 16 -37.40 -7.16 -47.02
CA GLU D 16 -37.87 -5.83 -46.76
C GLU D 16 -36.97 -5.02 -45.83
N PHE D 17 -35.85 -5.58 -45.35
CA PHE D 17 -34.95 -4.78 -44.52
C PHE D 17 -34.49 -3.69 -45.46
N ASP D 18 -34.37 -4.07 -46.72
CA ASP D 18 -33.90 -3.15 -47.75
C ASP D 18 -35.03 -2.15 -47.84
N GLU D 19 -36.22 -2.69 -48.11
CA GLU D 19 -37.48 -1.92 -48.15
C GLU D 19 -37.62 -0.95 -46.96
N MET D 20 -37.44 -1.44 -45.73
CA MET D 20 -37.52 -0.54 -44.56
C MET D 20 -36.52 0.57 -44.68
N THR D 21 -35.26 0.19 -44.94
CA THR D 21 -34.18 1.15 -45.13
C THR D 21 -34.55 2.06 -46.29
N ARG D 22 -35.05 1.45 -47.33
CA ARG D 22 -35.49 2.21 -48.50
C ARG D 22 -36.64 3.12 -48.12
N ASN D 23 -37.57 2.56 -47.34
CA ASN D 23 -38.67 3.27 -46.67
C ASN D 23 -38.29 4.17 -45.49
N ALA D 24 -37.02 4.50 -45.31
CA ALA D 24 -36.58 5.23 -44.09
C ALA D 24 -37.38 6.51 -43.93
N HIS D 25 -37.49 7.26 -45.01
CA HIS D 25 -38.33 8.45 -45.05
C HIS D 25 -39.74 8.22 -44.44
N GLN D 26 -40.48 7.23 -44.93
CA GLN D 26 -41.80 6.92 -44.34
C GLN D 26 -41.71 6.42 -42.92
N VAL D 27 -40.86 5.42 -42.72
CA VAL D 27 -40.82 4.77 -41.42
C VAL D 27 -40.17 5.73 -40.38
N GLN D 28 -39.34 6.68 -40.82
CA GLN D 28 -38.81 7.71 -39.89
C GLN D 28 -39.93 8.55 -39.29
N LYS D 29 -40.76 9.15 -40.13
CA LYS D 29 -41.97 9.80 -39.65
C LYS D 29 -42.96 8.82 -39.04
N GLN D 30 -43.01 7.60 -39.55
CA GLN D 30 -43.85 6.59 -38.93
C GLN D 30 -43.36 6.27 -37.50
N THR D 31 -42.04 6.28 -37.31
CA THR D 31 -41.46 6.05 -35.99
C THR D 31 -41.87 7.18 -35.05
N LEU D 32 -41.68 8.43 -35.48
CA LEU D 32 -42.12 9.60 -34.69
C LEU D 32 -43.59 9.53 -34.31
N LYS D 33 -44.41 9.28 -35.34
CA LYS D 33 -45.85 9.23 -35.19
C LYS D 33 -46.24 8.15 -34.20
N GLU D 34 -45.57 7.00 -34.28
CA GLU D 34 -45.79 5.94 -33.30
C GLU D 34 -45.39 6.41 -31.89
N ILE D 35 -44.21 6.99 -31.77
CA ILE D 35 -43.76 7.58 -30.52
C ILE D 35 -44.73 8.67 -30.04
N LEU D 36 -45.15 9.51 -30.97
CA LEU D 36 -46.08 10.59 -30.64
C LEU D 36 -47.44 10.05 -30.21
N LEU D 37 -48.02 9.16 -31.03
CA LEU D 37 -49.24 8.45 -30.63
C LEU D 37 -49.04 7.72 -29.31
N LYS D 38 -47.83 7.21 -29.10
CA LYS D 38 -47.48 6.55 -27.87
C LYS D 38 -47.26 7.55 -26.73
N ASN D 39 -47.01 8.81 -27.06
CA ASN D 39 -46.75 9.80 -26.01
C ASN D 39 -47.30 11.17 -26.32
N GLN D 40 -48.47 11.27 -26.97
CA GLN D 40 -49.14 12.57 -27.19
C GLN D 40 -49.48 13.29 -25.87
N SER D 41 -49.27 12.62 -24.75
CA SER D 41 -49.65 13.18 -23.48
C SER D 41 -48.51 13.89 -22.77
N ALA D 42 -47.31 13.78 -23.34
CA ALA D 42 -46.10 14.36 -22.75
C ALA D 42 -46.44 15.70 -22.14
N ILE D 43 -46.10 15.90 -20.88
CA ILE D 43 -46.31 17.21 -20.27
C ILE D 43 -45.33 18.16 -20.95
N TYR D 44 -44.22 17.62 -21.44
CA TYR D 44 -43.16 18.42 -22.05
C TYR D 44 -43.61 18.95 -23.41
N LEU D 45 -44.70 18.37 -23.95
CA LEU D 45 -45.18 18.74 -25.27
C LEU D 45 -46.38 19.69 -25.17
N GLN D 46 -47.00 19.71 -23.99
CA GLN D 46 -48.18 20.54 -23.79
C GLN D 46 -47.83 22.01 -23.73
N ASN D 47 -46.73 22.30 -23.06
CA ASN D 47 -46.26 23.67 -22.95
C ASN D 47 -45.90 24.19 -24.35
N CYS D 48 -45.52 23.26 -25.22
CA CYS D 48 -45.21 23.64 -26.59
C CYS D 48 -46.50 23.83 -27.41
N GLY D 49 -47.64 23.39 -26.87
CA GLY D 49 -48.91 23.49 -27.56
C GLY D 49 -49.29 22.25 -28.39
N LEU D 50 -48.41 21.26 -28.40
CA LEU D 50 -48.71 20.10 -29.23
C LEU D 50 -49.95 19.34 -28.74
N ASN D 51 -50.78 18.92 -29.68
CA ASN D 51 -51.88 18.05 -29.36
C ASN D 51 -51.84 16.77 -30.21
N GLY D 52 -50.93 16.72 -31.19
CA GLY D 52 -50.75 15.53 -32.02
C GLY D 52 -51.45 15.62 -33.37
N ASN D 53 -51.25 14.61 -34.22
CA ASN D 53 -51.85 14.58 -35.57
C ASN D 53 -51.71 15.91 -36.33
N ALA D 54 -52.84 16.42 -36.84
CA ALA D 54 -52.93 17.70 -37.58
C ALA D 54 -52.33 17.60 -38.99
N THR D 55 -52.46 18.68 -39.76
CA THR D 55 -51.85 18.79 -41.11
C THR D 55 -50.32 18.88 -41.14
N ASP D 56 -49.72 19.37 -40.08
CA ASP D 56 -48.29 19.51 -40.14
C ASP D 56 -47.65 18.93 -38.90
N PRO D 57 -47.86 17.62 -38.65
CA PRO D 57 -47.22 17.07 -37.45
C PRO D 57 -45.73 17.30 -37.50
N GLU D 58 -45.12 16.97 -38.65
CA GLU D 58 -43.68 17.11 -38.78
C GLU D 58 -43.27 18.56 -38.75
N GLU D 59 -43.94 19.37 -39.57
CA GLU D 59 -43.65 20.81 -39.71
C GLU D 59 -43.83 21.60 -38.40
N ALA D 60 -44.90 21.30 -37.67
CA ALA D 60 -45.17 21.95 -36.37
C ALA D 60 -44.19 21.50 -35.31
N PHE D 61 -44.03 20.18 -35.20
CA PHE D 61 -43.13 19.61 -34.21
C PHE D 61 -41.75 20.24 -34.39
N LYS D 62 -41.34 20.44 -35.63
CA LYS D 62 -39.96 20.87 -35.82
C LYS D 62 -39.73 22.28 -35.34
N SER D 63 -40.65 23.21 -35.64
CA SER D 63 -40.51 24.65 -35.28
C SER D 63 -40.92 25.03 -33.85
N MET D 64 -41.98 24.39 -33.34
CA MET D 64 -42.60 24.80 -32.09
C MET D 64 -41.92 24.24 -30.84
N VAL D 65 -41.35 23.04 -30.91
CA VAL D 65 -40.68 22.49 -29.73
C VAL D 65 -39.17 22.48 -29.87
N PRO D 66 -38.48 23.24 -29.00
CA PRO D 66 -37.02 23.36 -28.91
C PRO D 66 -36.29 22.11 -28.44
N LEU D 67 -35.01 21.98 -28.85
CA LEU D 67 -34.10 20.97 -28.31
C LEU D 67 -34.00 21.19 -26.81
N VAL D 68 -33.60 20.15 -26.07
CA VAL D 68 -33.50 20.29 -24.62
C VAL D 68 -32.10 19.83 -24.14
N THR D 69 -31.48 20.68 -23.34
CA THR D 69 -30.21 20.35 -22.74
C THR D 69 -30.41 19.35 -21.63
N ASP D 70 -29.30 18.78 -21.19
CA ASP D 70 -29.27 17.80 -20.12
C ASP D 70 -29.81 18.31 -18.79
N VAL D 71 -29.59 19.60 -18.51
CA VAL D 71 -29.93 20.15 -17.18
C VAL D 71 -31.44 20.20 -17.01
N GLU D 72 -32.15 20.57 -18.09
CA GLU D 72 -33.59 20.71 -18.02
C GLU D 72 -34.31 19.36 -17.83
N LEU D 73 -33.76 18.28 -18.39
CA LEU D 73 -34.44 16.98 -18.32
C LEU D 73 -34.27 16.25 -17.00
N GLU D 74 -33.11 16.43 -16.35
CA GLU D 74 -32.77 15.71 -15.11
C GLU D 74 -33.81 15.79 -13.98
N PRO D 75 -34.32 17.01 -13.67
CA PRO D 75 -35.31 17.06 -12.57
C PRO D 75 -36.55 16.19 -12.85
N TYR D 76 -37.19 16.41 -13.99
CA TYR D 76 -38.38 15.65 -14.33
C TYR D 76 -38.11 14.15 -14.29
N ILE D 77 -36.96 13.72 -14.80
CA ILE D 77 -36.71 12.28 -14.87
C ILE D 77 -36.25 11.72 -13.52
N LYS D 78 -35.57 12.56 -12.73
CA LYS D 78 -35.23 12.17 -11.34
C LYS D 78 -36.50 12.11 -10.48
N ARG D 79 -37.51 12.89 -10.86
CA ARG D 79 -38.80 12.88 -10.17
C ARG D 79 -39.52 11.56 -10.37
N MET D 80 -39.45 11.01 -11.58
CA MET D 80 -40.15 9.75 -11.93
C MET D 80 -39.61 8.60 -11.16
N VAL D 81 -38.30 8.55 -11.10
CA VAL D 81 -37.62 7.44 -10.50
C VAL D 81 -37.87 7.36 -9.00
N ASP D 82 -37.83 8.52 -8.35
CA ASP D 82 -37.52 8.56 -6.95
C ASP D 82 -38.68 8.99 -6.10
N GLY D 83 -39.03 8.12 -5.14
CA GLY D 83 -40.13 8.40 -4.25
C GLY D 83 -41.46 8.61 -4.95
N ASP D 84 -41.51 9.54 -5.91
CA ASP D 84 -42.68 9.71 -6.78
C ASP D 84 -42.61 8.82 -7.99
N THR D 85 -43.52 7.87 -8.06
CA THR D 85 -43.59 6.99 -9.23
C THR D 85 -44.10 7.69 -10.50
N SER D 86 -44.69 8.89 -10.35
CA SER D 86 -45.29 9.66 -11.46
C SER D 86 -44.50 9.68 -12.79
N PRO D 87 -45.21 9.99 -13.90
CA PRO D 87 -44.78 10.25 -15.29
C PRO D 87 -44.62 11.71 -15.75
N ILE D 88 -43.58 12.03 -16.54
CA ILE D 88 -43.46 13.38 -17.12
C ILE D 88 -43.18 13.46 -18.65
N LEU D 89 -41.92 13.41 -19.06
CA LEU D 89 -41.60 13.90 -20.41
C LEU D 89 -42.11 12.94 -21.46
N THR D 90 -42.08 11.64 -21.13
CA THR D 90 -42.21 10.60 -22.15
C THR D 90 -43.05 9.39 -21.80
N GLY D 91 -43.76 9.39 -20.68
CA GLY D 91 -44.65 8.30 -20.36
C GLY D 91 -44.69 7.88 -18.91
N HIS D 92 -45.52 6.86 -18.61
CA HIS D 92 -45.80 6.46 -17.22
C HIS D 92 -44.56 5.90 -16.46
N PRO D 93 -44.70 5.63 -15.13
CA PRO D 93 -43.56 5.16 -14.32
C PRO D 93 -42.69 4.12 -15.00
N VAL D 94 -41.41 4.37 -15.04
CA VAL D 94 -40.53 3.66 -15.93
C VAL D 94 -40.02 2.33 -15.34
N PRO D 95 -39.83 1.32 -16.20
CA PRO D 95 -39.22 0.08 -15.68
C PRO D 95 -37.72 0.24 -15.38
N ALA D 96 -37.10 1.28 -15.96
CA ALA D 96 -35.67 1.55 -15.75
C ALA D 96 -35.27 2.86 -16.40
N ILE D 97 -34.08 3.35 -16.05
CA ILE D 97 -33.57 4.68 -16.36
C ILE D 97 -32.07 4.56 -16.67
N SER D 98 -31.48 5.60 -17.28
CA SER D 98 -30.03 5.63 -17.61
C SER D 98 -29.30 6.87 -17.27
N LEU D 99 -27.98 6.72 -17.16
CA LEU D 99 -27.06 7.84 -17.29
C LEU D 99 -26.30 7.76 -18.59
N SER D 100 -25.59 8.83 -18.91
CA SER D 100 -24.71 8.86 -20.07
C SER D 100 -23.28 9.21 -19.67
N SER D 101 -22.34 8.71 -20.45
CA SER D 101 -20.96 9.16 -20.36
C SER D 101 -20.88 10.66 -20.55
N GLY D 102 -19.74 11.24 -20.18
CA GLY D 102 -19.61 12.66 -20.17
C GLY D 102 -20.51 13.16 -19.07
N THR D 103 -20.71 14.47 -19.00
CA THR D 103 -21.37 15.02 -17.81
C THR D 103 -22.36 16.14 -18.12
N SER D 104 -23.41 16.14 -17.33
CA SER D 104 -24.47 17.13 -17.45
C SER D 104 -24.21 18.17 -16.40
N GLN D 105 -23.57 19.26 -16.81
CA GLN D 105 -23.00 20.20 -15.85
C GLN D 105 -22.22 19.45 -14.79
N GLY D 106 -21.45 18.46 -15.24
CA GLY D 106 -20.71 17.60 -14.35
C GLY D 106 -21.62 16.53 -13.75
N ARG D 107 -22.92 16.74 -13.81
CA ARG D 107 -23.77 15.97 -12.90
C ARG D 107 -24.55 14.89 -13.64
N PRO D 108 -24.96 13.84 -12.92
CA PRO D 108 -25.79 12.72 -13.36
C PRO D 108 -27.01 13.03 -14.24
N LYS D 109 -27.22 12.17 -15.23
CA LYS D 109 -28.36 12.27 -16.13
C LYS D 109 -29.24 11.04 -16.00
N PHE D 110 -30.54 11.30 -15.92
CA PHE D 110 -31.57 10.29 -15.78
C PHE D 110 -32.38 10.31 -17.10
N ILE D 111 -32.83 9.14 -17.58
CA ILE D 111 -33.61 9.05 -18.82
C ILE D 111 -34.48 7.79 -18.80
N PRO D 112 -35.80 7.90 -19.11
CA PRO D 112 -36.75 6.78 -19.12
C PRO D 112 -36.47 5.66 -20.16
N PHE D 113 -36.96 4.44 -19.95
CA PHE D 113 -36.87 3.34 -20.94
C PHE D 113 -37.98 2.29 -20.87
N THR D 114 -38.36 1.73 -22.02
CA THR D 114 -39.51 0.84 -22.06
C THR D 114 -39.22 -0.46 -22.83
N ASP D 115 -40.22 -1.36 -22.84
CA ASP D 115 -40.15 -2.65 -23.53
C ASP D 115 -39.86 -2.52 -25.05
N GLU D 116 -40.46 -1.52 -25.71
CA GLU D 116 -40.22 -1.27 -27.13
C GLU D 116 -38.76 -1.14 -27.50
N LEU D 117 -37.99 -0.65 -26.54
CA LEU D 117 -36.56 -0.58 -26.72
C LEU D 117 -35.98 -1.95 -26.85
N MET D 118 -36.48 -2.86 -26.00
CA MET D 118 -36.07 -4.25 -26.04
C MET D 118 -36.40 -4.85 -27.39
N GLU D 119 -37.61 -4.59 -27.86
CA GLU D 119 -38.04 -4.99 -29.20
C GLU D 119 -36.95 -4.59 -30.19
N ASN D 120 -36.47 -3.36 -30.00
CA ASN D 120 -35.54 -2.74 -30.92
C ASN D 120 -34.22 -3.49 -30.87
N THR D 121 -33.83 -3.91 -29.67
CA THR D 121 -32.63 -4.73 -29.49
C THR D 121 -32.79 -6.11 -30.09
N LEU D 122 -33.94 -6.74 -29.82
CA LEU D 122 -34.28 -7.99 -30.49
C LEU D 122 -34.21 -7.84 -32.00
N GLN D 123 -34.71 -6.73 -32.54
CA GLN D 123 -34.78 -6.57 -33.99
C GLN D 123 -33.43 -6.25 -34.62
N LEU D 124 -32.65 -5.33 -34.04
CA LEU D 124 -31.35 -5.01 -34.67
C LEU D 124 -30.37 -6.16 -34.53
N PHE D 125 -30.34 -6.80 -33.37
CA PHE D 125 -29.51 -8.00 -33.18
C PHE D 125 -29.90 -9.09 -34.19
N ARG D 126 -31.21 -9.32 -34.32
CA ARG D 126 -31.74 -10.29 -35.28
C ARG D 126 -31.32 -9.96 -36.70
N THR D 127 -31.56 -8.72 -37.13
CA THR D 127 -31.19 -8.37 -38.49
C THR D 127 -29.66 -8.37 -38.67
N ALA D 128 -28.93 -7.81 -37.72
CA ALA D 128 -27.47 -7.66 -37.85
C ALA D 128 -26.76 -8.98 -37.95
N PHE D 129 -27.22 -9.94 -37.13
CA PHE D 129 -26.57 -11.24 -36.98
C PHE D 129 -26.57 -11.95 -38.30
N ALA D 130 -27.65 -11.77 -39.06
CA ALA D 130 -27.78 -12.48 -40.31
C ALA D 130 -27.03 -11.79 -41.44
N PHE D 131 -26.92 -10.46 -41.40
CA PHE D 131 -25.98 -9.79 -42.32
C PHE D 131 -24.56 -10.36 -42.07
N ARG D 132 -24.19 -10.51 -40.81
CA ARG D 132 -22.87 -11.07 -40.54
C ARG D 132 -22.83 -12.56 -40.84
N ASN D 133 -23.93 -13.25 -40.52
CA ASN D 133 -24.08 -14.66 -40.81
C ASN D 133 -24.14 -14.90 -42.29
N ARG D 134 -24.72 -13.96 -43.02
CA ARG D 134 -24.75 -14.07 -44.49
C ARG D 134 -23.34 -14.12 -45.05
N ASP D 135 -22.53 -13.13 -44.65
CA ASP D 135 -21.11 -13.07 -45.00
C ASP D 135 -20.26 -14.12 -44.26
N PHE D 136 -20.69 -14.47 -43.05
CA PHE D 136 -19.92 -15.43 -42.25
C PHE D 136 -20.89 -16.38 -41.51
N PRO D 137 -21.37 -17.39 -42.23
CA PRO D 137 -22.27 -18.40 -41.65
C PRO D 137 -21.64 -19.15 -40.45
N ILE D 138 -22.48 -19.36 -39.46
CA ILE D 138 -22.07 -20.06 -38.27
C ILE D 138 -22.80 -21.40 -38.21
N ASP D 139 -22.20 -22.37 -37.53
CA ASP D 139 -22.88 -23.63 -37.26
C ASP D 139 -24.14 -23.42 -36.45
N ASP D 140 -25.18 -24.20 -36.74
CA ASP D 140 -26.44 -24.04 -36.05
C ASP D 140 -26.39 -24.69 -34.68
N ASN D 141 -25.55 -25.73 -34.54
CA ASN D 141 -25.35 -26.41 -33.26
C ASN D 141 -24.14 -25.86 -32.48
N GLY D 142 -23.61 -24.73 -32.94
CA GLY D 142 -22.40 -24.17 -32.35
C GLY D 142 -22.71 -23.22 -31.20
N LYS D 143 -21.67 -22.74 -30.52
CA LYS D 143 -21.87 -21.79 -29.42
C LYS D 143 -21.08 -20.51 -29.70
N ALA D 144 -20.87 -19.67 -28.69
CA ALA D 144 -20.23 -18.35 -28.87
C ALA D 144 -19.37 -17.94 -27.68
N LEU D 145 -18.15 -17.52 -27.96
CA LEU D 145 -17.26 -17.03 -26.91
C LEU D 145 -17.53 -15.59 -26.56
N GLN D 146 -18.63 -15.34 -25.85
CA GLN D 146 -19.07 -13.98 -25.58
C GLN D 146 -18.97 -13.66 -24.09
N PHE D 147 -18.24 -12.59 -23.78
CA PHE D 147 -18.09 -12.07 -22.42
C PHE D 147 -19.21 -11.06 -22.11
N ILE D 148 -20.32 -11.54 -21.59
CA ILE D 148 -21.45 -10.68 -21.28
C ILE D 148 -21.78 -10.75 -19.80
N PHE D 149 -22.21 -9.60 -19.27
CA PHE D 149 -22.51 -9.43 -17.85
C PHE D 149 -23.91 -8.94 -17.52
N SER D 150 -24.66 -9.71 -16.72
CA SER D 150 -26.01 -9.32 -16.27
C SER D 150 -26.34 -9.80 -14.91
N SER D 151 -25.53 -9.41 -13.96
CA SER D 151 -25.44 -10.19 -12.74
C SER D 151 -26.20 -9.64 -11.55
N LYS D 152 -26.90 -8.52 -11.72
CA LYS D 152 -27.52 -7.88 -10.57
C LYS D 152 -28.76 -7.06 -10.95
N GLN D 153 -29.33 -6.32 -10.00
CA GLN D 153 -30.20 -5.17 -10.26
C GLN D 153 -30.16 -4.28 -9.01
N TYR D 154 -30.52 -3.00 -9.12
CA TYR D 154 -30.71 -2.16 -7.94
C TYR D 154 -32.09 -1.55 -7.89
N ILE D 155 -32.57 -1.26 -6.68
CA ILE D 155 -33.90 -0.68 -6.53
C ILE D 155 -33.79 0.82 -6.22
N SER D 156 -34.77 1.60 -6.66
CA SER D 156 -34.84 3.05 -6.45
C SER D 156 -35.30 3.36 -5.06
N THR D 157 -35.25 4.63 -4.68
CA THR D 157 -35.63 5.01 -3.33
C THR D 157 -37.12 4.90 -3.12
N GLY D 158 -37.86 4.91 -4.24
CA GLY D 158 -39.31 4.76 -4.25
C GLY D 158 -39.79 3.35 -4.61
N GLY D 159 -38.90 2.35 -4.56
CA GLY D 159 -39.30 1.00 -4.92
C GLY D 159 -39.55 0.84 -6.41
N VAL D 160 -38.88 1.68 -7.19
CA VAL D 160 -39.06 1.74 -8.65
C VAL D 160 -37.87 1.04 -9.32
N PRO D 161 -38.13 0.15 -10.28
CA PRO D 161 -37.02 -0.51 -10.95
C PRO D 161 -36.28 0.50 -11.84
N VAL D 162 -34.97 0.31 -11.97
CA VAL D 162 -34.09 1.29 -12.59
C VAL D 162 -32.84 0.58 -13.01
N GLY D 163 -32.51 0.66 -14.29
CA GLY D 163 -31.63 -0.34 -14.89
C GLY D 163 -30.55 0.00 -15.87
N THR D 164 -29.55 -0.88 -15.97
CA THR D 164 -28.50 -0.70 -16.96
C THR D 164 -28.88 -1.51 -18.19
N ALA D 165 -28.38 -1.04 -19.33
CA ALA D 165 -28.47 -1.75 -20.60
C ALA D 165 -28.23 -3.26 -20.49
N THR D 166 -27.01 -3.62 -20.06
CA THR D 166 -26.54 -5.01 -19.99
C THR D 166 -27.46 -5.89 -19.19
N THR D 167 -27.83 -5.39 -18.02
CA THR D 167 -28.62 -6.17 -17.11
C THR D 167 -30.09 -6.31 -17.51
N ASN D 168 -30.76 -5.19 -17.79
CA ASN D 168 -32.18 -5.21 -18.15
C ASN D 168 -32.49 -6.22 -19.27
N VAL D 169 -31.75 -6.16 -20.35
CA VAL D 169 -31.97 -7.02 -21.52
C VAL D 169 -31.88 -8.50 -21.15
N TYR D 170 -30.86 -8.87 -20.36
CA TYR D 170 -30.61 -10.28 -20.08
C TYR D 170 -31.59 -10.80 -19.03
N ARG D 171 -31.89 -10.00 -18.01
CA ARG D 171 -32.89 -10.39 -17.03
C ARG D 171 -34.33 -10.10 -17.59
N ASN D 172 -34.40 -9.58 -18.82
CA ASN D 172 -35.68 -9.35 -19.45
C ASN D 172 -36.45 -10.65 -19.64
N PRO D 173 -37.78 -10.57 -19.47
CA PRO D 173 -38.68 -11.65 -19.81
C PRO D 173 -38.44 -12.21 -21.24
N ASN D 174 -38.01 -11.34 -22.14
CA ASN D 174 -37.96 -11.70 -23.55
C ASN D 174 -36.58 -12.14 -24.06
N PHE D 175 -35.56 -12.00 -23.22
CA PHE D 175 -34.21 -12.38 -23.58
C PHE D 175 -33.99 -13.84 -23.92
N LYS D 176 -34.41 -14.72 -23.02
CA LYS D 176 -34.13 -16.16 -23.20
C LYS D 176 -34.79 -16.74 -24.45
N ALA D 177 -36.10 -16.55 -24.60
CA ALA D 177 -36.81 -17.12 -25.75
C ALA D 177 -36.45 -16.36 -27.04
N GLY D 178 -36.29 -15.05 -26.90
CA GLY D 178 -35.96 -14.19 -28.04
C GLY D 178 -34.58 -14.39 -28.60
N MET D 179 -33.58 -14.57 -27.74
CA MET D 179 -32.21 -14.68 -28.24
C MET D 179 -31.83 -16.05 -28.80
N LYS D 180 -32.57 -17.11 -28.45
CA LYS D 180 -32.09 -18.47 -28.76
C LYS D 180 -31.96 -18.68 -30.26
N SER D 181 -32.80 -18.00 -31.02
CA SER D 181 -32.95 -18.33 -32.42
C SER D 181 -31.92 -17.58 -33.24
N ILE D 182 -31.55 -16.39 -32.77
CA ILE D 182 -30.65 -15.54 -33.51
C ILE D 182 -29.22 -15.63 -32.95
N THR D 183 -28.99 -16.38 -31.87
CA THR D 183 -27.59 -16.56 -31.43
C THR D 183 -27.22 -18.02 -31.19
N SER D 184 -25.93 -18.29 -31.16
CA SER D 184 -25.50 -19.60 -30.77
C SER D 184 -25.66 -19.66 -29.23
N PRO D 185 -26.16 -20.78 -28.70
CA PRO D 185 -26.47 -21.03 -27.29
C PRO D 185 -25.36 -20.61 -26.35
N SER D 186 -25.68 -19.93 -25.26
CA SER D 186 -24.64 -19.49 -24.32
C SER D 186 -23.99 -20.65 -23.59
N CYS D 187 -22.68 -20.55 -23.43
CA CYS D 187 -21.85 -21.53 -22.73
C CYS D 187 -22.12 -21.55 -21.23
N SER D 188 -22.03 -20.36 -20.64
CA SER D 188 -22.15 -20.20 -19.22
C SER D 188 -23.55 -20.54 -18.76
N PRO D 189 -23.67 -21.04 -17.52
CA PRO D 189 -24.99 -21.25 -16.94
C PRO D 189 -25.65 -19.91 -16.73
N ASP D 190 -26.97 -19.82 -16.81
CA ASP D 190 -27.63 -18.52 -16.68
C ASP D 190 -27.29 -17.91 -15.31
N GLU D 191 -27.08 -18.73 -14.29
CA GLU D 191 -26.74 -18.22 -12.95
C GLU D 191 -25.32 -17.67 -12.93
N VAL D 192 -24.42 -18.28 -13.70
CA VAL D 192 -23.04 -17.79 -13.77
C VAL D 192 -22.91 -16.40 -14.43
N ILE D 193 -23.65 -16.17 -15.50
CA ILE D 193 -23.71 -14.85 -16.11
C ILE D 193 -24.47 -13.93 -15.14
N PHE D 194 -25.53 -14.46 -14.53
CA PHE D 194 -26.32 -13.74 -13.55
C PHE D 194 -25.69 -13.76 -12.17
N SER D 195 -24.40 -14.10 -12.10
CA SER D 195 -23.72 -14.30 -10.80
C SER D 195 -23.25 -13.01 -10.16
N PRO D 196 -23.59 -12.80 -8.88
CA PRO D 196 -23.33 -11.56 -8.16
C PRO D 196 -21.88 -11.11 -8.24
N ASP D 197 -20.94 -12.05 -8.30
CA ASP D 197 -19.51 -11.75 -8.43
C ASP D 197 -19.06 -11.88 -9.85
N VAL D 198 -19.02 -10.80 -10.60
CA VAL D 198 -18.68 -10.99 -12.00
C VAL D 198 -17.18 -11.21 -12.27
N HIS D 199 -16.26 -10.88 -11.35
CA HIS D 199 -14.82 -11.15 -11.59
C HIS D 199 -14.57 -12.64 -11.46
N GLN D 200 -15.22 -13.27 -10.50
CA GLN D 200 -15.15 -14.72 -10.40
C GLN D 200 -15.94 -15.31 -11.57
N ALA D 201 -17.06 -14.69 -11.92
CA ALA D 201 -17.86 -15.19 -13.06
C ALA D 201 -17.14 -14.93 -14.39
N LEU D 202 -16.43 -13.79 -14.46
CA LEU D 202 -15.65 -13.46 -15.64
C LEU D 202 -14.57 -14.50 -15.84
N TYR D 203 -14.04 -15.05 -14.74
CA TYR D 203 -13.09 -16.14 -14.79
C TYR D 203 -13.76 -17.37 -15.32
N CYS D 204 -14.95 -17.63 -14.81
CA CYS D 204 -15.84 -18.63 -15.41
C CYS D 204 -16.22 -18.26 -16.84
N HIS D 205 -16.36 -16.96 -17.13
CA HIS D 205 -16.71 -16.54 -18.50
C HIS D 205 -15.61 -16.95 -19.44
N LEU D 206 -14.39 -16.56 -19.09
CA LEU D 206 -13.17 -17.11 -19.70
C LEU D 206 -13.35 -18.61 -19.86
N LEU D 207 -13.61 -19.27 -18.72
CA LEU D 207 -13.85 -20.71 -18.68
C LEU D 207 -15.02 -21.13 -19.59
N SER D 208 -16.20 -20.54 -19.39
CA SER D 208 -17.39 -20.92 -20.14
C SER D 208 -17.24 -20.83 -21.65
N GLY D 209 -16.90 -19.66 -22.17
CA GLY D 209 -16.74 -19.49 -23.60
C GLY D 209 -15.78 -20.51 -24.13
N ILE D 210 -14.71 -20.80 -23.42
CA ILE D 210 -13.75 -21.74 -23.90
C ILE D 210 -14.36 -23.17 -23.81
N LEU D 211 -15.02 -23.51 -22.68
CA LEU D 211 -15.69 -24.83 -22.47
C LEU D 211 -15.99 -25.65 -23.76
N PHE D 212 -16.75 -25.09 -24.68
CA PHE D 212 -17.03 -25.84 -25.90
C PHE D 212 -16.40 -25.15 -27.09
N ARG D 213 -15.10 -24.93 -26.97
CA ARG D 213 -14.22 -24.49 -28.04
C ARG D 213 -14.57 -24.95 -29.46
N ASP D 214 -14.88 -26.24 -29.63
CA ASP D 214 -15.19 -26.78 -30.95
C ASP D 214 -16.43 -26.10 -31.44
N GLN D 215 -17.38 -25.93 -30.53
CA GLN D 215 -18.65 -25.40 -30.90
C GLN D 215 -18.58 -23.88 -31.18
N VAL D 216 -17.66 -23.14 -30.55
CA VAL D 216 -17.67 -21.67 -30.74
C VAL D 216 -17.36 -21.30 -32.16
N GLN D 217 -18.12 -20.35 -32.70
CA GLN D 217 -17.91 -19.79 -34.04
C GLN D 217 -17.41 -18.35 -33.96
N TYR D 218 -17.27 -17.80 -32.75
CA TYR D 218 -16.70 -16.43 -32.62
C TYR D 218 -16.37 -16.04 -31.20
N VAL D 219 -15.54 -15.02 -31.07
CA VAL D 219 -15.33 -14.41 -29.77
C VAL D 219 -16.03 -13.05 -29.73
N PHE D 220 -16.69 -12.74 -28.64
CA PHE D 220 -17.45 -11.48 -28.59
C PHE D 220 -17.21 -10.65 -27.33
N ALA D 221 -16.85 -9.40 -27.56
CA ALA D 221 -17.14 -8.36 -26.59
C ALA D 221 -17.80 -7.24 -27.37
N VAL D 222 -18.49 -6.36 -26.67
CA VAL D 222 -19.07 -5.20 -27.32
C VAL D 222 -17.96 -4.39 -27.97
N PHE D 223 -16.81 -4.39 -27.30
CA PHE D 223 -15.65 -3.63 -27.72
C PHE D 223 -14.40 -4.49 -27.78
N ALA D 224 -13.42 -4.05 -28.56
CA ALA D 224 -12.12 -4.74 -28.57
C ALA D 224 -11.51 -4.75 -27.20
N HIS D 225 -11.65 -3.65 -26.46
CA HIS D 225 -11.07 -3.60 -25.13
C HIS D 225 -11.70 -4.66 -24.25
N GLY D 226 -13.01 -4.86 -24.42
CA GLY D 226 -13.73 -5.87 -23.66
C GLY D 226 -13.07 -7.22 -23.91
N LEU D 227 -12.76 -7.46 -25.17
CA LEU D 227 -11.95 -8.61 -25.53
C LEU D 227 -10.56 -8.49 -24.92
N VAL D 228 -9.92 -7.34 -25.12
CA VAL D 228 -8.59 -7.08 -24.51
C VAL D 228 -8.67 -7.28 -23.00
N HIS D 229 -9.77 -6.82 -22.42
CA HIS D 229 -9.98 -7.00 -20.99
C HIS D 229 -10.19 -8.47 -20.62
N ALA D 230 -10.97 -9.18 -21.43
CA ALA D 230 -11.16 -10.57 -21.23
C ALA D 230 -9.84 -11.33 -21.50
N PHE D 231 -9.13 -10.91 -22.56
CA PHE D 231 -7.93 -11.64 -22.96
C PHE D 231 -6.78 -11.33 -22.02
N ARG D 232 -6.69 -10.08 -21.54
CA ARG D 232 -5.74 -9.76 -20.47
C ARG D 232 -6.18 -10.50 -19.21
N THR D 233 -7.49 -10.74 -19.08
CA THR D 233 -7.98 -11.55 -17.96
C THR D 233 -7.61 -13.03 -18.14
N PHE D 234 -7.72 -13.53 -19.37
CA PHE D 234 -7.16 -14.85 -19.74
C PHE D 234 -5.72 -15.01 -19.29
N GLU D 235 -4.91 -13.99 -19.54
CA GLU D 235 -3.48 -14.09 -19.20
C GLU D 235 -3.30 -13.94 -17.71
N GLN D 236 -4.23 -13.24 -17.09
CA GLN D 236 -4.17 -12.94 -15.69
C GLN D 236 -4.53 -14.14 -14.84
N VAL D 237 -5.51 -14.91 -15.28
CA VAL D 237 -5.65 -16.24 -14.72
C VAL D 237 -4.47 -17.03 -15.27
N TRP D 238 -3.67 -17.54 -14.34
CA TRP D 238 -2.55 -18.39 -14.65
C TRP D 238 -3.02 -19.80 -14.33
N GLU D 239 -2.10 -20.73 -14.15
CA GLU D 239 -2.43 -22.13 -13.87
C GLU D 239 -3.55 -22.37 -12.82
N GLU D 240 -4.04 -21.30 -12.22
CA GLU D 240 -5.20 -21.35 -11.34
C GLU D 240 -6.36 -22.01 -12.06
N ILE D 241 -6.57 -21.62 -13.31
CA ILE D 241 -7.59 -22.27 -14.12
C ILE D 241 -7.15 -23.73 -14.40
N VAL D 242 -5.84 -23.92 -14.60
CA VAL D 242 -5.26 -25.26 -14.83
C VAL D 242 -5.40 -26.09 -13.58
N THR D 243 -5.12 -25.47 -12.43
CA THR D 243 -5.35 -26.13 -11.14
C THR D 243 -6.84 -26.38 -10.94
N ASP D 244 -7.67 -25.49 -11.47
CA ASP D 244 -9.11 -25.68 -11.39
C ASP D 244 -9.55 -26.89 -12.20
N ILE D 245 -8.91 -27.10 -13.36
CA ILE D 245 -9.34 -28.18 -14.25
C ILE D 245 -8.77 -29.56 -13.89
N LYS D 246 -7.63 -29.60 -13.21
CA LYS D 246 -6.99 -30.90 -13.01
C LYS D 246 -7.61 -31.75 -11.90
N ASP D 247 -8.05 -31.13 -10.81
CA ASP D 247 -8.62 -31.92 -9.72
C ASP D 247 -10.14 -31.81 -9.74
N GLY D 248 -10.68 -31.13 -10.76
CA GLY D 248 -12.12 -30.88 -10.81
C GLY D 248 -12.52 -30.19 -9.53
N VAL D 249 -11.68 -29.28 -9.08
CA VAL D 249 -11.93 -28.47 -7.90
C VAL D 249 -11.64 -27.01 -8.23
N LEU D 250 -12.52 -26.11 -7.79
CA LEU D 250 -12.38 -24.68 -8.07
C LEU D 250 -11.23 -24.10 -7.30
N SER D 251 -10.64 -23.06 -7.86
CA SER D 251 -9.69 -22.24 -7.12
C SER D 251 -10.39 -21.66 -5.89
N ASN D 252 -9.69 -21.69 -4.77
CA ASN D 252 -10.18 -21.17 -3.50
C ASN D 252 -10.45 -19.69 -3.57
N ARG D 253 -9.90 -19.05 -4.60
CA ARG D 253 -10.19 -17.67 -4.95
C ARG D 253 -11.71 -17.45 -5.06
N ILE D 254 -12.38 -18.42 -5.69
CA ILE D 254 -13.83 -18.36 -5.92
C ILE D 254 -14.61 -18.60 -4.64
N THR D 255 -15.35 -17.61 -4.16
CA THR D 255 -15.96 -17.78 -2.85
C THR D 255 -17.50 -17.75 -2.87
N VAL D 256 -18.07 -17.35 -3.99
CA VAL D 256 -19.53 -17.18 -4.04
C VAL D 256 -20.33 -18.46 -4.07
N PRO D 257 -21.28 -18.59 -3.12
CA PRO D 257 -22.16 -19.76 -2.98
C PRO D 257 -22.82 -20.14 -4.29
N SER D 258 -23.40 -19.15 -4.94
CA SER D 258 -24.18 -19.37 -6.16
C SER D 258 -23.32 -19.80 -7.34
N VAL D 259 -22.16 -19.15 -7.51
CA VAL D 259 -21.33 -19.46 -8.66
C VAL D 259 -20.47 -20.68 -8.38
N ARG D 260 -20.13 -20.89 -7.11
CA ARG D 260 -19.38 -22.07 -6.76
C ARG D 260 -20.29 -23.26 -6.98
N THR D 261 -21.57 -23.11 -6.63
CA THR D 261 -22.56 -24.18 -6.82
C THR D 261 -22.71 -24.58 -8.30
N ALA D 262 -22.75 -23.60 -9.20
CA ALA D 262 -22.90 -23.93 -10.62
C ALA D 262 -21.64 -24.55 -11.24
N MET D 263 -20.48 -24.11 -10.82
CA MET D 263 -19.26 -24.71 -11.37
C MET D 263 -19.01 -26.07 -10.71
N SER D 264 -19.54 -26.25 -9.50
CA SER D 264 -19.28 -27.43 -8.65
C SER D 264 -19.98 -28.69 -9.07
N LYS D 265 -21.17 -28.57 -9.62
CA LYS D 265 -21.94 -29.76 -9.98
C LYS D 265 -21.30 -30.43 -11.19
N LEU D 266 -20.68 -29.63 -12.05
CA LEU D 266 -20.09 -30.13 -13.28
C LEU D 266 -18.73 -30.79 -13.05
N LEU D 267 -17.82 -30.10 -12.34
CA LEU D 267 -16.41 -30.47 -12.26
C LEU D 267 -16.16 -31.95 -12.00
N THR D 268 -15.14 -32.49 -12.66
CA THR D 268 -14.60 -33.84 -12.46
C THR D 268 -13.07 -33.79 -12.62
N PRO D 269 -12.33 -34.70 -11.94
CA PRO D 269 -10.86 -34.70 -11.97
C PRO D 269 -10.23 -35.24 -13.29
N ASN D 270 -9.47 -34.40 -13.99
CA ASN D 270 -8.81 -34.79 -15.24
C ASN D 270 -7.33 -34.39 -15.23
N PRO D 271 -6.44 -35.38 -15.34
CA PRO D 271 -4.99 -35.11 -15.32
C PRO D 271 -4.33 -34.96 -16.70
N GLU D 272 -4.70 -35.81 -17.66
CA GLU D 272 -4.10 -35.78 -18.99
C GLU D 272 -4.37 -34.45 -19.72
N LEU D 273 -5.49 -33.86 -19.35
CA LEU D 273 -6.08 -32.75 -20.09
C LEU D 273 -5.36 -31.41 -19.89
N ALA D 274 -4.82 -31.20 -18.71
CA ALA D 274 -3.93 -30.07 -18.51
C ALA D 274 -2.73 -30.13 -19.49
N GLU D 275 -2.29 -31.34 -19.83
CA GLU D 275 -1.12 -31.49 -20.68
C GLU D 275 -1.40 -30.86 -22.04
N THR D 276 -2.64 -31.03 -22.46
CA THR D 276 -3.07 -30.54 -23.75
C THR D 276 -3.00 -29.02 -23.83
N ILE D 277 -3.79 -28.33 -23.01
CA ILE D 277 -3.86 -26.86 -23.07
C ILE D 277 -2.48 -26.25 -23.07
N ARG D 278 -1.57 -26.77 -22.26
CA ARG D 278 -0.20 -26.26 -22.25
C ARG D 278 0.46 -26.45 -23.61
N THR D 279 0.27 -27.63 -24.21
CA THR D 279 0.96 -27.94 -25.45
C THR D 279 0.52 -27.03 -26.60
N LYS D 280 -0.76 -26.67 -26.63
CA LYS D 280 -1.22 -25.75 -27.68
C LYS D 280 -0.76 -24.34 -27.35
N CYS D 281 -0.83 -23.99 -26.08
CA CYS D 281 -0.49 -22.64 -25.65
C CYS D 281 0.99 -22.23 -25.78
N MET D 282 1.87 -23.21 -25.91
CA MET D 282 3.31 -22.98 -25.82
C MET D 282 3.93 -22.63 -27.17
N SER D 283 3.31 -23.12 -28.25
CA SER D 283 3.92 -23.16 -29.58
C SER D 283 4.09 -21.81 -30.23
N LEU D 284 3.20 -20.89 -29.88
CA LEU D 284 3.06 -19.69 -30.71
C LEU D 284 3.89 -18.52 -30.19
N SER D 285 4.10 -17.52 -31.03
CA SER D 285 4.90 -16.38 -30.62
C SER D 285 4.09 -15.61 -29.60
N ASN D 286 4.75 -15.19 -28.51
CA ASN D 286 4.12 -14.62 -27.28
C ASN D 286 2.64 -14.22 -27.42
N TRP D 287 1.81 -15.21 -27.72
CA TRP D 287 0.35 -15.12 -27.81
C TRP D 287 -0.14 -14.15 -28.91
N TYR D 288 0.53 -14.18 -30.07
CA TYR D 288 0.05 -13.54 -31.29
C TYR D 288 -0.94 -14.44 -32.04
N GLY D 289 -2.05 -13.88 -32.49
CA GLY D 289 -3.04 -14.64 -33.22
C GLY D 289 -3.52 -15.84 -32.43
N LEU D 290 -4.01 -15.60 -31.22
CA LEU D 290 -4.44 -16.74 -30.43
C LEU D 290 -5.93 -16.89 -30.34
N ILE D 291 -6.63 -15.77 -30.38
CA ILE D 291 -8.07 -15.78 -30.46
C ILE D 291 -8.50 -16.82 -31.47
N PRO D 292 -7.88 -16.83 -32.68
CA PRO D 292 -8.15 -18.01 -33.50
C PRO D 292 -7.56 -19.28 -32.89
N ALA D 293 -6.38 -19.26 -32.26
CA ALA D 293 -5.82 -20.52 -31.75
C ALA D 293 -6.71 -21.17 -30.68
N LEU D 294 -7.33 -20.35 -29.81
CA LEU D 294 -8.14 -20.88 -28.72
C LEU D 294 -9.41 -21.51 -29.28
N PHE D 295 -9.91 -20.91 -30.35
CA PHE D 295 -11.07 -21.44 -31.07
C PHE D 295 -10.87 -21.15 -32.56
N PRO D 296 -10.11 -22.07 -33.23
CA PRO D 296 -9.69 -22.08 -34.65
C PRO D 296 -10.86 -22.01 -35.59
N ASN D 297 -11.93 -22.64 -35.13
CA ASN D 297 -13.19 -22.76 -35.85
C ASN D 297 -13.99 -21.50 -35.96
N ALA D 298 -13.73 -20.59 -35.05
CA ALA D 298 -14.26 -19.24 -35.13
C ALA D 298 -13.57 -18.52 -36.27
N LYS D 299 -14.36 -17.91 -37.15
CA LYS D 299 -13.83 -17.19 -38.31
C LYS D 299 -13.73 -15.67 -38.12
N TYR D 300 -14.28 -15.17 -37.02
CA TYR D 300 -14.13 -13.76 -36.74
C TYR D 300 -14.13 -13.40 -35.25
N VAL D 301 -13.66 -12.19 -34.99
CA VAL D 301 -13.76 -11.52 -33.72
C VAL D 301 -14.81 -10.41 -33.81
N TYR D 302 -15.84 -10.42 -32.95
CA TYR D 302 -16.90 -9.41 -33.06
C TYR D 302 -16.97 -8.39 -31.91
N GLY D 303 -16.82 -7.11 -32.23
CA GLY D 303 -16.81 -6.06 -31.22
C GLY D 303 -16.74 -4.75 -31.99
N ILE D 304 -17.03 -3.63 -31.35
CA ILE D 304 -17.01 -2.39 -32.11
C ILE D 304 -15.58 -1.95 -32.18
N MET D 305 -15.07 -1.73 -33.39
CA MET D 305 -13.64 -1.59 -33.59
C MET D 305 -13.16 -0.20 -33.97
N THR D 306 -13.97 0.83 -33.70
CA THR D 306 -13.67 2.18 -34.24
C THR D 306 -13.83 3.27 -33.20
N GLY D 307 -13.30 4.46 -33.45
CA GLY D 307 -13.38 5.54 -32.48
C GLY D 307 -12.47 5.31 -31.29
N SER D 308 -13.05 5.31 -30.09
CA SER D 308 -12.24 5.24 -28.89
C SER D 308 -11.67 3.84 -28.72
N MET D 309 -12.27 2.88 -29.44
CA MET D 309 -11.86 1.48 -29.44
C MET D 309 -10.82 1.17 -30.51
N GLU D 310 -10.63 2.11 -31.42
CA GLU D 310 -9.56 2.02 -32.41
C GLU D 310 -8.18 1.76 -31.83
N PRO D 311 -7.82 2.38 -30.69
CA PRO D 311 -6.49 2.04 -30.15
C PRO D 311 -6.40 0.62 -29.57
N TYR D 312 -7.56 0.04 -29.25
CA TYR D 312 -7.62 -1.30 -28.67
C TYR D 312 -7.67 -2.39 -29.76
N VAL D 313 -8.00 -1.98 -30.98
CA VAL D 313 -7.98 -2.89 -32.12
C VAL D 313 -6.58 -3.44 -32.41
N PRO D 314 -5.55 -2.59 -32.43
CA PRO D 314 -4.24 -3.21 -32.61
C PRO D 314 -3.97 -4.30 -31.59
N LYS D 315 -4.20 -4.03 -30.29
CA LYS D 315 -3.97 -5.04 -29.22
C LYS D 315 -4.87 -6.22 -29.41
N LEU D 316 -6.11 -5.96 -29.81
CA LEU D 316 -7.02 -7.04 -30.10
C LEU D 316 -6.53 -7.80 -31.33
N ARG D 317 -6.31 -7.09 -32.44
CA ARG D 317 -5.68 -7.67 -33.61
C ARG D 317 -4.40 -8.38 -33.20
N HIS D 318 -3.61 -7.74 -32.35
CA HIS D 318 -2.35 -8.32 -31.85
C HIS D 318 -2.64 -9.70 -31.29
N TYR D 319 -3.65 -9.76 -30.41
CA TYR D 319 -4.20 -11.01 -29.89
C TYR D 319 -4.87 -11.82 -30.98
N ALA D 320 -5.53 -11.10 -31.88
CA ALA D 320 -6.43 -11.74 -32.85
C ALA D 320 -5.68 -12.24 -34.06
N GLY D 321 -4.68 -11.50 -34.52
CA GLY D 321 -3.89 -11.92 -35.66
C GLY D 321 -4.64 -11.91 -36.98
N ASP D 322 -4.48 -12.95 -37.78
CA ASP D 322 -5.04 -12.98 -39.12
C ASP D 322 -6.55 -13.11 -39.10
N LEU D 323 -7.09 -13.63 -37.99
CA LEU D 323 -8.53 -13.79 -37.84
C LEU D 323 -9.24 -12.45 -38.12
N PRO D 324 -10.24 -12.47 -39.00
CA PRO D 324 -10.96 -11.22 -39.32
C PRO D 324 -11.52 -10.53 -38.08
N LEU D 325 -11.35 -9.21 -38.00
CA LEU D 325 -12.03 -8.41 -36.95
C LEU D 325 -13.29 -7.71 -37.49
N VAL D 326 -14.42 -7.86 -36.81
CA VAL D 326 -15.66 -7.26 -37.30
C VAL D 326 -16.25 -6.19 -36.34
N SER D 327 -16.58 -5.03 -36.88
CA SER D 327 -16.99 -3.92 -36.02
C SER D 327 -18.51 -3.99 -35.85
N HIS D 328 -18.97 -3.98 -34.59
CA HIS D 328 -20.41 -4.08 -34.37
C HIS D 328 -21.14 -2.74 -34.53
N ASP D 329 -22.45 -2.86 -34.75
CA ASP D 329 -23.38 -1.74 -34.84
C ASP D 329 -23.34 -0.76 -33.68
N TYR D 330 -23.86 0.44 -33.93
CA TYR D 330 -23.90 1.43 -32.87
C TYR D 330 -25.34 1.80 -32.54
N GLY D 331 -25.65 1.82 -31.26
CA GLY D 331 -27.00 2.13 -30.81
C GLY D 331 -27.09 2.14 -29.29
N SER D 332 -28.11 2.81 -28.77
CA SER D 332 -28.25 2.88 -27.33
C SER D 332 -29.65 2.69 -26.80
N SER D 333 -29.70 2.58 -25.48
CA SER D 333 -30.96 2.51 -24.77
C SER D 333 -31.65 3.83 -25.02
N GLU D 334 -30.90 4.92 -24.89
CA GLU D 334 -31.43 6.24 -25.21
C GLU D 334 -31.88 6.26 -26.68
N GLY D 335 -31.10 5.61 -27.54
CA GLY D 335 -31.53 5.49 -28.93
C GLY D 335 -30.67 4.61 -29.80
N TRP D 336 -31.35 3.81 -30.63
CA TRP D 336 -30.67 2.97 -31.61
C TRP D 336 -30.71 3.69 -32.94
N ILE D 337 -29.57 3.92 -33.55
CA ILE D 337 -29.61 4.58 -34.84
C ILE D 337 -29.24 3.58 -35.93
N ALA D 338 -28.09 2.95 -35.83
CA ALA D 338 -27.63 2.17 -36.98
C ALA D 338 -26.95 0.83 -36.74
N ALA D 339 -26.87 0.05 -37.81
CA ALA D 339 -26.27 -1.29 -37.78
C ALA D 339 -25.28 -1.57 -38.93
N ASN D 340 -24.23 -2.31 -38.61
CA ASN D 340 -23.30 -2.80 -39.62
C ASN D 340 -24.02 -3.85 -40.45
N VAL D 341 -24.32 -3.53 -41.71
CA VAL D 341 -24.96 -4.52 -42.60
C VAL D 341 -23.91 -5.11 -43.51
N THR D 342 -22.67 -4.63 -43.33
CA THR D 342 -21.53 -5.12 -44.10
C THR D 342 -20.33 -5.49 -43.23
N PRO D 343 -20.46 -6.56 -42.45
CA PRO D 343 -19.43 -6.93 -41.48
C PRO D 343 -18.03 -7.13 -42.03
N ARG D 344 -17.86 -7.37 -43.33
CA ARG D 344 -16.55 -7.78 -43.85
C ARG D 344 -15.55 -6.66 -43.96
N LEU D 345 -16.01 -5.43 -44.18
CA LEU D 345 -15.07 -4.29 -44.20
C LEU D 345 -14.23 -4.20 -42.91
N SER D 346 -13.01 -3.69 -43.02
CA SER D 346 -12.08 -3.63 -41.90
C SER D 346 -12.53 -2.55 -40.91
N PRO D 347 -12.01 -2.60 -39.67
CA PRO D 347 -12.26 -1.64 -38.61
C PRO D 347 -12.02 -0.17 -39.01
N GLU D 348 -10.88 0.09 -39.66
CA GLU D 348 -10.55 1.41 -40.17
C GLU D 348 -11.59 1.93 -41.16
N GLU D 349 -12.07 1.02 -42.04
CA GLU D 349 -13.08 1.40 -43.04
C GLU D 349 -14.55 1.03 -42.65
N ALA D 350 -14.78 0.75 -41.35
CA ALA D 350 -16.10 0.28 -40.89
C ALA D 350 -17.25 1.26 -41.22
N THR D 351 -18.35 0.73 -41.75
CA THR D 351 -19.57 1.52 -42.05
C THR D 351 -20.86 0.80 -41.68
N PHE D 352 -21.69 1.47 -40.90
CA PHE D 352 -22.87 0.79 -40.37
C PHE D 352 -24.16 1.52 -40.86
N ALA D 353 -25.05 0.79 -41.53
CA ALA D 353 -26.30 1.38 -42.03
C ALA D 353 -27.27 1.71 -40.90
N VAL D 354 -28.03 2.80 -41.08
CA VAL D 354 -28.97 3.29 -40.07
C VAL D 354 -30.29 2.56 -40.19
N ILE D 355 -30.76 1.89 -39.13
CA ILE D 355 -32.08 1.29 -39.21
C ILE D 355 -33.06 2.38 -38.77
N PRO D 356 -34.10 2.61 -39.58
CA PRO D 356 -34.94 3.81 -39.38
C PRO D 356 -36.23 3.65 -38.54
N ASN D 357 -36.57 2.45 -38.08
CA ASN D 357 -37.77 2.27 -37.30
C ASN D 357 -37.62 2.47 -35.79
N LEU D 358 -36.40 2.68 -35.28
CA LEU D 358 -36.21 2.70 -33.83
C LEU D 358 -36.45 4.08 -33.27
N GLY D 359 -36.11 5.13 -34.03
CA GLY D 359 -36.38 6.51 -33.60
C GLY D 359 -36.49 7.56 -34.72
N TYR D 360 -37.04 8.72 -34.38
CA TYR D 360 -37.02 9.86 -35.28
C TYR D 360 -35.78 10.70 -34.98
N PHE D 361 -34.82 10.75 -35.89
CA PHE D 361 -33.56 11.42 -35.59
C PHE D 361 -33.25 12.54 -36.58
N GLU D 362 -32.64 13.59 -36.05
CA GLU D 362 -32.25 14.76 -36.82
C GLU D 362 -30.77 15.01 -36.53
N PHE D 363 -30.07 15.73 -37.40
CA PHE D 363 -28.64 16.02 -37.22
C PHE D 363 -28.34 17.54 -37.37
N LEU D 364 -27.44 18.07 -36.56
CA LEU D 364 -27.11 19.49 -36.66
C LEU D 364 -25.73 19.68 -37.30
N PRO D 365 -25.68 20.46 -38.39
CA PRO D 365 -24.42 20.66 -39.10
C PRO D 365 -23.40 21.43 -38.28
N VAL D 366 -22.16 20.96 -38.25
CA VAL D 366 -21.10 21.72 -37.61
C VAL D 366 -20.44 22.61 -38.68
N SER D 367 -21.04 22.65 -39.87
CA SER D 367 -20.44 23.33 -41.04
C SER D 367 -20.70 24.82 -41.10
N GLU D 368 -19.58 25.56 -41.17
CA GLU D 368 -19.50 27.01 -41.12
C GLU D 368 -18.10 27.34 -40.56
N THR D 369 -17.92 27.07 -39.26
CA THR D 369 -16.61 27.07 -38.63
C THR D 369 -16.67 26.20 -37.38
N GLY D 370 -16.98 26.79 -36.22
CA GLY D 370 -17.17 26.05 -34.97
C GLY D 370 -18.08 26.77 -33.98
N GLU D 371 -19.31 26.29 -33.85
CA GLU D 371 -19.71 25.03 -34.53
C GLU D 371 -20.68 25.29 -35.67
N GLY D 372 -20.98 26.56 -35.91
CA GLY D 372 -21.87 26.93 -37.00
C GLY D 372 -23.26 27.12 -36.45
N GLU D 373 -24.13 27.75 -37.25
CA GLU D 373 -25.51 28.04 -36.84
C GLU D 373 -26.49 27.73 -37.99
N GLU D 374 -26.88 26.48 -38.12
CA GLU D 374 -27.82 26.10 -39.17
C GLU D 374 -29.00 25.31 -38.58
N LYS D 375 -30.20 25.50 -39.15
CA LYS D 375 -31.39 24.73 -38.80
C LYS D 375 -31.17 23.22 -38.95
N PRO D 376 -32.07 22.41 -38.34
CA PRO D 376 -31.94 20.95 -38.42
C PRO D 376 -32.29 20.37 -39.79
N VAL D 377 -31.46 19.45 -40.26
CA VAL D 377 -31.71 18.79 -41.54
C VAL D 377 -32.13 17.35 -41.34
N GLY D 378 -32.94 16.85 -42.27
CA GLY D 378 -33.42 15.49 -42.18
C GLY D 378 -32.23 14.57 -42.19
N LEU D 379 -32.34 13.46 -41.48
CA LEU D 379 -31.27 12.47 -41.40
C LEU D 379 -30.90 12.08 -42.81
N THR D 380 -31.90 11.87 -43.65
CA THR D 380 -31.66 11.45 -45.02
C THR D 380 -31.16 12.60 -45.86
N GLN D 381 -31.49 13.82 -45.43
CA GLN D 381 -31.10 15.04 -46.13
C GLN D 381 -29.63 15.39 -45.91
N VAL D 382 -28.98 14.66 -45.01
CA VAL D 382 -27.57 14.89 -44.72
C VAL D 382 -26.71 14.66 -45.96
N LYS D 383 -25.83 15.61 -46.26
CA LYS D 383 -25.04 15.49 -47.47
C LYS D 383 -23.82 14.60 -47.22
N ILE D 384 -23.26 14.08 -48.32
CA ILE D 384 -22.21 13.11 -48.23
C ILE D 384 -20.90 13.78 -47.84
N GLY D 385 -20.21 13.19 -46.88
CA GLY D 385 -18.85 13.59 -46.57
C GLY D 385 -18.72 14.68 -45.55
N GLU D 386 -19.83 15.18 -45.00
CA GLU D 386 -19.76 16.20 -43.94
C GLU D 386 -20.19 15.65 -42.59
N GLU D 387 -19.82 16.34 -41.52
CA GLU D 387 -20.16 15.89 -40.17
C GLU D 387 -21.27 16.68 -39.47
N TYR D 388 -22.35 15.99 -39.13
CA TYR D 388 -23.45 16.60 -38.39
C TYR D 388 -23.67 15.93 -37.03
N GLU D 389 -23.78 16.74 -35.97
CA GLU D 389 -24.12 16.22 -34.64
C GLU D 389 -25.54 15.67 -34.56
N VAL D 390 -25.74 14.70 -33.69
CA VAL D 390 -26.96 13.94 -33.64
C VAL D 390 -27.88 14.45 -32.52
N VAL D 391 -29.08 14.87 -32.92
CA VAL D 391 -30.12 15.18 -31.96
C VAL D 391 -31.18 14.05 -32.01
N ILE D 392 -31.67 13.61 -30.85
CA ILE D 392 -32.37 12.33 -30.85
C ILE D 392 -33.79 12.34 -30.35
N THR D 393 -34.75 12.11 -31.25
CA THR D 393 -36.16 11.97 -30.84
C THR D 393 -36.60 10.51 -30.87
N ASN D 394 -37.07 9.98 -29.74
CA ASN D 394 -37.28 8.55 -29.70
C ASN D 394 -38.27 8.07 -28.63
N TYR D 395 -38.55 6.77 -28.68
CA TYR D 395 -39.48 6.14 -27.76
C TYR D 395 -38.88 6.07 -26.36
N ALA D 396 -37.55 5.95 -26.30
CA ALA D 396 -36.80 5.91 -25.04
C ALA D 396 -37.00 7.18 -24.25
N GLY D 397 -37.63 8.15 -24.87
CA GLY D 397 -38.02 9.32 -24.13
C GLY D 397 -37.11 10.48 -24.40
N LEU D 398 -36.23 10.28 -25.36
CA LEU D 398 -35.44 11.40 -25.84
C LEU D 398 -36.19 11.93 -27.02
N TYR D 399 -36.62 13.18 -26.92
CA TYR D 399 -37.30 13.81 -28.00
C TYR D 399 -36.55 15.10 -28.36
N ARG D 400 -36.15 15.23 -29.62
CA ARG D 400 -35.39 16.41 -30.06
C ARG D 400 -34.25 16.79 -29.13
N TYR D 401 -33.51 15.78 -28.66
CA TYR D 401 -32.48 15.96 -27.64
C TYR D 401 -31.07 16.00 -28.27
N ARG D 402 -30.30 17.04 -27.99
CA ARG D 402 -28.92 17.07 -28.48
C ARG D 402 -28.00 16.24 -27.60
N LEU D 403 -27.63 15.06 -28.10
CA LEU D 403 -26.79 14.17 -27.32
C LEU D 403 -25.36 14.70 -27.29
N GLY D 404 -25.01 15.50 -28.28
CA GLY D 404 -23.75 16.23 -28.26
C GLY D 404 -22.62 15.53 -28.98
N ASP D 405 -22.95 14.86 -30.07
CA ASP D 405 -22.04 13.91 -30.72
C ASP D 405 -21.90 14.11 -32.24
N VAL D 406 -20.67 14.22 -32.74
CA VAL D 406 -20.48 14.54 -34.16
C VAL D 406 -20.11 13.33 -35.02
N VAL D 407 -20.84 13.14 -36.14
CA VAL D 407 -20.61 12.00 -37.01
C VAL D 407 -20.55 12.35 -38.52
N LYS D 408 -19.80 11.57 -39.29
CA LYS D 408 -19.61 11.78 -40.73
C LYS D 408 -20.16 10.64 -41.59
N VAL D 409 -20.99 11.01 -42.57
CA VAL D 409 -21.51 10.08 -43.58
C VAL D 409 -20.67 10.08 -44.86
N ILE D 410 -20.08 8.95 -45.22
CA ILE D 410 -19.33 8.85 -46.49
C ILE D 410 -20.09 8.11 -47.62
N GLY D 411 -21.17 7.41 -47.33
CA GLY D 411 -21.95 6.79 -48.41
C GLY D 411 -23.41 6.56 -48.08
N PHE D 412 -24.14 5.94 -49.00
CA PHE D 412 -25.50 5.47 -48.75
C PHE D 412 -25.63 4.00 -49.15
N TYR D 413 -25.85 3.12 -48.17
CA TYR D 413 -26.29 1.77 -48.49
C TYR D 413 -27.75 1.87 -48.84
N ASN D 414 -28.04 1.75 -50.14
CA ASN D 414 -29.39 1.96 -50.70
C ASN D 414 -29.95 3.36 -50.38
N ASN D 415 -31.05 3.42 -49.64
CA ASN D 415 -31.69 4.70 -49.31
C ASN D 415 -31.33 5.18 -47.92
N THR D 416 -30.40 4.49 -47.26
CA THR D 416 -30.07 4.85 -45.89
C THR D 416 -28.61 5.27 -45.73
N PRO D 417 -28.38 6.43 -45.13
CA PRO D 417 -26.99 6.83 -44.85
C PRO D 417 -26.30 5.93 -43.85
N GLN D 418 -25.00 5.74 -44.03
CA GLN D 418 -24.15 5.09 -43.04
C GLN D 418 -23.42 6.19 -42.27
N LEU D 419 -23.06 5.95 -41.01
CA LEU D 419 -22.40 6.98 -40.20
C LEU D 419 -21.04 6.47 -39.68
N LYS D 420 -20.00 7.28 -39.80
CA LYS D 420 -18.68 6.87 -39.30
C LYS D 420 -18.21 7.77 -38.16
N PHE D 421 -17.59 7.19 -37.14
CA PHE D 421 -17.14 8.01 -36.01
C PHE D 421 -15.65 7.91 -35.80
N ILE D 422 -15.02 9.06 -35.66
CA ILE D 422 -13.65 9.13 -35.26
C ILE D 422 -13.74 9.83 -33.93
N CYS D 423 -14.95 9.84 -33.39
CA CYS D 423 -15.23 10.60 -32.19
C CYS D 423 -14.64 9.96 -30.93
N ARG D 424 -14.71 10.68 -29.83
CA ARG D 424 -13.95 10.30 -28.65
C ARG D 424 -14.69 10.53 -27.34
N ARG D 425 -15.02 11.81 -27.09
CA ARG D 425 -15.72 12.32 -25.92
C ARG D 425 -16.61 13.45 -26.41
N ASN D 426 -17.88 13.43 -26.07
CA ASN D 426 -18.73 14.59 -26.28
C ASN D 426 -18.29 15.64 -25.28
N LEU D 427 -17.08 16.13 -25.46
CA LEU D 427 -16.36 16.72 -24.34
C LEU D 427 -16.55 18.24 -24.26
N ILE D 428 -17.40 18.62 -23.33
CA ILE D 428 -17.68 19.97 -22.91
C ILE D 428 -17.84 19.80 -21.40
N LEU D 429 -17.67 20.86 -20.63
CA LEU D 429 -17.69 20.70 -19.18
C LEU D 429 -18.35 21.87 -18.45
N SER D 430 -19.08 21.52 -17.40
CA SER D 430 -19.54 22.51 -16.45
C SER D 430 -19.45 21.87 -15.05
N ILE D 431 -19.80 22.59 -14.00
CA ILE D 431 -19.45 22.13 -12.66
C ILE D 431 -20.65 21.63 -11.90
N ASN D 432 -20.44 20.49 -11.23
CA ASN D 432 -21.47 19.66 -10.59
C ASN D 432 -21.28 19.63 -9.11
N ILE D 433 -22.10 18.84 -8.40
CA ILE D 433 -21.90 18.73 -6.96
C ILE D 433 -21.63 17.32 -6.37
N ASP D 434 -21.13 16.38 -7.15
CA ASP D 434 -20.69 15.10 -6.57
C ASP D 434 -19.29 15.24 -5.85
N LYS D 435 -18.48 16.21 -6.26
CA LYS D 435 -17.09 16.36 -5.82
C LYS D 435 -16.88 17.25 -4.53
N ASN D 436 -15.91 16.99 -3.63
CA ASN D 436 -15.02 15.80 -3.58
C ASN D 436 -14.20 15.69 -4.85
N THR D 437 -13.45 16.76 -5.14
CA THR D 437 -12.77 17.00 -6.43
C THR D 437 -12.39 15.74 -7.16
N GLU D 438 -12.63 15.70 -8.47
CA GLU D 438 -12.33 14.52 -9.27
C GLU D 438 -10.96 13.98 -8.87
N ARG D 439 -10.02 14.89 -8.61
CA ARG D 439 -8.71 14.54 -8.19
C ARG D 439 -8.79 13.80 -6.86
N ASP D 440 -9.52 14.40 -5.91
CA ASP D 440 -9.78 13.79 -4.62
C ASP D 440 -10.33 12.37 -4.80
N LEU D 441 -11.39 12.23 -5.57
CA LEU D 441 -12.02 10.95 -5.76
C LEU D 441 -11.05 10.00 -6.47
N GLN D 442 -10.38 10.51 -7.51
CA GLN D 442 -9.35 9.69 -8.15
C GLN D 442 -8.23 9.38 -7.17
N LEU D 443 -7.63 10.39 -6.57
CA LEU D 443 -6.68 10.15 -5.50
C LEU D 443 -7.30 9.23 -4.44
N SER D 444 -8.62 9.30 -4.20
CA SER D 444 -9.23 8.47 -3.17
C SER D 444 -8.98 7.02 -3.50
N VAL D 445 -9.31 6.69 -4.72
CA VAL D 445 -9.15 5.38 -5.22
C VAL D 445 -7.71 4.95 -5.04
N GLU D 446 -6.78 5.81 -5.48
CA GLU D 446 -5.37 5.45 -5.55
C GLU D 446 -4.80 5.09 -4.19
N SER D 447 -5.13 5.87 -3.17
CA SER D 447 -4.49 5.66 -1.85
C SER D 447 -4.97 4.33 -1.23
N ALA D 448 -6.28 4.12 -1.27
CA ALA D 448 -6.90 2.90 -0.78
C ALA D 448 -6.40 1.69 -1.57
N ALA D 449 -6.14 1.91 -2.87
CA ALA D 449 -5.88 0.84 -3.80
C ALA D 449 -4.49 0.30 -3.64
N LYS D 450 -3.58 1.03 -3.03
CA LYS D 450 -2.25 0.46 -2.80
C LYS D 450 -2.28 -0.78 -1.86
N ARG D 451 -3.25 -0.81 -0.95
CA ARG D 451 -3.51 -2.02 -0.15
C ARG D 451 -3.81 -3.17 -1.08
N LEU D 452 -4.55 -2.89 -2.17
CA LEU D 452 -4.91 -3.91 -3.14
C LEU D 452 -3.69 -4.23 -3.99
N SER D 453 -2.81 -3.26 -4.13
CA SER D 453 -1.60 -3.42 -4.92
C SER D 453 -0.64 -4.31 -4.14
N GLU D 454 -0.99 -4.61 -2.88
CA GLU D 454 -0.19 -5.53 -2.11
C GLU D 454 -0.31 -6.91 -2.72
N GLU D 455 -1.38 -7.13 -3.49
CA GLU D 455 -1.60 -8.42 -4.14
C GLU D 455 -1.11 -8.45 -5.60
N LYS D 456 -0.33 -7.44 -5.96
CA LYS D 456 0.16 -7.24 -7.31
C LYS D 456 -0.98 -6.79 -8.22
N ILE D 457 -2.00 -6.16 -7.66
CA ILE D 457 -3.24 -5.88 -8.41
C ILE D 457 -3.47 -4.38 -8.64
N GLU D 458 -3.76 -3.96 -9.86
CA GLU D 458 -4.14 -2.57 -10.03
C GLU D 458 -5.66 -2.42 -10.14
N VAL D 459 -6.13 -1.22 -9.83
CA VAL D 459 -7.54 -0.90 -9.86
C VAL D 459 -7.86 -0.24 -11.20
N ILE D 460 -8.72 -0.87 -12.01
CA ILE D 460 -8.91 -0.42 -13.42
C ILE D 460 -9.86 0.80 -13.56
N ASP D 461 -10.72 1.04 -12.57
CA ASP D 461 -11.77 2.03 -12.69
C ASP D 461 -12.71 2.11 -11.49
N PHE D 462 -13.51 3.15 -11.43
CA PHE D 462 -14.14 3.50 -10.16
C PHE D 462 -15.35 4.39 -10.33
N SER D 463 -16.21 4.34 -9.31
CA SER D 463 -17.44 5.11 -9.35
C SER D 463 -17.84 5.40 -7.93
N SER D 464 -18.77 6.32 -7.75
CA SER D 464 -19.30 6.67 -6.45
C SER D 464 -20.74 7.09 -6.60
N TYR D 465 -21.52 7.10 -5.53
CA TYR D 465 -22.95 7.37 -5.64
C TYR D 465 -23.51 8.17 -4.47
N ILE D 466 -24.72 8.71 -4.66
CA ILE D 466 -25.53 9.29 -3.61
C ILE D 466 -26.91 8.71 -3.76
N ASP D 467 -27.45 8.15 -2.69
CA ASP D 467 -28.89 7.84 -2.61
C ASP D 467 -29.30 8.69 -1.40
N VAL D 468 -30.57 8.83 -1.06
CA VAL D 468 -30.91 9.72 0.05
C VAL D 468 -32.08 9.10 0.85
N SER D 469 -32.32 7.82 0.56
CA SER D 469 -33.35 7.05 1.25
C SER D 469 -33.00 6.73 2.68
N THR D 470 -31.81 6.21 2.95
CA THR D 470 -31.51 5.79 4.31
C THR D 470 -31.27 7.00 5.22
N ASP D 471 -31.51 6.80 6.51
CA ASP D 471 -31.37 7.85 7.51
C ASP D 471 -30.42 7.36 8.57
N PRO D 472 -29.25 8.01 8.68
CA PRO D 472 -28.68 9.04 7.80
C PRO D 472 -28.16 8.45 6.51
N GLY D 473 -27.93 9.29 5.50
CA GLY D 473 -27.43 8.77 4.23
C GLY D 473 -25.94 8.41 4.16
N HIS D 474 -25.65 7.18 3.73
CA HIS D 474 -24.27 6.63 3.65
C HIS D 474 -23.77 6.39 2.20
N TYR D 475 -23.01 7.32 1.62
CA TYR D 475 -22.87 7.23 0.15
C TYR D 475 -21.52 7.08 -0.50
N ALA D 476 -21.58 6.41 -1.66
CA ALA D 476 -20.55 6.36 -2.71
C ALA D 476 -19.74 5.06 -2.80
N ILE D 477 -18.93 5.01 -3.86
CA ILE D 477 -17.78 4.14 -4.25
C ILE D 477 -18.01 2.74 -4.83
N PHE D 478 -17.09 2.38 -5.73
CA PHE D 478 -17.15 1.19 -6.61
C PHE D 478 -15.77 0.84 -7.24
N TRP D 479 -15.44 -0.46 -7.35
CA TRP D 479 -14.07 -0.88 -7.70
C TRP D 479 -13.91 -2.05 -8.66
N GLU D 480 -12.93 -1.96 -9.56
CA GLU D 480 -12.48 -3.19 -10.22
C GLU D 480 -11.26 -3.62 -9.52
N ILE D 481 -11.07 -4.92 -9.44
CA ILE D 481 -9.80 -5.43 -9.08
C ILE D 481 -9.64 -6.62 -9.95
N SER D 482 -8.49 -6.70 -10.59
CA SER D 482 -8.18 -7.78 -11.51
C SER D 482 -8.37 -9.16 -10.87
N GLY D 483 -8.33 -9.21 -9.54
CA GLY D 483 -8.45 -10.47 -8.83
C GLY D 483 -9.05 -10.35 -7.44
N GLU D 484 -9.61 -11.45 -6.95
CA GLU D 484 -10.25 -11.54 -5.65
C GLU D 484 -9.24 -11.39 -4.52
N THR D 485 -9.69 -10.72 -3.45
CA THR D 485 -8.93 -10.56 -2.23
C THR D 485 -9.83 -10.75 -1.01
N ASN D 486 -9.24 -10.87 0.18
CA ASN D 486 -10.00 -11.04 1.43
C ASN D 486 -10.82 -9.79 1.81
N GLU D 487 -11.80 -9.95 2.68
CA GLU D 487 -12.60 -8.82 3.12
C GLU D 487 -11.87 -7.74 3.90
N ASP D 488 -10.92 -8.15 4.72
CA ASP D 488 -10.32 -7.20 5.64
C ASP D 488 -9.55 -6.10 4.89
N VAL D 489 -8.73 -6.46 3.88
CA VAL D 489 -8.06 -5.44 3.06
C VAL D 489 -9.05 -4.42 2.46
N LEU D 490 -10.18 -4.95 2.00
CA LEU D 490 -11.17 -4.13 1.38
C LEU D 490 -11.80 -3.26 2.46
N GLN D 491 -12.03 -3.83 3.63
CA GLN D 491 -12.69 -3.09 4.65
C GLN D 491 -11.83 -1.91 5.07
N ASP D 492 -10.53 -2.15 5.13
CA ASP D 492 -9.57 -1.08 5.31
C ASP D 492 -9.69 -0.04 4.20
N CYS D 493 -9.84 -0.49 2.95
CA CYS D 493 -9.92 0.40 1.78
C CYS D 493 -11.07 1.37 1.99
N CYS D 494 -12.09 0.96 2.73
CA CYS D 494 -13.26 1.82 2.94
C CYS D 494 -12.87 3.02 3.75
N ASN D 495 -12.17 2.75 4.83
CA ASN D 495 -11.62 3.82 5.67
C ASN D 495 -10.73 4.77 4.89
N CYS D 496 -9.92 4.24 3.95
CA CYS D 496 -9.07 5.11 3.18
C CYS D 496 -9.92 6.03 2.34
N LEU D 497 -10.96 5.50 1.69
CA LEU D 497 -11.90 6.32 0.92
C LEU D 497 -12.52 7.40 1.76
N ASP D 498 -13.02 7.00 2.92
CA ASP D 498 -13.53 7.97 3.86
C ASP D 498 -12.42 8.96 4.14
N ARG D 499 -11.27 8.44 4.52
CA ARG D 499 -10.13 9.30 4.83
C ARG D 499 -9.57 9.95 3.58
N ALA D 500 -9.81 9.35 2.41
CA ALA D 500 -9.25 9.97 1.19
C ALA D 500 -10.00 11.23 0.67
N PHE D 501 -11.30 11.34 0.95
CA PHE D 501 -12.04 12.57 0.67
C PHE D 501 -11.56 13.64 1.63
N ILE D 502 -10.65 14.48 1.14
CA ILE D 502 -9.79 15.25 2.02
C ILE D 502 -10.37 16.59 2.48
N ASP D 503 -11.62 16.87 2.15
CA ASP D 503 -12.15 18.20 2.46
C ASP D 503 -12.87 18.26 3.81
N ALA D 504 -13.05 19.48 4.31
CA ALA D 504 -13.60 19.77 5.64
C ALA D 504 -15.07 19.44 5.81
N GLY D 505 -15.83 19.44 4.73
CA GLY D 505 -17.27 19.24 4.86
C GLY D 505 -17.58 17.79 5.03
N TYR D 506 -16.77 16.99 4.36
CA TYR D 506 -16.78 15.56 4.51
C TYR D 506 -16.56 15.36 5.98
N VAL D 507 -15.63 16.12 6.50
CA VAL D 507 -15.35 16.05 7.92
C VAL D 507 -16.56 16.25 8.80
N SER D 508 -17.32 17.31 8.57
CA SER D 508 -18.26 17.69 9.60
C SER D 508 -19.47 16.77 9.61
N SER D 509 -20.00 16.47 8.43
CA SER D 509 -21.24 15.66 8.34
C SER D 509 -21.00 14.19 8.62
N ARG D 510 -19.89 13.63 8.13
CA ARG D 510 -19.44 12.30 8.57
C ARG D 510 -19.09 12.24 10.07
N LYS D 511 -18.44 13.27 10.61
CA LYS D 511 -18.24 13.30 12.06
C LYS D 511 -19.59 13.37 12.77
N CYS D 512 -20.46 14.25 12.31
CA CYS D 512 -21.79 14.36 12.89
C CYS D 512 -22.75 13.24 12.41
N LYS D 513 -22.32 12.45 11.44
CA LYS D 513 -23.13 11.37 10.89
C LYS D 513 -24.55 11.79 10.46
N THR D 514 -24.75 13.08 10.14
CA THR D 514 -26.02 13.49 9.57
C THR D 514 -26.15 12.80 8.21
N ILE D 515 -24.98 12.52 7.64
CA ILE D 515 -24.86 11.64 6.52
C ILE D 515 -24.18 10.42 7.08
N GLY D 516 -24.67 9.25 6.71
CA GLY D 516 -24.11 8.04 7.28
C GLY D 516 -22.69 7.74 6.81
N ALA D 517 -22.04 6.85 7.57
CA ALA D 517 -20.71 6.32 7.27
C ALA D 517 -20.66 5.79 5.86
N LEU D 518 -19.68 6.26 5.09
CA LEU D 518 -19.50 5.76 3.73
C LEU D 518 -19.37 4.22 3.73
N GLU D 519 -20.16 3.56 2.89
CA GLU D 519 -20.16 2.09 2.88
C GLU D 519 -19.46 1.49 1.65
N LEU D 520 -18.26 0.94 1.84
CA LEU D 520 -17.51 0.39 0.73
C LEU D 520 -18.17 -0.83 0.10
N ARG D 521 -18.65 -0.61 -1.10
CA ARG D 521 -19.22 -1.68 -1.88
C ARG D 521 -18.26 -1.86 -3.02
N VAL D 522 -17.67 -3.05 -3.13
CA VAL D 522 -16.75 -3.31 -4.21
C VAL D 522 -17.47 -4.19 -5.23
N VAL D 523 -17.42 -3.80 -6.50
CA VAL D 523 -18.02 -4.61 -7.54
C VAL D 523 -16.92 -5.40 -8.24
N ALA D 524 -17.31 -6.41 -9.00
CA ALA D 524 -16.32 -7.31 -9.55
C ALA D 524 -15.95 -6.91 -10.96
N LYS D 525 -14.99 -7.61 -11.56
CA LYS D 525 -14.46 -7.21 -12.85
C LYS D 525 -15.46 -7.13 -14.00
N GLY D 526 -15.34 -6.07 -14.80
CA GLY D 526 -16.08 -5.97 -16.05
C GLY D 526 -17.26 -5.03 -15.97
N THR D 527 -17.37 -4.32 -14.86
CA THR D 527 -18.56 -3.54 -14.51
C THR D 527 -18.65 -2.21 -15.24
N PHE D 528 -17.50 -1.54 -15.43
CA PHE D 528 -17.40 -0.29 -16.21
C PHE D 528 -16.86 -0.50 -17.58
N ARG D 529 -16.34 -1.70 -17.83
CA ARG D 529 -16.11 -2.09 -19.19
C ARG D 529 -17.50 -2.09 -19.78
N LYS D 530 -18.47 -2.52 -18.98
CA LYS D 530 -19.89 -2.45 -19.33
C LYS D 530 -20.31 -1.06 -19.64
N ILE D 531 -19.78 -0.12 -18.84
CA ILE D 531 -20.11 1.28 -18.96
C ILE D 531 -19.50 1.84 -20.22
N GLN D 532 -18.22 1.59 -20.42
CA GLN D 532 -17.55 2.02 -21.63
C GLN D 532 -18.17 1.33 -22.84
N GLU D 533 -18.57 0.06 -22.71
CA GLU D 533 -18.99 -0.65 -23.93
C GLU D 533 -20.31 -0.16 -24.53
N HIS D 534 -21.27 0.21 -23.69
CA HIS D 534 -22.56 0.58 -24.25
C HIS D 534 -22.50 2.00 -24.80
N PHE D 535 -21.55 2.80 -24.32
CA PHE D 535 -21.56 4.24 -24.58
C PHE D 535 -20.97 4.67 -25.92
N LEU D 536 -19.87 4.06 -26.36
CA LEU D 536 -19.27 4.47 -27.64
C LEU D 536 -20.13 3.97 -28.77
N GLY D 537 -20.68 2.78 -28.57
CA GLY D 537 -21.57 2.17 -29.55
C GLY D 537 -22.98 2.65 -29.31
N LEU D 538 -23.15 3.47 -28.27
CA LEU D 538 -24.43 4.09 -28.00
C LEU D 538 -24.87 4.84 -29.25
N GLY D 539 -26.18 4.92 -29.43
CA GLY D 539 -26.76 5.59 -30.56
C GLY D 539 -26.37 7.04 -30.48
N SER D 540 -25.31 7.34 -31.21
CA SER D 540 -24.76 8.68 -31.35
C SER D 540 -23.42 8.54 -32.03
N SER D 541 -22.52 9.46 -31.74
CA SER D 541 -21.18 9.33 -32.26
C SER D 541 -20.33 8.67 -31.18
N ALA D 542 -19.08 8.35 -31.51
CA ALA D 542 -18.25 7.65 -30.54
C ALA D 542 -17.83 8.52 -29.35
N GLY D 543 -18.17 9.80 -29.37
CA GLY D 543 -17.69 10.70 -28.34
C GLY D 543 -18.34 10.47 -26.99
N GLN D 544 -17.95 9.38 -26.30
CA GLN D 544 -18.70 8.94 -25.13
C GLN D 544 -17.89 8.13 -24.15
N PHE D 545 -16.70 8.59 -23.81
CA PHE D 545 -15.86 7.77 -22.95
C PHE D 545 -15.43 8.41 -21.63
N LYS D 546 -16.12 9.47 -21.23
CA LYS D 546 -15.92 10.01 -19.88
C LYS D 546 -16.98 9.45 -18.92
N MET D 547 -16.55 8.61 -17.96
CA MET D 547 -17.48 8.03 -16.99
C MET D 547 -17.61 8.91 -15.75
N PRO D 548 -18.85 9.20 -15.36
CA PRO D 548 -18.99 10.04 -14.16
C PRO D 548 -18.51 9.32 -12.91
N ARG D 549 -17.58 9.98 -12.22
CA ARG D 549 -16.88 9.36 -11.10
C ARG D 549 -17.78 9.22 -9.90
N CYS D 550 -18.48 10.28 -9.52
CA CYS D 550 -19.42 10.09 -8.44
C CYS D 550 -20.86 10.36 -8.90
N VAL D 551 -21.77 9.52 -8.41
CA VAL D 551 -23.16 9.49 -8.84
C VAL D 551 -24.07 10.21 -7.83
N LYS D 552 -24.81 11.21 -8.30
CA LYS D 552 -25.88 11.85 -7.53
C LYS D 552 -27.15 10.99 -7.64
N PRO D 553 -28.28 11.41 -7.03
CA PRO D 553 -29.47 10.57 -7.25
C PRO D 553 -29.77 10.29 -8.72
N SER D 554 -29.23 11.11 -9.62
CA SER D 554 -29.71 11.14 -10.99
C SER D 554 -28.96 10.28 -12.00
N ASN D 555 -27.98 9.49 -11.56
CA ASN D 555 -27.26 8.61 -12.48
C ASN D 555 -27.88 7.23 -12.46
N ALA D 556 -27.94 6.54 -13.58
CA ALA D 556 -28.71 5.30 -13.62
C ALA D 556 -28.06 4.10 -14.33
N LYS D 557 -27.35 4.37 -15.42
CA LYS D 557 -26.59 3.36 -16.15
C LYS D 557 -25.69 2.59 -15.19
N VAL D 558 -24.72 3.27 -14.58
CA VAL D 558 -23.84 2.59 -13.65
C VAL D 558 -24.64 2.20 -12.41
N LEU D 559 -25.72 2.92 -12.17
CA LEU D 559 -26.38 2.73 -10.89
C LEU D 559 -27.08 1.39 -10.75
N GLN D 560 -27.43 0.69 -11.85
CA GLN D 560 -28.06 -0.62 -11.67
C GLN D 560 -27.03 -1.55 -11.13
N ILE D 561 -25.82 -1.50 -11.68
CA ILE D 561 -24.68 -2.31 -11.19
C ILE D 561 -24.44 -2.29 -9.68
N LEU D 562 -25.18 -1.46 -8.95
CA LEU D 562 -24.82 -1.16 -7.56
C LEU D 562 -25.22 -2.22 -6.50
N CYS D 563 -26.48 -2.58 -6.47
CA CYS D 563 -27.04 -3.29 -5.32
C CYS D 563 -26.72 -4.78 -5.18
N GLU D 564 -26.75 -5.53 -6.28
CA GLU D 564 -26.48 -6.97 -6.19
C GLU D 564 -25.17 -7.44 -6.84
N ASN D 565 -24.33 -6.50 -7.30
CA ASN D 565 -23.02 -6.86 -7.86
C ASN D 565 -21.93 -6.82 -6.79
N VAL D 566 -22.31 -6.51 -5.56
CA VAL D 566 -21.28 -6.30 -4.57
C VAL D 566 -20.69 -7.63 -4.14
N VAL D 567 -19.40 -7.83 -4.44
CA VAL D 567 -18.70 -9.00 -3.93
C VAL D 567 -18.69 -8.80 -2.43
N SER D 568 -18.70 -7.53 -2.06
CA SER D 568 -18.61 -7.15 -0.65
C SER D 568 -19.19 -5.79 -0.45
N SER D 569 -20.01 -5.66 0.59
CA SER D 569 -20.60 -4.40 0.93
C SER D 569 -20.43 -4.22 2.41
N TYR D 570 -20.06 -3.02 2.83
CA TYR D 570 -19.78 -2.85 4.24
C TYR D 570 -19.94 -1.45 4.77
N PHE D 571 -20.81 -1.33 5.75
CA PHE D 571 -20.92 -0.11 6.54
C PHE D 571 -19.62 0.00 7.33
N SER D 572 -19.24 1.21 7.70
CA SER D 572 -17.99 1.41 8.42
C SER D 572 -18.03 0.79 9.81
N THR D 573 -17.16 -0.21 10.02
CA THR D 573 -16.96 -0.77 11.36
C THR D 573 -16.22 0.23 12.25
N ALA D 574 -15.70 1.29 11.65
CA ALA D 574 -14.97 2.32 12.38
C ALA D 574 -15.87 3.20 13.25
N PHE D 575 -15.23 4.11 13.97
CA PHE D 575 -15.90 5.14 14.75
C PHE D 575 -16.64 4.54 15.96
N LEU E 10 -75.81 26.23 -8.73
CA LEU E 10 -74.77 25.22 -8.58
C LEU E 10 -75.29 23.83 -8.99
N PRO E 11 -74.53 23.15 -9.85
CA PRO E 11 -74.88 21.79 -10.31
C PRO E 11 -74.95 20.74 -9.18
N ILE E 12 -76.00 19.92 -9.19
CA ILE E 12 -76.14 18.86 -8.17
C ILE E 12 -75.75 17.48 -8.71
N LEU E 13 -74.85 16.82 -7.98
CA LEU E 13 -74.35 15.51 -8.38
C LEU E 13 -74.95 14.46 -7.43
N LEU E 14 -75.69 13.54 -8.02
CA LEU E 14 -76.29 12.41 -7.28
C LEU E 14 -75.31 11.23 -7.40
N ASP E 15 -74.64 10.89 -6.32
CA ASP E 15 -73.50 9.99 -6.42
C ASP E 15 -73.47 8.92 -5.33
N TYR E 16 -72.63 7.93 -5.54
CA TYR E 16 -72.44 6.83 -4.63
C TYR E 16 -71.01 7.05 -4.12
N TRP E 17 -70.86 7.16 -2.79
CA TRP E 17 -69.57 7.43 -2.18
C TRP E 17 -68.57 6.37 -2.58
N PRO E 18 -69.00 5.10 -2.73
CA PRO E 18 -67.87 4.26 -3.07
C PRO E 18 -67.76 3.97 -4.56
N SER E 19 -68.67 4.56 -5.35
CA SER E 19 -68.76 4.22 -6.78
C SER E 19 -67.67 4.80 -7.67
N MET E 20 -66.94 3.91 -8.35
CA MET E 20 -66.00 4.31 -9.42
C MET E 20 -66.60 5.19 -10.49
N PHE E 21 -67.79 4.81 -10.98
CA PHE E 21 -68.49 5.61 -12.01
C PHE E 21 -68.77 7.00 -11.47
N GLY E 22 -69.17 7.06 -10.22
CA GLY E 22 -69.36 8.32 -9.51
C GLY E 22 -68.15 9.22 -9.48
N MET E 23 -66.99 8.67 -9.17
CA MET E 23 -65.82 9.52 -8.90
C MET E 23 -65.31 10.20 -10.20
N ARG E 24 -65.55 9.54 -11.33
CA ARG E 24 -65.26 10.12 -12.64
C ARG E 24 -65.93 11.48 -12.81
N ALA E 25 -67.19 11.57 -12.39
CA ALA E 25 -67.90 12.86 -12.37
C ALA E 25 -67.22 13.81 -11.40
N ARG E 26 -66.89 13.30 -10.21
CA ARG E 26 -66.21 14.08 -9.19
C ARG E 26 -64.87 14.56 -9.72
N VAL E 27 -64.03 13.65 -10.19
CA VAL E 27 -62.74 14.01 -10.78
C VAL E 27 -62.86 15.01 -11.93
N ALA E 28 -63.89 14.88 -12.75
CA ALA E 28 -64.03 15.74 -13.92
C ALA E 28 -64.47 17.15 -13.54
N LEU E 29 -65.49 17.23 -12.71
CA LEU E 29 -65.96 18.52 -12.19
C LEU E 29 -64.85 19.20 -11.38
N ARG E 30 -64.22 18.47 -10.45
CA ARG E 30 -63.09 19.05 -9.69
C ARG E 30 -61.93 19.44 -10.59
N GLU E 31 -61.78 18.75 -11.71
CA GLU E 31 -60.64 18.96 -12.59
C GLU E 31 -60.71 20.30 -13.24
N LYS E 32 -61.94 20.76 -13.51
CA LYS E 32 -62.14 22.04 -14.14
C LYS E 32 -62.01 23.25 -13.16
N GLY E 33 -62.25 23.07 -11.88
CA GLY E 33 -62.12 24.21 -10.94
C GLY E 33 -63.53 24.69 -10.64
N VAL E 34 -64.51 23.93 -11.16
CA VAL E 34 -65.92 24.27 -10.92
C VAL E 34 -66.41 23.86 -9.52
N GLU E 35 -67.31 24.66 -8.96
CA GLU E 35 -67.90 24.38 -7.66
C GLU E 35 -69.29 23.79 -7.85
N PHE E 36 -69.49 22.64 -7.22
CA PHE E 36 -70.73 21.87 -7.36
C PHE E 36 -71.04 21.25 -6.05
N GLU E 37 -72.33 21.08 -5.77
CA GLU E 37 -72.80 20.44 -4.54
C GLU E 37 -72.67 18.93 -4.69
N TYR E 38 -72.30 18.25 -3.62
CA TYR E 38 -72.19 16.79 -3.64
C TYR E 38 -73.31 16.10 -2.84
N ARG E 39 -74.11 15.29 -3.52
CA ARG E 39 -75.20 14.56 -2.85
C ARG E 39 -74.92 13.07 -2.78
N GLU E 40 -75.17 12.50 -1.59
CA GLU E 40 -75.00 11.06 -1.35
C GLU E 40 -76.31 10.27 -1.51
N GLU E 41 -76.31 9.22 -2.36
CA GLU E 41 -77.53 8.46 -2.57
C GLU E 41 -77.53 7.08 -1.90
N ASP E 42 -78.59 6.76 -1.18
CA ASP E 42 -78.73 5.42 -0.65
C ASP E 42 -79.79 4.73 -1.50
N PHE E 43 -79.37 3.70 -2.24
CA PHE E 43 -80.19 3.07 -3.30
C PHE E 43 -81.36 2.32 -2.70
N SER E 44 -81.30 2.13 -1.39
CA SER E 44 -82.45 1.61 -0.64
C SER E 44 -83.56 2.64 -0.67
N ASN E 45 -83.18 3.91 -0.59
CA ASN E 45 -84.17 4.98 -0.53
C ASN E 45 -83.80 6.07 -1.54
N LYS E 46 -84.03 5.75 -2.80
CA LYS E 46 -83.62 6.64 -3.88
C LYS E 46 -84.35 7.95 -3.75
N SER E 47 -83.59 9.03 -3.82
CA SER E 47 -84.18 10.33 -3.62
C SER E 47 -85.14 10.69 -4.77
N PRO E 48 -86.04 11.64 -4.51
CA PRO E 48 -86.93 12.19 -5.53
C PRO E 48 -86.17 12.74 -6.73
N LEU E 49 -84.99 13.33 -6.51
CA LEU E 49 -84.19 13.92 -7.60
C LEU E 49 -83.77 12.88 -8.64
N LEU E 50 -83.33 11.75 -8.12
CA LEU E 50 -82.83 10.65 -8.93
C LEU E 50 -83.94 9.84 -9.59
N LEU E 51 -85.03 9.61 -8.87
CA LEU E 51 -86.17 8.86 -9.42
C LEU E 51 -86.81 9.65 -10.58
N GLN E 52 -87.04 10.95 -10.42
CA GLN E 52 -87.51 11.79 -11.54
C GLN E 52 -86.45 12.08 -12.62
N SER E 53 -85.18 12.11 -12.26
CA SER E 53 -84.18 12.32 -13.34
C SER E 53 -84.01 11.03 -14.11
N ASN E 54 -83.97 9.93 -13.38
CA ASN E 54 -83.80 8.66 -14.06
C ASN E 54 -84.78 7.58 -13.60
N PRO E 55 -86.05 7.67 -14.02
CA PRO E 55 -87.03 6.64 -13.69
C PRO E 55 -86.63 5.25 -14.19
N ILE E 56 -86.06 5.20 -15.38
CA ILE E 56 -85.83 3.96 -16.07
C ILE E 56 -84.57 3.22 -15.62
N HIS E 57 -83.44 3.91 -15.53
CA HIS E 57 -82.22 3.25 -15.10
C HIS E 57 -81.88 3.54 -13.62
N LYS E 58 -82.43 4.64 -13.08
CA LYS E 58 -82.17 5.09 -11.69
C LYS E 58 -80.75 4.84 -11.17
N LYS E 59 -79.75 5.33 -11.90
CA LYS E 59 -78.33 5.07 -11.60
C LYS E 59 -77.48 6.35 -11.54
N ILE E 60 -76.60 6.44 -10.56
CA ILE E 60 -75.64 7.52 -10.43
C ILE E 60 -74.51 7.30 -11.43
N PRO E 61 -73.67 8.34 -11.67
CA PRO E 61 -73.82 9.71 -11.14
C PRO E 61 -74.54 10.61 -12.15
N VAL E 62 -75.58 11.30 -11.69
CA VAL E 62 -76.31 12.19 -12.59
C VAL E 62 -76.05 13.65 -12.17
N LEU E 63 -75.77 14.50 -13.15
CA LEU E 63 -75.44 15.90 -12.87
C LEU E 63 -76.53 16.83 -13.35
N VAL E 64 -77.04 17.65 -12.44
CA VAL E 64 -78.11 18.55 -12.78
C VAL E 64 -77.59 19.95 -12.96
N HIS E 65 -77.60 20.40 -14.21
CA HIS E 65 -77.13 21.74 -14.56
C HIS E 65 -78.16 22.48 -15.43
N ASN E 66 -78.47 23.74 -15.14
CA ASN E 66 -79.53 24.49 -15.86
C ASN E 66 -80.88 23.76 -15.63
N GLY E 67 -80.92 22.98 -14.54
CA GLY E 67 -82.08 22.17 -14.19
C GLY E 67 -82.36 21.12 -15.23
N LYS E 68 -81.28 20.60 -15.78
CA LYS E 68 -81.36 19.56 -16.76
C LYS E 68 -80.45 18.41 -16.33
N PRO E 69 -81.04 17.18 -16.20
CA PRO E 69 -80.34 15.97 -15.72
C PRO E 69 -79.62 15.13 -16.79
N VAL E 70 -78.33 14.98 -16.57
CA VAL E 70 -77.55 14.13 -17.44
C VAL E 70 -77.16 12.85 -16.68
N CYS E 71 -77.50 11.68 -17.23
CA CYS E 71 -77.18 10.44 -16.53
C CYS E 71 -76.14 9.57 -17.28
N GLU E 72 -75.62 8.56 -16.57
CA GLU E 72 -74.36 7.88 -16.92
C GLU E 72 -73.17 8.80 -16.65
N SER E 73 -72.04 8.22 -16.22
CA SER E 73 -70.90 9.01 -15.80
C SER E 73 -70.04 9.55 -16.94
N LEU E 74 -70.05 8.87 -18.08
CA LEU E 74 -69.10 9.18 -19.15
C LEU E 74 -69.54 10.44 -19.83
N ASN E 75 -70.84 10.59 -19.96
CA ASN E 75 -71.33 11.70 -20.76
C ASN E 75 -71.27 12.96 -19.94
N VAL E 76 -71.52 12.86 -18.63
CA VAL E 76 -71.46 14.08 -17.80
C VAL E 76 -70.09 14.70 -17.91
N VAL E 77 -69.04 13.88 -17.92
CA VAL E 77 -67.64 14.34 -18.06
C VAL E 77 -67.45 15.03 -19.40
N GLN E 78 -67.89 14.35 -20.47
CA GLN E 78 -67.92 14.97 -21.79
C GLN E 78 -68.75 16.26 -21.71
N TYR E 79 -69.97 16.16 -21.17
CA TYR E 79 -70.82 17.32 -20.92
C TYR E 79 -70.10 18.42 -20.14
N VAL E 80 -69.35 17.98 -19.14
CA VAL E 80 -68.56 18.86 -18.30
C VAL E 80 -67.60 19.66 -19.20
N ASP E 81 -67.00 18.94 -20.14
CA ASP E 81 -66.02 19.51 -21.04
C ASP E 81 -66.74 20.45 -21.99
N GLU E 82 -67.89 20.01 -22.49
CA GLU E 82 -68.58 20.75 -23.54
C GLU E 82 -69.20 22.05 -23.03
N ALA E 83 -69.72 22.01 -21.81
CA ALA E 83 -70.43 23.14 -21.24
C ALA E 83 -69.47 24.25 -20.79
N TRP E 84 -68.26 23.86 -20.39
CA TRP E 84 -67.18 24.82 -20.14
C TRP E 84 -65.85 24.35 -20.74
N PRO E 85 -65.67 24.54 -22.06
CA PRO E 85 -64.43 24.17 -22.73
C PRO E 85 -63.48 25.34 -22.83
N GLU E 86 -63.25 26.07 -21.75
CA GLU E 86 -62.46 27.29 -21.85
C GLU E 86 -61.21 27.22 -20.98
N LYS E 87 -61.12 26.21 -20.11
CA LYS E 87 -59.89 26.04 -19.31
C LYS E 87 -59.07 24.82 -19.71
N ASN E 88 -59.19 23.74 -18.93
CA ASN E 88 -58.47 22.51 -19.21
C ASN E 88 -59.39 21.47 -19.85
N PRO E 89 -59.29 21.29 -21.18
CA PRO E 89 -60.15 20.44 -22.01
C PRO E 89 -59.80 18.96 -21.87
N PHE E 90 -60.78 18.09 -22.04
CA PHE E 90 -60.53 16.65 -21.85
C PHE E 90 -60.18 15.96 -23.17
N PHE E 91 -60.23 16.71 -24.26
CA PHE E 91 -60.09 16.12 -25.57
C PHE E 91 -58.94 16.72 -26.40
N PRO E 92 -58.21 15.86 -27.13
CA PRO E 92 -57.27 16.39 -28.15
C PRO E 92 -57.99 17.17 -29.28
N SER E 93 -57.28 18.05 -29.97
CA SER E 93 -57.94 18.86 -31.00
C SER E 93 -58.48 18.07 -32.21
N ASP E 94 -57.67 17.17 -32.76
CA ASP E 94 -58.10 16.39 -33.91
C ASP E 94 -59.23 15.40 -33.57
N PRO E 95 -60.05 15.06 -34.58
CA PRO E 95 -61.17 14.12 -34.49
C PRO E 95 -60.71 12.75 -34.07
N TYR E 96 -59.67 12.29 -34.73
CA TYR E 96 -59.14 10.96 -34.47
C TYR E 96 -58.57 10.81 -33.07
N GLY E 97 -58.09 11.91 -32.49
CA GLY E 97 -57.53 11.86 -31.15
C GLY E 97 -58.61 11.47 -30.15
N ARG E 98 -59.71 12.23 -30.19
CA ARG E 98 -60.91 12.00 -29.39
C ARG E 98 -61.52 10.64 -29.71
N ALA E 99 -61.21 10.13 -30.89
CA ALA E 99 -61.65 8.80 -31.33
C ALA E 99 -61.07 7.68 -30.48
N GLN E 100 -59.75 7.75 -30.29
CA GLN E 100 -59.02 6.86 -29.42
C GLN E 100 -59.54 6.97 -27.99
N ALA E 101 -59.86 8.20 -27.58
CA ALA E 101 -60.38 8.43 -26.24
C ALA E 101 -61.70 7.66 -26.02
N ARG E 102 -62.65 7.85 -26.92
CA ARG E 102 -63.94 7.16 -26.82
C ARG E 102 -63.88 5.64 -27.07
N PHE E 103 -63.10 5.25 -28.08
CA PHE E 103 -62.75 3.85 -28.24
C PHE E 103 -62.20 3.26 -26.93
N TRP E 104 -61.14 3.87 -26.41
CA TRP E 104 -60.52 3.38 -25.18
C TRP E 104 -61.44 3.56 -23.97
N ALA E 105 -62.32 4.55 -24.02
CA ALA E 105 -63.27 4.79 -22.94
C ALA E 105 -64.20 3.62 -22.80
N ASP E 106 -64.60 3.05 -23.94
CA ASP E 106 -65.47 1.89 -23.91
C ASP E 106 -64.77 0.67 -23.32
N PHE E 107 -63.50 0.47 -23.69
CA PHE E 107 -62.66 -0.66 -23.20
C PHE E 107 -62.53 -0.69 -21.68
N VAL E 108 -62.23 0.48 -21.12
CA VAL E 108 -62.09 0.60 -19.69
C VAL E 108 -63.47 0.51 -19.04
N ASP E 109 -64.49 0.96 -19.76
CA ASP E 109 -65.87 0.87 -19.30
C ASP E 109 -66.47 -0.55 -19.30
N LYS E 110 -66.01 -1.39 -20.22
CA LYS E 110 -66.68 -2.65 -20.45
C LYS E 110 -65.77 -3.81 -20.02
N LYS E 111 -64.80 -4.16 -20.87
CA LYS E 111 -63.91 -5.29 -20.62
C LYS E 111 -63.05 -5.14 -19.37
N PHE E 112 -62.37 -4.01 -19.23
CA PHE E 112 -61.59 -3.77 -18.01
C PHE E 112 -62.53 -3.76 -16.79
N THR E 113 -63.74 -3.21 -16.98
CA THR E 113 -64.74 -3.08 -15.92
C THR E 113 -65.36 -4.44 -15.67
N ASP E 114 -65.53 -5.24 -16.73
CA ASP E 114 -66.04 -6.60 -16.57
C ASP E 114 -65.06 -7.49 -15.84
N ALA E 115 -63.79 -7.44 -16.23
CA ALA E 115 -62.79 -8.32 -15.60
C ALA E 115 -62.59 -7.89 -14.17
N GLN E 116 -62.49 -6.58 -13.95
CA GLN E 116 -62.30 -6.12 -12.55
C GLN E 116 -63.51 -6.51 -11.67
N PHE E 117 -64.71 -6.50 -12.24
CA PHE E 117 -65.97 -6.76 -11.49
C PHE E 117 -65.99 -8.18 -10.98
N LYS E 118 -65.57 -9.09 -11.85
CA LYS E 118 -65.48 -10.51 -11.53
C LYS E 118 -64.48 -10.75 -10.40
N VAL E 119 -63.40 -9.98 -10.32
CA VAL E 119 -62.40 -10.38 -9.33
C VAL E 119 -62.83 -9.86 -7.96
N TRP E 120 -63.64 -8.80 -7.91
CA TRP E 120 -63.96 -8.29 -6.60
C TRP E 120 -65.28 -8.86 -6.14
N GLY E 121 -66.13 -9.25 -7.09
CA GLY E 121 -67.48 -9.71 -6.77
C GLY E 121 -67.72 -11.20 -7.01
N LYS E 122 -66.66 -11.96 -7.29
CA LYS E 122 -66.80 -13.42 -7.57
C LYS E 122 -65.83 -14.40 -6.88
N LYS E 123 -66.26 -15.64 -6.85
CA LYS E 123 -65.46 -16.74 -6.29
C LYS E 123 -65.28 -17.81 -7.36
N GLY E 124 -64.33 -18.71 -7.13
CA GLY E 124 -64.15 -19.85 -8.00
C GLY E 124 -63.58 -19.43 -9.33
N GLU E 125 -63.94 -20.18 -10.36
CA GLU E 125 -63.26 -20.18 -11.65
C GLU E 125 -63.21 -18.82 -12.29
N GLU E 126 -64.32 -18.09 -12.24
CA GLU E 126 -64.40 -16.84 -12.97
C GLU E 126 -63.48 -15.81 -12.30
N GLN E 127 -63.30 -15.95 -11.00
CA GLN E 127 -62.43 -14.98 -10.33
C GLN E 127 -61.02 -15.17 -10.88
N GLU E 128 -60.54 -16.43 -10.85
CA GLU E 128 -59.16 -16.70 -11.27
C GLU E 128 -58.99 -16.50 -12.77
N ALA E 129 -60.05 -16.74 -13.54
CA ALA E 129 -59.97 -16.49 -14.98
C ALA E 129 -60.05 -14.99 -15.26
N GLY E 130 -60.78 -14.27 -14.40
CA GLY E 130 -60.91 -12.82 -14.47
C GLY E 130 -59.63 -12.17 -14.00
N LYS E 131 -58.95 -12.84 -13.07
CA LYS E 131 -57.63 -12.46 -12.60
C LYS E 131 -56.55 -12.36 -13.70
N LYS E 132 -56.48 -13.41 -14.54
CA LYS E 132 -55.65 -13.43 -15.74
C LYS E 132 -56.09 -12.28 -16.62
N GLU E 133 -57.40 -12.17 -16.78
CA GLU E 133 -58.00 -11.12 -17.59
C GLU E 133 -57.62 -9.72 -17.11
N PHE E 134 -57.61 -9.51 -15.80
CA PHE E 134 -57.26 -8.20 -15.26
C PHE E 134 -55.84 -7.80 -15.67
N ILE E 135 -54.85 -8.67 -15.44
CA ILE E 135 -53.44 -8.40 -15.83
C ILE E 135 -53.28 -8.19 -17.35
N GLU E 136 -53.85 -9.11 -18.13
CA GLU E 136 -53.79 -9.01 -19.58
C GLU E 136 -54.34 -7.67 -20.06
N ALA E 137 -55.53 -7.35 -19.56
CA ALA E 137 -56.17 -6.10 -19.88
C ALA E 137 -55.30 -4.93 -19.40
N VAL E 138 -54.64 -5.06 -18.25
CA VAL E 138 -53.73 -3.99 -17.83
C VAL E 138 -52.60 -3.85 -18.85
N LYS E 139 -52.10 -5.00 -19.32
CA LYS E 139 -51.02 -5.03 -20.30
C LYS E 139 -51.43 -4.38 -21.62
N ILE E 140 -52.72 -4.46 -21.97
CA ILE E 140 -53.20 -3.85 -23.23
C ILE E 140 -53.14 -2.33 -23.16
N LEU E 141 -53.55 -1.78 -22.02
CA LEU E 141 -53.45 -0.35 -21.81
C LEU E 141 -51.96 0.04 -21.77
N GLU E 142 -51.16 -0.80 -21.11
CA GLU E 142 -49.71 -0.64 -21.10
C GLU E 142 -49.15 -0.56 -22.53
N SER E 143 -49.65 -1.42 -23.41
CA SER E 143 -49.11 -1.55 -24.76
C SER E 143 -49.46 -0.37 -25.68
N GLU E 144 -50.76 -0.13 -25.84
CA GLU E 144 -51.26 0.97 -26.67
C GLU E 144 -50.69 2.32 -26.26
N LEU E 145 -50.73 2.62 -24.98
CA LEU E 145 -50.15 3.87 -24.53
C LEU E 145 -48.63 3.77 -24.58
N GLY E 146 -48.12 2.56 -24.33
CA GLY E 146 -46.69 2.28 -24.40
C GLY E 146 -45.91 3.08 -23.37
N ASP E 147 -45.86 4.39 -23.61
CA ASP E 147 -45.31 5.34 -22.66
C ASP E 147 -46.03 6.72 -22.75
N LYS E 148 -47.18 6.83 -22.08
CA LYS E 148 -47.85 8.13 -21.90
C LYS E 148 -47.85 8.57 -20.44
N PRO E 149 -47.73 9.88 -20.21
CA PRO E 149 -47.89 10.27 -18.81
C PRO E 149 -49.35 10.45 -18.49
N TYR E 150 -50.12 10.73 -19.53
CA TYR E 150 -51.56 10.92 -19.41
C TYR E 150 -52.24 10.21 -20.56
N PHE E 151 -53.52 9.88 -20.43
CA PHE E 151 -54.13 9.03 -21.43
C PHE E 151 -54.89 9.92 -22.47
N GLY E 152 -55.65 10.89 -21.97
CA GLY E 152 -56.62 11.60 -22.78
C GLY E 152 -56.14 12.90 -23.42
N GLY E 153 -54.87 13.22 -23.24
CA GLY E 153 -54.22 14.26 -24.02
C GLY E 153 -53.03 14.66 -23.19
N ASP E 154 -52.44 15.82 -23.49
CA ASP E 154 -51.21 16.26 -22.84
C ASP E 154 -51.37 16.48 -21.32
N SER E 155 -52.56 16.88 -20.91
CA SER E 155 -52.84 17.07 -19.47
C SER E 155 -53.71 15.92 -19.00
N PHE E 156 -54.33 16.09 -17.83
CA PHE E 156 -55.32 15.09 -17.37
C PHE E 156 -56.33 14.93 -18.50
N GLY E 157 -56.68 13.69 -18.83
CA GLY E 157 -57.50 13.46 -19.99
C GLY E 157 -58.78 12.71 -19.70
N TYR E 158 -59.63 12.65 -20.72
CA TYR E 158 -60.90 11.92 -20.66
C TYR E 158 -60.75 10.38 -20.33
N VAL E 159 -59.76 9.71 -20.87
CA VAL E 159 -59.58 8.30 -20.53
C VAL E 159 -58.69 8.21 -19.27
N ASP E 160 -57.90 9.27 -19.00
CA ASP E 160 -57.26 9.47 -17.71
C ASP E 160 -58.25 9.47 -16.53
N ILE E 161 -59.29 10.30 -16.59
CA ILE E 161 -60.29 10.36 -15.53
C ILE E 161 -61.10 9.05 -15.42
N SER E 162 -61.25 8.34 -16.52
CA SER E 162 -62.17 7.20 -16.53
C SER E 162 -61.52 5.98 -15.93
N LEU E 163 -60.23 5.85 -16.22
CA LEU E 163 -59.42 4.75 -15.72
C LEU E 163 -59.00 4.98 -14.26
N ILE E 164 -58.88 6.25 -13.87
CA ILE E 164 -58.26 6.63 -12.59
C ILE E 164 -59.10 6.31 -11.35
N THR E 165 -60.43 6.29 -11.50
CA THR E 165 -61.29 6.02 -10.36
C THR E 165 -61.10 4.60 -9.93
N PHE E 166 -60.73 3.78 -10.90
CA PHE E 166 -60.43 2.38 -10.65
C PHE E 166 -59.13 2.24 -9.84
N SER E 167 -58.27 3.27 -9.82
CA SER E 167 -56.97 3.14 -9.11
C SER E 167 -57.23 3.01 -7.62
N SER E 168 -58.29 3.68 -7.17
CA SER E 168 -58.67 3.58 -5.77
C SER E 168 -59.03 2.13 -5.51
N TRP E 169 -59.57 1.47 -6.52
CA TRP E 169 -59.96 0.06 -6.42
C TRP E 169 -58.77 -0.90 -6.48
N PHE E 170 -57.62 -0.37 -6.89
CA PHE E 170 -56.48 -1.23 -7.24
C PHE E 170 -56.02 -2.04 -6.03
N GLN E 171 -56.21 -1.49 -4.83
CA GLN E 171 -55.82 -2.29 -3.65
C GLN E 171 -56.77 -3.45 -3.54
N ALA E 172 -58.05 -3.18 -3.83
CA ALA E 172 -59.07 -4.22 -3.74
C ALA E 172 -58.82 -5.32 -4.78
N TYR E 173 -58.45 -4.93 -5.99
CA TYR E 173 -58.09 -5.90 -7.01
C TYR E 173 -56.79 -6.61 -6.62
N GLU E 174 -55.97 -5.96 -5.82
CA GLU E 174 -54.78 -6.61 -5.27
C GLU E 174 -55.16 -7.59 -4.15
N LYS E 175 -56.11 -7.24 -3.27
CA LYS E 175 -56.50 -8.17 -2.17
C LYS E 175 -57.24 -9.44 -2.62
N PHE E 176 -58.48 -9.27 -3.04
CA PHE E 176 -59.31 -10.36 -3.56
C PHE E 176 -58.62 -11.03 -4.75
N GLY E 177 -57.91 -10.25 -5.56
CA GLY E 177 -57.12 -10.80 -6.66
C GLY E 177 -55.90 -11.55 -6.19
N ASN E 178 -55.30 -11.05 -5.10
CA ASN E 178 -54.03 -11.60 -4.56
C ASN E 178 -52.76 -11.33 -5.39
N PHE E 179 -52.78 -10.42 -6.37
CA PHE E 179 -51.50 -10.07 -7.01
C PHE E 179 -51.18 -8.58 -6.98
N SER E 180 -49.92 -8.32 -7.29
CA SER E 180 -49.40 -6.99 -7.49
C SER E 180 -49.31 -6.73 -8.99
N ILE E 181 -50.25 -5.95 -9.48
CA ILE E 181 -50.22 -5.47 -10.85
C ILE E 181 -48.94 -4.68 -11.07
N GLU E 182 -48.59 -3.91 -10.05
CA GLU E 182 -47.40 -3.08 -10.05
C GLU E 182 -46.11 -3.90 -10.21
N SER E 183 -46.08 -5.11 -9.68
CA SER E 183 -44.81 -5.83 -9.68
C SER E 183 -44.55 -6.29 -11.08
N GLU E 184 -45.60 -6.84 -11.67
CA GLU E 184 -45.64 -7.18 -13.07
C GLU E 184 -45.67 -5.94 -13.98
N SER E 185 -46.49 -4.95 -13.64
CA SER E 185 -46.52 -3.70 -14.42
C SER E 185 -46.71 -2.51 -13.50
N PRO E 186 -45.61 -1.87 -13.07
CA PRO E 186 -45.66 -0.73 -12.13
C PRO E 186 -46.29 0.53 -12.76
N LYS E 187 -46.11 0.64 -14.08
CA LYS E 187 -46.38 1.87 -14.82
C LYS E 187 -47.86 2.28 -14.71
N LEU E 188 -48.77 1.33 -14.89
CA LEU E 188 -50.22 1.65 -14.89
C LEU E 188 -50.72 2.06 -13.50
N ILE E 189 -50.44 1.27 -12.49
CA ILE E 189 -50.90 1.65 -11.14
C ILE E 189 -50.21 2.89 -10.64
N ALA E 190 -49.00 3.14 -11.10
CA ALA E 190 -48.26 4.24 -10.55
C ALA E 190 -48.35 5.43 -11.52
N TRP E 191 -49.04 5.24 -12.64
CA TRP E 191 -49.53 6.37 -13.43
C TRP E 191 -50.60 7.05 -12.59
N ALA E 192 -51.34 6.22 -11.87
CA ALA E 192 -52.35 6.68 -10.94
C ALA E 192 -51.76 7.61 -9.89
N LYS E 193 -50.54 7.34 -9.46
CA LYS E 193 -49.87 8.16 -8.46
C LYS E 193 -49.54 9.56 -8.97
N ARG E 194 -49.23 9.68 -10.26
CA ARG E 194 -49.17 11.01 -10.87
C ARG E 194 -50.51 11.70 -10.73
N CYS E 195 -51.60 10.99 -11.01
CA CYS E 195 -52.88 11.64 -10.97
C CYS E 195 -53.15 12.17 -9.56
N MET E 196 -52.69 11.42 -8.55
CA MET E 196 -53.01 11.73 -7.15
C MET E 196 -52.48 13.10 -6.65
N GLU E 197 -51.39 13.59 -7.24
CA GLU E 197 -50.82 14.86 -6.78
C GLU E 197 -51.76 16.03 -7.09
N LYS E 198 -52.46 15.96 -8.22
CA LYS E 198 -53.56 16.88 -8.57
C LYS E 198 -54.72 16.70 -7.58
N GLU E 199 -55.34 17.81 -7.17
CA GLU E 199 -56.26 17.83 -6.03
C GLU E 199 -57.62 17.22 -6.36
N SER E 200 -57.94 17.15 -7.64
CA SER E 200 -59.24 16.65 -8.09
C SER E 200 -59.49 15.22 -7.60
N VAL E 201 -58.72 14.28 -8.10
CA VAL E 201 -58.72 12.89 -7.60
C VAL E 201 -58.44 12.77 -6.09
N SER E 202 -57.74 13.76 -5.55
CA SER E 202 -57.26 13.71 -4.19
C SER E 202 -58.43 13.80 -3.23
N LYS E 203 -59.42 14.59 -3.63
CA LYS E 203 -60.64 14.77 -2.86
C LYS E 203 -61.83 13.98 -3.44
N SER E 204 -61.77 13.64 -4.73
CA SER E 204 -62.88 12.97 -5.42
C SER E 204 -63.01 11.50 -4.98
N LEU E 205 -61.88 10.83 -4.91
CA LEU E 205 -61.81 9.43 -4.52
C LEU E 205 -61.73 9.27 -3.00
N PRO E 206 -62.68 8.50 -2.44
CA PRO E 206 -62.67 8.11 -1.02
C PRO E 206 -61.44 7.29 -0.65
N ASP E 207 -61.24 6.97 0.63
CA ASP E 207 -60.04 6.23 1.01
C ASP E 207 -60.01 4.85 0.44
N SER E 208 -58.83 4.34 0.09
CA SER E 208 -58.73 2.97 -0.45
C SER E 208 -59.22 1.99 0.61
N GLU E 209 -59.14 2.42 1.87
CA GLU E 209 -59.61 1.58 2.95
C GLU E 209 -61.12 1.51 3.04
N LYS E 210 -61.79 2.58 2.65
CA LYS E 210 -63.23 2.60 2.77
C LYS E 210 -63.82 1.75 1.68
N ILE E 211 -63.19 1.76 0.52
CA ILE E 211 -63.75 1.02 -0.59
C ILE E 211 -63.47 -0.46 -0.49
N VAL E 212 -62.32 -0.85 0.03
CA VAL E 212 -62.08 -2.28 0.14
C VAL E 212 -62.93 -2.77 1.31
N ALA E 213 -63.31 -1.85 2.18
CA ALA E 213 -64.27 -2.13 3.26
C ALA E 213 -65.63 -2.65 2.77
N TYR E 214 -66.32 -1.92 1.88
CA TYR E 214 -67.60 -2.43 1.36
C TYR E 214 -67.37 -3.72 0.56
N ALA E 215 -66.20 -3.88 -0.06
CA ALA E 215 -65.99 -4.99 -1.01
C ALA E 215 -66.00 -6.33 -0.30
N ALA E 216 -65.29 -6.39 0.80
CA ALA E 216 -65.37 -7.53 1.71
C ALA E 216 -66.76 -7.59 2.35
N GLU E 217 -67.23 -6.43 2.82
CA GLU E 217 -68.54 -6.39 3.47
C GLU E 217 -69.69 -6.71 2.47
N TYR E 218 -69.60 -6.22 1.24
CA TYR E 218 -70.60 -6.57 0.21
C TYR E 218 -70.54 -8.03 -0.16
N ARG E 219 -69.33 -8.53 -0.34
CA ARG E 219 -69.08 -9.93 -0.69
C ARG E 219 -69.62 -10.85 0.39
N LYS E 220 -69.49 -10.43 1.65
CA LYS E 220 -70.10 -11.13 2.77
C LYS E 220 -71.61 -11.21 2.64
N ASN E 221 -72.23 -10.20 2.05
CA ASN E 221 -73.68 -10.13 1.98
C ASN E 221 -74.26 -11.08 0.92
N ASN E 222 -73.40 -11.55 0.01
CA ASN E 222 -73.85 -12.42 -1.07
C ASN E 222 -73.11 -13.78 -1.07
N LEU E 223 -73.84 -14.84 -1.35
CA LEU E 223 -73.23 -16.17 -1.35
C LEU E 223 -73.37 -16.82 -2.73
N LEU F 10 -60.16 7.37 -50.19
CA LEU F 10 -61.52 6.74 -50.21
C LEU F 10 -61.78 5.97 -48.91
N PRO F 11 -62.97 6.13 -48.33
CA PRO F 11 -63.36 5.47 -47.07
C PRO F 11 -63.57 3.99 -47.33
N ILE F 12 -62.86 3.18 -46.57
CA ILE F 12 -62.98 1.74 -46.63
C ILE F 12 -63.66 1.19 -45.38
N LEU F 13 -64.73 0.42 -45.58
CA LEU F 13 -65.59 -0.06 -44.51
C LEU F 13 -65.64 -1.56 -44.54
N LEU F 14 -65.24 -2.22 -43.45
CA LEU F 14 -65.33 -3.66 -43.34
C LEU F 14 -66.58 -4.07 -42.58
N ASP F 15 -67.49 -4.80 -43.23
CA ASP F 15 -68.78 -4.97 -42.62
C ASP F 15 -69.44 -6.28 -42.94
N TYR F 16 -70.46 -6.59 -42.14
CA TYR F 16 -71.18 -7.84 -42.20
C TYR F 16 -72.55 -7.49 -42.78
N TRP F 17 -72.97 -8.24 -43.81
CA TRP F 17 -74.23 -7.97 -44.50
C TRP F 17 -75.39 -7.89 -43.49
N PRO F 18 -75.36 -8.76 -42.44
CA PRO F 18 -76.42 -8.56 -41.47
C PRO F 18 -75.77 -8.09 -40.13
N SER F 19 -75.29 -6.86 -40.08
CA SER F 19 -74.82 -6.33 -38.82
C SER F 19 -75.48 -4.99 -38.55
N MET F 20 -76.23 -4.93 -37.45
CA MET F 20 -76.94 -3.73 -37.01
C MET F 20 -75.98 -2.58 -36.71
N PHE F 21 -74.89 -2.90 -36.03
CA PHE F 21 -73.76 -2.00 -35.78
C PHE F 21 -73.08 -1.57 -37.08
N GLY F 22 -72.77 -2.57 -37.90
CA GLY F 22 -72.28 -2.32 -39.24
C GLY F 22 -73.15 -1.41 -40.08
N MET F 23 -74.47 -1.56 -39.99
CA MET F 23 -75.41 -0.64 -40.65
C MET F 23 -75.39 0.74 -40.02
N ARG F 24 -75.09 0.80 -38.72
CA ARG F 24 -74.99 2.11 -38.09
C ARG F 24 -73.90 2.91 -38.80
N ALA F 25 -72.79 2.24 -39.07
CA ALA F 25 -71.65 2.89 -39.72
C ALA F 25 -72.00 3.29 -41.12
N ARG F 26 -72.75 2.40 -41.79
CA ARG F 26 -73.04 2.54 -43.20
C ARG F 26 -74.04 3.66 -43.40
N VAL F 27 -75.15 3.58 -42.68
CA VAL F 27 -76.17 4.65 -42.65
C VAL F 27 -75.57 6.02 -42.33
N ALA F 28 -74.69 6.05 -41.33
CA ALA F 28 -74.10 7.31 -40.88
C ALA F 28 -73.25 7.98 -41.96
N LEU F 29 -72.39 7.22 -42.62
CA LEU F 29 -71.60 7.83 -43.70
C LEU F 29 -72.53 8.34 -44.78
N ARG F 30 -73.54 7.57 -45.09
CA ARG F 30 -74.40 7.96 -46.18
C ARG F 30 -75.33 9.08 -45.79
N GLU F 31 -75.71 9.15 -44.52
CA GLU F 31 -76.48 10.28 -43.99
C GLU F 31 -75.76 11.61 -44.23
N LYS F 32 -74.44 11.62 -44.03
CA LYS F 32 -73.68 12.87 -44.18
C LYS F 32 -73.40 13.28 -45.63
N GLY F 33 -73.11 12.29 -46.47
CA GLY F 33 -72.92 12.55 -47.90
C GLY F 33 -71.56 12.13 -48.45
N VAL F 34 -71.05 10.99 -48.00
CA VAL F 34 -69.74 10.54 -48.43
C VAL F 34 -69.81 9.17 -49.12
N GLU F 35 -69.15 9.08 -50.28
CA GLU F 35 -69.15 7.89 -51.09
C GLU F 35 -68.04 6.98 -50.53
N PHE F 36 -68.41 5.76 -50.15
CA PHE F 36 -67.48 4.85 -49.48
C PHE F 36 -67.57 3.47 -50.05
N GLU F 37 -66.55 2.68 -49.75
CA GLU F 37 -66.43 1.35 -50.32
C GLU F 37 -66.74 0.26 -49.27
N TYR F 38 -67.64 -0.67 -49.59
CA TYR F 38 -68.00 -1.73 -48.65
C TYR F 38 -67.32 -3.07 -49.01
N ARG F 39 -66.56 -3.60 -48.05
CA ARG F 39 -65.98 -4.93 -48.20
C ARG F 39 -66.74 -5.94 -47.32
N GLU F 40 -67.30 -6.99 -47.89
CA GLU F 40 -68.07 -7.89 -47.06
C GLU F 40 -67.13 -8.81 -46.25
N GLU F 41 -67.48 -9.04 -45.00
CA GLU F 41 -66.58 -9.84 -44.19
C GLU F 41 -67.02 -11.27 -43.86
N ASP F 42 -66.13 -12.22 -44.10
CA ASP F 42 -66.33 -13.58 -43.61
C ASP F 42 -65.76 -13.64 -42.23
N PHE F 43 -66.59 -13.78 -41.20
CA PHE F 43 -66.01 -13.80 -39.87
C PHE F 43 -65.13 -15.07 -39.70
N SER F 44 -65.32 -16.02 -40.59
CA SER F 44 -64.49 -17.21 -40.63
C SER F 44 -63.05 -16.82 -40.96
N ASN F 45 -62.90 -15.83 -41.86
CA ASN F 45 -61.59 -15.36 -42.33
C ASN F 45 -61.47 -13.84 -42.23
N LYS F 46 -61.42 -13.30 -41.02
CA LYS F 46 -61.34 -11.85 -40.86
C LYS F 46 -60.15 -11.30 -41.65
N SER F 47 -60.34 -10.16 -42.27
CA SER F 47 -59.37 -9.66 -43.21
C SER F 47 -58.02 -9.29 -42.58
N PRO F 48 -56.94 -9.38 -43.38
CA PRO F 48 -55.60 -8.87 -43.04
C PRO F 48 -55.63 -7.41 -42.59
N LEU F 49 -56.42 -6.55 -43.22
CA LEU F 49 -56.49 -5.18 -42.73
C LEU F 49 -57.42 -5.08 -41.54
N LEU F 50 -58.50 -5.86 -41.59
CA LEU F 50 -59.34 -6.00 -40.42
C LEU F 50 -58.50 -6.49 -39.24
N LEU F 51 -57.62 -7.47 -39.45
CA LEU F 51 -56.82 -7.98 -38.31
C LEU F 51 -55.86 -6.90 -37.85
N GLN F 52 -55.44 -6.01 -38.73
CA GLN F 52 -54.60 -4.90 -38.28
C GLN F 52 -55.41 -3.86 -37.46
N SER F 53 -56.65 -3.61 -37.90
CA SER F 53 -57.52 -2.59 -37.34
C SER F 53 -57.93 -2.94 -35.91
N ASN F 54 -58.58 -4.08 -35.74
CA ASN F 54 -58.89 -4.54 -34.39
C ASN F 54 -58.55 -6.01 -34.28
N PRO F 55 -57.25 -6.34 -34.05
CA PRO F 55 -56.85 -7.76 -34.01
C PRO F 55 -57.46 -8.56 -32.86
N ILE F 56 -57.65 -7.97 -31.68
CA ILE F 56 -58.11 -8.78 -30.55
C ILE F 56 -59.63 -8.94 -30.60
N HIS F 57 -60.31 -7.82 -30.84
CA HIS F 57 -61.76 -7.83 -30.89
C HIS F 57 -62.26 -8.57 -32.13
N LYS F 58 -61.62 -8.32 -33.25
CA LYS F 58 -62.00 -8.89 -34.56
C LYS F 58 -63.46 -8.60 -34.92
N LYS F 59 -63.89 -7.35 -34.73
CA LYS F 59 -65.30 -7.01 -34.89
C LYS F 59 -65.51 -5.87 -35.92
N ILE F 60 -66.70 -5.83 -36.52
CA ILE F 60 -67.02 -4.80 -37.52
C ILE F 60 -68.12 -3.93 -36.92
N PRO F 61 -68.42 -2.76 -37.52
CA PRO F 61 -67.91 -2.11 -38.75
C PRO F 61 -66.58 -1.39 -38.56
N VAL F 62 -65.77 -1.39 -39.60
CA VAL F 62 -64.44 -0.78 -39.51
C VAL F 62 -64.33 0.24 -40.63
N LEU F 63 -64.35 1.50 -40.27
CA LEU F 63 -64.11 2.54 -41.26
C LEU F 63 -62.62 2.90 -41.20
N VAL F 64 -62.05 3.03 -42.39
CA VAL F 64 -60.65 3.38 -42.55
C VAL F 64 -60.51 4.72 -43.22
N HIS F 65 -59.96 5.68 -42.47
CA HIS F 65 -59.73 7.03 -43.02
C HIS F 65 -58.29 7.45 -42.78
N ASN F 66 -57.63 7.89 -43.86
CA ASN F 66 -56.21 8.31 -43.80
C ASN F 66 -55.30 7.15 -43.41
N GLY F 67 -55.78 5.94 -43.69
CA GLY F 67 -55.07 4.72 -43.36
C GLY F 67 -55.20 4.39 -41.88
N LYS F 68 -56.15 5.06 -41.25
CA LYS F 68 -56.44 4.86 -39.84
C LYS F 68 -57.80 4.21 -39.62
N PRO F 69 -57.80 3.09 -38.93
CA PRO F 69 -59.04 2.38 -38.65
C PRO F 69 -59.79 2.94 -37.46
N VAL F 70 -61.07 3.21 -37.67
CA VAL F 70 -61.94 3.61 -36.61
C VAL F 70 -62.90 2.44 -36.25
N CYS F 71 -62.96 2.10 -34.98
CA CYS F 71 -63.58 0.81 -34.61
C CYS F 71 -64.69 0.98 -33.57
N GLU F 72 -65.68 0.10 -33.65
CA GLU F 72 -66.96 0.10 -32.88
C GLU F 72 -68.05 0.90 -33.65
N SER F 73 -69.34 0.62 -33.42
CA SER F 73 -70.34 1.26 -34.28
C SER F 73 -70.57 2.70 -33.83
N LEU F 74 -70.87 2.86 -32.54
CA LEU F 74 -71.31 4.13 -31.99
C LEU F 74 -70.27 5.21 -32.15
N ASN F 75 -69.00 4.87 -32.00
CA ASN F 75 -67.96 5.91 -32.08
C ASN F 75 -67.75 6.26 -33.55
N VAL F 76 -68.00 5.30 -34.45
CA VAL F 76 -67.89 5.59 -35.88
C VAL F 76 -68.90 6.62 -36.36
N VAL F 77 -70.16 6.47 -35.95
CA VAL F 77 -71.21 7.40 -36.37
C VAL F 77 -70.84 8.75 -35.75
N GLN F 78 -70.16 8.76 -34.59
CA GLN F 78 -69.63 10.03 -34.09
C GLN F 78 -68.57 10.53 -35.08
N TYR F 79 -67.68 9.62 -35.50
CA TYR F 79 -66.57 10.01 -36.38
C TYR F 79 -67.10 10.62 -37.66
N VAL F 80 -68.21 10.07 -38.13
CA VAL F 80 -68.91 10.63 -39.29
C VAL F 80 -69.17 12.08 -39.06
N ASP F 81 -69.68 12.44 -37.87
CA ASP F 81 -69.95 13.86 -37.56
C ASP F 81 -68.70 14.74 -37.59
N GLU F 82 -67.69 14.32 -36.87
CA GLU F 82 -66.50 15.15 -36.77
C GLU F 82 -65.69 15.15 -38.07
N ALA F 83 -65.89 14.14 -38.91
CA ALA F 83 -65.06 14.03 -40.12
C ALA F 83 -65.58 14.94 -41.23
N TRP F 84 -66.87 15.31 -41.19
CA TRP F 84 -67.37 16.32 -42.14
C TRP F 84 -68.32 17.32 -41.49
N PRO F 85 -67.75 18.28 -40.69
CA PRO F 85 -68.48 19.15 -39.77
C PRO F 85 -68.94 20.44 -40.39
N GLU F 86 -69.53 20.37 -41.59
CA GLU F 86 -70.02 21.54 -42.30
C GLU F 86 -71.42 21.40 -42.90
N LYS F 87 -71.94 20.19 -43.08
CA LYS F 87 -73.25 20.07 -43.72
C LYS F 87 -74.31 19.47 -42.81
N ASN F 88 -74.11 18.21 -42.38
CA ASN F 88 -75.12 17.52 -41.56
C ASN F 88 -74.61 17.14 -40.16
N PRO F 89 -75.15 17.78 -39.10
CA PRO F 89 -74.78 17.38 -37.74
C PRO F 89 -75.93 16.62 -37.08
N PHE F 90 -75.63 15.50 -36.42
CA PHE F 90 -76.70 14.70 -35.83
C PHE F 90 -77.09 15.24 -34.47
N PHE F 91 -76.17 15.93 -33.79
CA PHE F 91 -76.40 16.51 -32.47
C PHE F 91 -77.01 17.90 -32.53
N PRO F 92 -77.75 18.27 -31.47
CA PRO F 92 -78.20 19.64 -31.36
C PRO F 92 -77.05 20.53 -30.90
N SER F 93 -77.23 21.85 -30.93
CA SER F 93 -76.14 22.78 -30.58
C SER F 93 -75.76 22.69 -29.09
N ASP F 94 -76.78 22.56 -28.24
CA ASP F 94 -76.57 22.57 -26.77
C ASP F 94 -75.77 21.37 -26.24
N PRO F 95 -74.82 21.60 -25.32
CA PRO F 95 -74.18 20.39 -24.79
C PRO F 95 -75.17 19.36 -24.16
N TYR F 96 -76.27 19.83 -23.57
CA TYR F 96 -77.17 18.91 -22.83
C TYR F 96 -77.96 18.04 -23.79
N GLY F 97 -78.27 18.57 -24.97
CA GLY F 97 -78.92 17.77 -25.99
C GLY F 97 -78.04 16.63 -26.49
N ARG F 98 -76.72 16.85 -26.42
CA ARG F 98 -75.73 15.90 -26.92
C ARG F 98 -75.61 14.72 -26.01
N ALA F 99 -75.59 15.05 -24.71
CA ALA F 99 -75.54 14.05 -23.64
C ALA F 99 -76.76 13.12 -23.76
N GLN F 100 -77.90 13.72 -24.01
CA GLN F 100 -79.18 13.01 -24.07
C GLN F 100 -79.12 12.00 -25.20
N ALA F 101 -78.71 12.46 -26.37
CA ALA F 101 -78.60 11.63 -27.54
C ALA F 101 -77.58 10.48 -27.33
N ARG F 102 -76.42 10.78 -26.77
CA ARG F 102 -75.43 9.73 -26.44
C ARG F 102 -75.99 8.86 -25.36
N PHE F 103 -76.65 9.50 -24.39
CA PHE F 103 -77.29 8.77 -23.27
C PHE F 103 -78.35 7.75 -23.74
N TRP F 104 -79.17 8.14 -24.72
CA TRP F 104 -80.23 7.30 -25.31
C TRP F 104 -79.66 6.32 -26.30
N ALA F 105 -78.48 6.66 -26.83
CA ALA F 105 -77.69 5.72 -27.64
C ALA F 105 -77.13 4.62 -26.77
N ASP F 106 -76.68 5.02 -25.59
CA ASP F 106 -76.22 4.06 -24.58
C ASP F 106 -77.32 3.08 -24.24
N PHE F 107 -78.55 3.58 -24.10
CA PHE F 107 -79.72 2.73 -23.88
C PHE F 107 -79.96 1.67 -24.97
N VAL F 108 -79.82 2.10 -26.22
CA VAL F 108 -79.88 1.22 -27.37
C VAL F 108 -78.82 0.15 -27.30
N ASP F 109 -77.61 0.55 -26.87
CA ASP F 109 -76.49 -0.39 -26.84
C ASP F 109 -76.61 -1.41 -25.72
N LYS F 110 -77.45 -1.12 -24.74
CA LYS F 110 -77.53 -1.99 -23.56
C LYS F 110 -78.68 -3.01 -23.64
N LYS F 111 -79.72 -2.78 -22.85
CA LYS F 111 -80.76 -3.80 -22.62
C LYS F 111 -81.54 -4.11 -23.87
N PHE F 112 -81.62 -3.13 -24.75
CA PHE F 112 -82.45 -3.27 -25.94
C PHE F 112 -81.87 -4.36 -26.82
N THR F 113 -80.59 -4.23 -27.15
CA THR F 113 -79.96 -5.19 -28.06
C THR F 113 -79.94 -6.59 -27.42
N ASP F 114 -79.55 -6.64 -26.14
CA ASP F 114 -79.44 -7.93 -25.44
C ASP F 114 -80.81 -8.61 -25.36
N ALA F 115 -81.84 -7.86 -24.91
CA ALA F 115 -83.20 -8.36 -24.90
C ALA F 115 -83.53 -8.88 -26.30
N GLN F 116 -83.06 -8.11 -27.28
CA GLN F 116 -83.29 -8.38 -28.66
C GLN F 116 -82.64 -9.69 -29.07
N PHE F 117 -81.38 -9.87 -28.65
CA PHE F 117 -80.61 -11.05 -29.05
C PHE F 117 -81.35 -12.30 -28.56
N LYS F 118 -81.97 -12.18 -27.37
CA LYS F 118 -82.65 -13.31 -26.72
C LYS F 118 -83.89 -13.74 -27.48
N VAL F 119 -84.64 -12.81 -28.06
CA VAL F 119 -85.90 -13.20 -28.72
C VAL F 119 -85.67 -13.99 -30.01
N TRP F 120 -84.62 -13.67 -30.76
CA TRP F 120 -84.34 -14.41 -31.99
C TRP F 120 -83.20 -15.44 -31.85
N GLY F 121 -82.34 -15.23 -30.86
CA GLY F 121 -81.26 -16.16 -30.62
C GLY F 121 -81.64 -17.24 -29.65
N LYS F 122 -82.59 -16.92 -28.75
CA LYS F 122 -82.87 -17.84 -27.63
C LYS F 122 -84.35 -18.21 -27.51
N LYS F 123 -84.61 -19.32 -26.83
CA LYS F 123 -85.96 -19.84 -26.72
C LYS F 123 -86.34 -20.18 -25.27
N GLY F 124 -87.60 -20.45 -25.05
CA GLY F 124 -88.07 -21.00 -23.79
C GLY F 124 -88.01 -20.04 -22.63
N GLU F 125 -87.46 -20.50 -21.50
CA GLU F 125 -87.21 -19.61 -20.36
C GLU F 125 -86.47 -18.32 -20.75
N GLU F 126 -85.43 -18.47 -21.53
CA GLU F 126 -84.69 -17.29 -22.05
C GLU F 126 -85.60 -16.39 -22.89
N GLN F 127 -86.47 -17.01 -23.71
CA GLN F 127 -87.28 -16.27 -24.66
C GLN F 127 -88.24 -15.31 -23.97
N GLU F 128 -89.10 -15.85 -23.11
CA GLU F 128 -90.16 -15.07 -22.49
C GLU F 128 -89.58 -13.92 -21.66
N ALA F 129 -88.45 -14.16 -20.98
CA ALA F 129 -87.82 -13.08 -20.23
C ALA F 129 -87.31 -11.95 -21.14
N GLY F 130 -86.62 -12.29 -22.22
CA GLY F 130 -86.08 -11.33 -23.16
C GLY F 130 -87.21 -10.68 -23.93
N LYS F 131 -88.30 -11.42 -24.16
CA LYS F 131 -89.45 -10.90 -24.89
C LYS F 131 -90.13 -9.82 -24.10
N LYS F 132 -90.30 -10.07 -22.81
CA LYS F 132 -90.90 -9.08 -21.92
C LYS F 132 -89.95 -7.91 -21.75
N GLU F 133 -88.66 -8.18 -21.89
CA GLU F 133 -87.66 -7.12 -21.77
C GLU F 133 -87.75 -6.20 -22.98
N PHE F 134 -87.88 -6.76 -24.18
CA PHE F 134 -87.88 -5.85 -25.32
C PHE F 134 -89.16 -5.01 -25.27
N ILE F 135 -90.29 -5.53 -24.78
CA ILE F 135 -91.57 -4.76 -24.86
C ILE F 135 -91.55 -3.58 -23.92
N GLU F 136 -90.82 -3.76 -22.83
CA GLU F 136 -90.62 -2.78 -21.79
C GLU F 136 -89.63 -1.77 -22.33
N ALA F 137 -88.52 -2.27 -22.89
CA ALA F 137 -87.44 -1.39 -23.41
C ALA F 137 -87.95 -0.56 -24.53
N VAL F 138 -88.90 -1.14 -25.22
CA VAL F 138 -89.26 -0.51 -26.43
C VAL F 138 -90.38 0.46 -26.01
N LYS F 139 -91.13 0.13 -24.94
CA LYS F 139 -92.10 1.07 -24.30
C LYS F 139 -91.53 2.38 -23.80
N ILE F 140 -90.41 2.35 -23.05
CA ILE F 140 -89.68 3.56 -22.72
C ILE F 140 -89.18 4.29 -23.97
N LEU F 141 -88.59 3.51 -24.88
CA LEU F 141 -88.20 4.01 -26.17
C LEU F 141 -89.39 4.63 -26.95
N GLU F 142 -90.54 3.98 -27.05
CA GLU F 142 -91.70 4.68 -27.73
C GLU F 142 -91.98 6.05 -27.16
N SER F 143 -92.25 6.02 -25.86
CA SER F 143 -92.79 7.15 -25.21
C SER F 143 -91.78 8.28 -25.37
N GLU F 144 -90.50 8.03 -25.13
CA GLU F 144 -89.49 9.09 -25.12
C GLU F 144 -89.26 9.71 -26.50
N LEU F 145 -89.70 9.03 -27.56
CA LEU F 145 -89.76 9.68 -28.86
C LEU F 145 -90.87 10.77 -28.85
N GLY F 146 -91.93 10.48 -28.09
CA GLY F 146 -92.84 11.52 -27.62
C GLY F 146 -93.78 12.10 -28.65
N ASP F 147 -93.22 12.67 -29.71
CA ASP F 147 -94.00 13.30 -30.77
C ASP F 147 -93.07 13.48 -31.94
N LYS F 148 -91.78 13.40 -31.60
CA LYS F 148 -90.76 13.92 -32.50
C LYS F 148 -90.73 13.07 -33.76
N PRO F 149 -90.28 13.67 -34.87
CA PRO F 149 -89.92 12.85 -36.05
C PRO F 149 -88.65 12.01 -35.84
N TYR F 150 -87.75 12.53 -35.01
CA TYR F 150 -86.39 11.99 -34.86
C TYR F 150 -85.73 12.31 -33.50
N PHE F 151 -85.17 11.28 -32.89
CA PHE F 151 -84.75 11.31 -31.50
C PHE F 151 -83.73 12.32 -31.02
N GLY F 152 -82.62 12.41 -31.72
CA GLY F 152 -81.51 13.21 -31.21
C GLY F 152 -81.40 14.63 -31.71
N GLY F 153 -82.36 15.09 -32.51
CA GLY F 153 -82.37 16.45 -33.02
C GLY F 153 -83.73 16.82 -33.65
N ASP F 154 -83.90 18.07 -34.08
CA ASP F 154 -85.11 18.50 -34.80
C ASP F 154 -85.21 17.86 -36.20
N SER F 155 -84.09 17.34 -36.71
CA SER F 155 -84.06 16.53 -37.94
C SER F 155 -83.48 15.15 -37.62
N PHE F 156 -82.96 14.45 -38.63
CA PHE F 156 -82.33 13.12 -38.48
C PHE F 156 -81.21 13.19 -37.49
N GLY F 157 -81.11 12.18 -36.62
CA GLY F 157 -80.18 12.28 -35.50
C GLY F 157 -79.15 11.17 -35.39
N TYR F 158 -78.30 11.29 -34.37
CA TYR F 158 -77.26 10.32 -34.08
C TYR F 158 -77.83 8.99 -33.62
N VAL F 159 -78.66 9.07 -32.59
CA VAL F 159 -79.30 7.87 -32.05
C VAL F 159 -80.30 7.38 -33.09
N ASP F 160 -80.75 8.31 -33.94
CA ASP F 160 -81.67 7.97 -35.01
C ASP F 160 -81.05 6.85 -35.87
N ILE F 161 -79.82 7.06 -36.30
CA ILE F 161 -79.04 6.04 -36.99
C ILE F 161 -78.78 4.82 -36.10
N SER F 162 -78.67 5.05 -34.80
CA SER F 162 -78.20 4.01 -33.89
C SER F 162 -79.23 2.93 -33.68
N LEU F 163 -80.49 3.35 -33.57
CA LEU F 163 -81.55 2.37 -33.40
C LEU F 163 -82.41 2.25 -34.68
N ILE F 164 -82.03 2.91 -35.79
CA ILE F 164 -82.76 2.71 -37.06
C ILE F 164 -82.41 1.33 -37.61
N THR F 165 -81.23 0.89 -37.22
CA THR F 165 -80.63 -0.27 -37.80
C THR F 165 -81.34 -1.49 -37.28
N PHE F 166 -82.03 -1.36 -36.13
CA PHE F 166 -82.69 -2.55 -35.58
C PHE F 166 -83.93 -2.94 -36.32
N SER F 167 -84.32 -2.12 -37.29
CA SER F 167 -85.54 -2.30 -38.05
C SER F 167 -85.51 -3.49 -38.96
N SER F 168 -84.34 -4.04 -39.27
CA SER F 168 -84.33 -5.15 -40.23
C SER F 168 -84.33 -6.54 -39.55
N TRP F 169 -83.63 -6.66 -38.42
CA TRP F 169 -83.66 -7.89 -37.62
C TRP F 169 -85.00 -8.05 -37.04
N PHE F 170 -85.51 -6.88 -36.72
CA PHE F 170 -86.85 -6.66 -36.39
C PHE F 170 -87.65 -7.76 -37.14
N GLN F 171 -87.69 -7.85 -38.47
CA GLN F 171 -88.44 -8.94 -39.14
C GLN F 171 -88.07 -10.35 -38.63
N ALA F 172 -86.81 -10.55 -38.24
CA ALA F 172 -86.47 -11.87 -37.66
C ALA F 172 -87.05 -11.99 -36.28
N TYR F 173 -87.20 -10.86 -35.58
CA TYR F 173 -87.75 -10.91 -34.22
C TYR F 173 -89.17 -11.34 -34.33
N GLU F 174 -89.63 -11.10 -35.53
CA GLU F 174 -91.00 -11.12 -35.84
C GLU F 174 -91.54 -12.51 -35.95
N LYS F 175 -90.78 -13.33 -36.68
CA LYS F 175 -91.17 -14.68 -36.86
C LYS F 175 -90.98 -15.47 -35.55
N PHE F 176 -89.79 -15.44 -34.96
CA PHE F 176 -89.46 -16.33 -33.85
C PHE F 176 -90.27 -15.91 -32.62
N GLY F 177 -90.28 -14.62 -32.29
CA GLY F 177 -91.04 -14.13 -31.15
C GLY F 177 -92.47 -14.67 -31.05
N ASN F 178 -93.09 -14.96 -32.20
CA ASN F 178 -94.54 -15.16 -32.30
C ASN F 178 -95.26 -14.23 -31.35
N PHE F 179 -94.79 -13.00 -31.36
CA PHE F 179 -95.07 -11.97 -30.36
C PHE F 179 -95.04 -10.74 -31.24
N SER F 180 -95.35 -9.54 -30.75
CA SER F 180 -95.10 -8.36 -31.62
C SER F 180 -94.41 -7.22 -30.93
N ILE F 181 -93.14 -7.00 -31.22
CA ILE F 181 -92.33 -5.96 -30.53
C ILE F 181 -92.52 -4.52 -31.09
N GLU F 182 -92.64 -4.41 -32.43
CA GLU F 182 -92.85 -3.12 -33.13
C GLU F 182 -94.27 -2.63 -32.97
N SER F 183 -94.59 -1.95 -31.88
CA SER F 183 -95.96 -2.11 -31.53
C SER F 183 -96.60 -1.35 -30.28
N GLU F 184 -96.39 -1.82 -29.05
CA GLU F 184 -96.95 -1.21 -27.79
C GLU F 184 -96.07 -0.07 -27.56
N SER F 185 -94.95 -0.26 -28.24
CA SER F 185 -93.92 0.70 -28.38
C SER F 185 -93.86 0.98 -29.85
N PRO F 186 -94.82 1.80 -30.27
CA PRO F 186 -95.26 2.12 -31.59
C PRO F 186 -94.29 3.00 -32.39
N LYS F 187 -93.87 4.10 -31.77
CA LYS F 187 -93.12 5.12 -32.49
C LYS F 187 -91.86 4.53 -33.10
N LEU F 188 -91.26 3.56 -32.41
CA LEU F 188 -90.13 2.80 -32.98
C LEU F 188 -90.40 2.38 -34.39
N ILE F 189 -91.39 1.52 -34.59
CA ILE F 189 -91.51 0.93 -35.89
C ILE F 189 -91.59 1.98 -37.00
N ALA F 190 -92.39 3.02 -36.84
CA ALA F 190 -92.66 3.87 -38.01
C ALA F 190 -92.03 5.24 -37.87
N TRP F 191 -91.44 5.53 -36.71
CA TRP F 191 -90.35 6.48 -36.73
C TRP F 191 -89.28 5.74 -37.50
N ALA F 192 -89.08 4.47 -37.19
CA ALA F 192 -88.05 3.71 -37.93
C ALA F 192 -88.37 3.77 -39.40
N LYS F 193 -89.64 3.56 -39.66
CA LYS F 193 -90.13 3.82 -40.99
C LYS F 193 -90.21 5.31 -41.26
N ARG F 194 -90.34 6.20 -40.29
CA ARG F 194 -90.16 7.59 -40.74
C ARG F 194 -88.71 7.78 -41.18
N CYS F 195 -87.81 7.02 -40.58
CA CYS F 195 -86.41 7.23 -40.86
C CYS F 195 -85.84 6.55 -42.14
N MET F 196 -86.58 5.60 -42.69
CA MET F 196 -86.02 4.83 -43.81
C MET F 196 -86.00 5.66 -45.13
N GLU F 197 -86.50 6.91 -45.06
CA GLU F 197 -86.55 7.77 -46.25
C GLU F 197 -85.21 8.23 -46.64
N LYS F 198 -84.41 8.50 -45.63
CA LYS F 198 -83.05 8.86 -45.85
C LYS F 198 -82.39 7.73 -46.63
N GLU F 199 -81.73 8.11 -47.72
CA GLU F 199 -81.09 7.19 -48.66
C GLU F 199 -80.04 6.36 -47.90
N SER F 200 -79.69 6.89 -46.73
CA SER F 200 -78.66 6.32 -45.89
C SER F 200 -79.10 4.96 -45.39
N VAL F 201 -80.38 4.79 -45.07
CA VAL F 201 -80.83 3.53 -44.55
C VAL F 201 -81.59 2.83 -45.67
N SER F 202 -81.93 3.60 -46.68
CA SER F 202 -82.60 3.06 -47.88
C SER F 202 -81.79 2.03 -48.66
N LYS F 203 -80.49 2.23 -48.75
CA LYS F 203 -79.64 1.36 -49.57
C LYS F 203 -78.61 0.61 -48.69
N SER F 204 -78.50 0.96 -47.40
CA SER F 204 -77.52 0.28 -46.49
C SER F 204 -78.03 -0.93 -45.75
N LEU F 205 -79.33 -1.20 -45.90
CA LEU F 205 -79.98 -2.29 -45.19
C LEU F 205 -80.56 -3.37 -46.14
N PRO F 206 -79.89 -4.53 -46.16
CA PRO F 206 -80.35 -5.74 -46.84
C PRO F 206 -81.79 -6.10 -46.55
N ASP F 207 -82.38 -6.92 -47.41
CA ASP F 207 -83.77 -7.35 -47.25
C ASP F 207 -83.94 -8.18 -45.97
N SER F 208 -85.14 -8.16 -45.39
CA SER F 208 -85.33 -8.65 -44.04
C SER F 208 -85.66 -10.14 -43.95
N GLU F 209 -86.19 -10.69 -45.03
CA GLU F 209 -86.39 -12.11 -45.14
C GLU F 209 -85.07 -12.92 -45.02
N LYS F 210 -84.03 -12.40 -45.65
CA LYS F 210 -82.72 -13.00 -45.64
C LYS F 210 -82.18 -12.87 -44.22
N ILE F 211 -82.48 -11.73 -43.59
CA ILE F 211 -82.01 -11.44 -42.22
C ILE F 211 -82.80 -12.33 -41.28
N VAL F 212 -84.06 -12.49 -41.61
CA VAL F 212 -84.93 -13.51 -41.01
C VAL F 212 -84.34 -14.89 -41.18
N ALA F 213 -83.94 -15.22 -42.41
CA ALA F 213 -83.37 -16.51 -42.74
C ALA F 213 -82.03 -16.75 -42.01
N TYR F 214 -81.18 -15.71 -41.94
CA TYR F 214 -79.99 -15.76 -41.13
C TYR F 214 -80.30 -16.02 -39.66
N ALA F 215 -81.37 -15.36 -39.15
CA ALA F 215 -81.88 -15.69 -37.81
C ALA F 215 -82.40 -17.12 -37.75
N ALA F 216 -83.04 -17.55 -38.83
CA ALA F 216 -83.60 -18.90 -38.91
C ALA F 216 -82.45 -19.88 -39.01
N GLU F 217 -81.47 -19.47 -39.78
CA GLU F 217 -80.22 -20.19 -39.88
C GLU F 217 -79.53 -20.39 -38.57
N TYR F 218 -79.48 -19.31 -37.80
CA TYR F 218 -78.87 -19.33 -36.48
C TYR F 218 -79.68 -20.23 -35.56
N ARG F 219 -80.98 -20.07 -35.64
CA ARG F 219 -81.94 -20.82 -34.84
C ARG F 219 -81.85 -22.32 -35.08
N LYS F 220 -81.85 -22.72 -36.36
CA LYS F 220 -81.74 -24.14 -36.65
C LYS F 220 -80.37 -24.62 -36.19
N ASN F 221 -79.36 -23.73 -36.20
CA ASN F 221 -77.97 -24.07 -35.88
C ASN F 221 -77.71 -24.35 -34.41
N ASN F 222 -78.52 -23.76 -33.54
CA ASN F 222 -78.32 -24.00 -32.12
C ASN F 222 -79.67 -24.33 -31.46
N LEU F 223 -80.05 -25.60 -31.55
CA LEU F 223 -81.30 -26.04 -30.98
C LEU F 223 -81.05 -27.09 -29.90
#